data_4C7U
#
_entry.id   4C7U
#
_cell.length_a   58.952
_cell.length_b   59.181
_cell.length_c   107.980
_cell.angle_alpha   90.55
_cell.angle_beta   90.51
_cell.angle_gamma   89.85
#
_symmetry.space_group_name_H-M   'P 1'
#
loop_
_entity.id
_entity.type
_entity.pdbx_description
1 polymer 'SUPEROXIDE DISMUTASE [MN] 1, MITOCHONDRIAL'
2 non-polymer 'MANGANESE (II) ION'
3 water water
#
_entity_poly.entity_id   1
_entity_poly.type   'polypeptide(L)'
_entity_poly.pdbx_seq_one_letter_code
;MSYYHHHHHHLESTSLYKKAGFMTFTLPDLPYDYGALEPAISGEIMQIHHQKHHQAYVTNYNNALEQLDQAVNKGDASTV
VKLQSAIKFNGGGHVNHSIFWKNLAPSSEGGGEPPKGSLGSAIDAHFGSLEGLVKKMSAEGAAVQGSGWVWLGLDKELKK
LVVDTTANQDPLVTKGGSLVPLVGIDVWEHAYYLQYKNVRPEYLKNVWKVINWKYASEVYEKENN
;
_entity_poly.pdbx_strand_id   A,B,C,D,E,F,G,H
#
# COMPACT_ATOMS: atom_id res chain seq x y z
N MET A 23 -23.66 34.77 -45.91
CA MET A 23 -22.52 34.41 -46.73
C MET A 23 -21.35 33.89 -45.88
N THR A 24 -21.26 34.40 -44.65
CA THR A 24 -20.22 34.00 -43.70
C THR A 24 -20.59 32.81 -42.83
N PHE A 25 -19.57 32.16 -42.28
CA PHE A 25 -19.74 31.00 -41.43
C PHE A 25 -19.33 31.26 -39.99
N THR A 26 -19.86 30.45 -39.09
CA THR A 26 -19.47 30.49 -37.69
C THR A 26 -18.99 29.13 -37.25
N LEU A 27 -18.19 29.17 -36.20
CA LEU A 27 -17.70 27.98 -35.55
C LEU A 27 -18.87 27.23 -34.96
N PRO A 28 -19.03 25.96 -35.33
CA PRO A 28 -20.08 25.13 -34.71
C PRO A 28 -19.72 24.71 -33.29
N ASP A 29 -20.72 24.62 -32.41
CA ASP A 29 -20.54 24.01 -31.09
C ASP A 29 -20.21 22.53 -31.26
N LEU A 30 -19.40 21.98 -30.35
CA LEU A 30 -19.20 20.55 -30.32
C LEU A 30 -20.47 19.92 -29.80
N PRO A 31 -20.74 18.67 -30.20
CA PRO A 31 -21.93 18.04 -29.63
C PRO A 31 -21.71 17.43 -28.23
N TYR A 32 -20.56 17.72 -27.63
CA TYR A 32 -20.18 17.20 -26.30
C TYR A 32 -19.21 18.20 -25.68
N ASP A 33 -18.97 18.05 -24.38
CA ASP A 33 -18.03 18.88 -23.66
C ASP A 33 -16.61 18.57 -24.10
N TYR A 34 -15.73 19.55 -23.96
CA TYR A 34 -14.34 19.36 -24.39
C TYR A 34 -13.66 18.11 -23.83
N GLY A 35 -13.98 17.74 -22.60
CA GLY A 35 -13.30 16.63 -21.96
C GLY A 35 -13.98 15.30 -22.12
N ALA A 36 -15.05 15.27 -22.92
CA ALA A 36 -15.88 14.08 -23.01
C ALA A 36 -15.23 12.92 -23.78
N LEU A 37 -14.17 13.17 -24.54
CA LEU A 37 -13.59 12.09 -25.37
C LEU A 37 -12.39 11.49 -24.67
N GLU A 38 -12.12 11.94 -23.46
CA GLU A 38 -11.04 11.32 -22.68
C GLU A 38 -11.44 9.91 -22.32
N PRO A 39 -10.45 9.00 -22.22
CA PRO A 39 -9.01 9.30 -22.35
C PRO A 39 -8.45 9.26 -23.78
N ALA A 40 -9.22 8.85 -24.77
CA ALA A 40 -8.68 8.72 -26.14
C ALA A 40 -8.10 10.04 -26.65
N ILE A 41 -8.85 11.11 -26.46
CA ILE A 41 -8.40 12.43 -26.86
C ILE A 41 -8.54 13.39 -25.69
N SER A 42 -7.44 14.00 -25.28
CA SER A 42 -7.47 14.86 -24.09
C SER A 42 -8.31 16.10 -24.31
N GLY A 43 -8.91 16.59 -23.22
CA GLY A 43 -9.72 17.79 -23.28
C GLY A 43 -8.89 18.99 -23.67
N GLU A 44 -7.60 18.96 -23.32
CA GLU A 44 -6.73 20.08 -23.68
C GLU A 44 -6.62 20.23 -25.19
N ILE A 45 -6.43 19.11 -25.88
CA ILE A 45 -6.37 19.11 -27.32
C ILE A 45 -7.71 19.55 -27.94
N MET A 46 -8.80 18.94 -27.51
CA MET A 46 -10.13 19.27 -28.04
C MET A 46 -10.42 20.78 -27.98
N GLN A 47 -10.07 21.41 -26.85
CA GLN A 47 -10.36 22.82 -26.68
C GLN A 47 -9.54 23.69 -27.67
N ILE A 48 -8.23 23.48 -27.70
CA ILE A 48 -7.38 24.22 -28.62
C ILE A 48 -7.74 23.93 -30.09
N HIS A 49 -7.98 22.65 -30.40
CA HIS A 49 -8.29 22.20 -31.76
C HIS A 49 -9.52 22.94 -32.27
N HIS A 50 -10.52 23.01 -31.39
CA HIS A 50 -11.80 23.66 -31.68
C HIS A 50 -11.76 25.19 -31.67
N GLN A 51 -11.39 25.77 -30.54
CA GLN A 51 -11.49 27.22 -30.27
C GLN A 51 -10.41 28.01 -30.95
N LYS A 52 -9.29 27.35 -31.23
CA LYS A 52 -8.18 28.05 -31.89
C LYS A 52 -8.04 27.66 -33.37
N HIS A 53 -7.81 26.36 -33.66
CA HIS A 53 -7.49 25.95 -35.04
C HIS A 53 -8.73 26.05 -35.95
N HIS A 54 -9.83 25.40 -35.56
CA HIS A 54 -11.04 25.45 -36.38
C HIS A 54 -11.54 26.89 -36.50
N GLN A 55 -11.57 27.59 -35.36
CA GLN A 55 -12.01 28.99 -35.34
C GLN A 55 -11.21 29.80 -36.37
N ALA A 56 -9.90 29.57 -36.45
CA ALA A 56 -9.05 30.26 -37.42
C ALA A 56 -9.42 29.92 -38.87
N TYR A 57 -9.68 28.64 -39.18
CA TYR A 57 -10.11 28.24 -40.53
C TYR A 57 -11.41 28.97 -40.94
N VAL A 58 -12.37 29.02 -40.04
CA VAL A 58 -13.64 29.71 -40.26
C VAL A 58 -13.45 31.20 -40.55
N THR A 59 -12.68 31.87 -39.71
CA THR A 59 -12.50 33.32 -39.88
C THR A 59 -11.72 33.65 -41.14
N ASN A 60 -10.66 32.89 -41.42
CA ASN A 60 -9.88 33.15 -42.63
C ASN A 60 -10.64 32.74 -43.89
N TYR A 61 -11.52 31.74 -43.77
CA TYR A 61 -12.40 31.42 -44.90
C TYR A 61 -13.37 32.56 -45.15
N ASN A 62 -13.97 33.09 -44.09
CA ASN A 62 -14.84 34.26 -44.24
C ASN A 62 -14.13 35.41 -44.92
N ASN A 63 -12.90 35.69 -44.47
CA ASN A 63 -12.10 36.77 -45.07
C ASN A 63 -11.74 36.52 -46.54
N ALA A 64 -11.42 35.27 -46.89
CA ALA A 64 -11.08 34.95 -48.27
C ALA A 64 -12.31 35.07 -49.17
N LEU A 65 -13.46 34.63 -48.63
CA LEU A 65 -14.71 34.74 -49.38
C LEU A 65 -15.07 36.21 -49.65
N GLU A 66 -14.81 37.09 -48.69
CA GLU A 66 -15.09 38.52 -48.90
C GLU A 66 -14.25 39.07 -50.05
N GLN A 67 -12.97 38.71 -50.07
CA GLN A 67 -12.09 39.11 -51.15
C GLN A 67 -12.48 38.43 -52.47
N LEU A 68 -12.89 37.17 -52.39
CA LEU A 68 -13.29 36.43 -53.58
C LEU A 68 -14.48 37.07 -54.27
N ASP A 69 -15.51 37.35 -53.47
CA ASP A 69 -16.74 37.97 -53.97
C ASP A 69 -16.41 39.26 -54.70
N GLN A 70 -15.54 40.05 -54.08
CA GLN A 70 -15.01 41.29 -54.67
C GLN A 70 -14.30 41.03 -55.99
N ALA A 71 -13.35 40.10 -55.99
CA ALA A 71 -12.59 39.77 -57.19
C ALA A 71 -13.53 39.28 -58.30
N VAL A 72 -14.49 38.45 -57.92
CA VAL A 72 -15.44 37.91 -58.88
C VAL A 72 -16.27 39.03 -59.52
N ASN A 73 -16.72 39.97 -58.70
CA ASN A 73 -17.53 41.07 -59.21
C ASN A 73 -16.76 42.02 -60.12
N LYS A 74 -15.50 42.26 -59.79
CA LYS A 74 -14.67 43.18 -60.56
C LYS A 74 -14.12 42.64 -61.88
N GLY A 75 -14.34 41.34 -62.13
CA GLY A 75 -13.82 40.68 -63.32
C GLY A 75 -12.30 40.49 -63.24
N ASP A 76 -11.79 40.35 -62.01
CA ASP A 76 -10.37 40.19 -61.73
C ASP A 76 -9.96 38.71 -61.61
N ALA A 77 -9.70 38.08 -62.76
CA ALA A 77 -9.42 36.65 -62.81
C ALA A 77 -8.15 36.27 -62.05
N SER A 78 -7.12 37.10 -62.18
CA SER A 78 -5.86 36.83 -61.53
C SER A 78 -6.07 36.74 -60.00
N THR A 79 -6.85 37.63 -59.41
CA THR A 79 -7.05 37.62 -57.95
C THR A 79 -7.96 36.47 -57.58
N VAL A 80 -8.94 36.18 -58.42
CA VAL A 80 -9.77 35.00 -58.18
C VAL A 80 -8.90 33.75 -58.07
N VAL A 81 -7.95 33.60 -58.97
CA VAL A 81 -7.12 32.40 -58.96
C VAL A 81 -6.14 32.42 -57.82
N LYS A 82 -5.57 33.59 -57.54
CA LYS A 82 -4.63 33.74 -56.45
C LYS A 82 -5.28 33.33 -55.13
N LEU A 83 -6.55 33.64 -54.99
CA LEU A 83 -7.28 33.35 -53.75
C LEU A 83 -7.63 31.87 -53.53
N GLN A 84 -7.46 31.02 -54.54
CA GLN A 84 -7.88 29.63 -54.42
C GLN A 84 -7.11 28.86 -53.35
N SER A 85 -5.85 29.22 -53.11
CA SER A 85 -5.06 28.60 -52.05
C SER A 85 -5.68 28.78 -50.66
N ALA A 86 -5.97 30.03 -50.33
CA ALA A 86 -6.56 30.39 -49.06
C ALA A 86 -7.99 29.84 -48.94
N ILE A 87 -8.73 29.84 -50.05
CA ILE A 87 -10.10 29.30 -50.06
C ILE A 87 -10.08 27.81 -49.82
N LYS A 88 -9.23 27.09 -50.54
CA LYS A 88 -9.17 25.64 -50.40
C LYS A 88 -8.69 25.28 -48.99
N PHE A 89 -7.70 26.00 -48.48
CA PHE A 89 -7.09 25.69 -47.21
C PHE A 89 -8.05 25.94 -46.06
N ASN A 90 -8.62 27.13 -46.05
CA ASN A 90 -9.50 27.53 -44.97
C ASN A 90 -10.93 27.02 -45.14
N GLY A 91 -11.42 26.97 -46.38
CA GLY A 91 -12.71 26.36 -46.61
C GLY A 91 -12.63 24.88 -46.28
N GLY A 92 -11.56 24.22 -46.73
CA GLY A 92 -11.35 22.81 -46.46
C GLY A 92 -11.20 22.52 -44.98
N GLY A 93 -10.44 23.36 -44.27
CA GLY A 93 -10.30 23.20 -42.84
C GLY A 93 -11.66 23.25 -42.16
N HIS A 94 -12.51 24.14 -42.62
CA HIS A 94 -13.83 24.27 -42.00
C HIS A 94 -14.66 23.02 -42.24
N VAL A 95 -14.72 22.61 -43.50
CA VAL A 95 -15.43 21.40 -43.87
C VAL A 95 -14.92 20.18 -43.09
N ASN A 96 -13.61 19.97 -43.07
CA ASN A 96 -13.04 18.76 -42.47
C ASN A 96 -13.29 18.71 -40.96
N HIS A 97 -13.09 19.84 -40.27
CA HIS A 97 -13.25 19.86 -38.82
C HIS A 97 -14.72 19.78 -38.38
N SER A 98 -15.63 20.38 -39.15
CA SER A 98 -17.05 20.25 -38.87
C SER A 98 -17.45 18.79 -38.93
N ILE A 99 -16.92 18.09 -39.94
CA ILE A 99 -17.19 16.65 -40.04
C ILE A 99 -16.54 15.89 -38.90
N PHE A 100 -15.26 16.16 -38.68
CA PHE A 100 -14.50 15.50 -37.64
C PHE A 100 -15.23 15.52 -36.27
N TRP A 101 -15.73 16.68 -35.83
CA TRP A 101 -16.41 16.75 -34.53
C TRP A 101 -17.62 15.84 -34.47
N LYS A 102 -18.36 15.79 -35.57
CA LYS A 102 -19.58 14.97 -35.60
C LYS A 102 -19.31 13.47 -35.72
N ASN A 103 -18.17 13.06 -36.24
CA ASN A 103 -17.91 11.61 -36.30
C ASN A 103 -17.07 11.14 -35.12
N LEU A 104 -17.07 11.93 -34.05
CA LEU A 104 -16.54 11.55 -32.75
C LEU A 104 -17.73 11.53 -31.78
N ALA A 105 -17.65 10.71 -30.73
CA ALA A 105 -18.67 10.72 -29.66
C ALA A 105 -18.09 10.09 -28.40
N PRO A 106 -18.55 10.54 -27.22
CA PRO A 106 -18.10 9.89 -25.99
C PRO A 106 -18.38 8.39 -26.00
N SER A 107 -17.46 7.64 -25.43
CA SER A 107 -17.58 6.18 -25.36
C SER A 107 -18.90 5.78 -24.73
N SER A 108 -19.41 6.64 -23.82
CA SER A 108 -20.66 6.37 -23.13
C SER A 108 -21.89 6.76 -23.93
N GLU A 109 -21.70 7.49 -25.03
CA GLU A 109 -22.84 7.91 -25.85
C GLU A 109 -22.81 7.26 -27.22
N GLY A 110 -22.12 6.13 -27.34
CA GLY A 110 -22.09 5.38 -28.57
C GLY A 110 -20.76 5.44 -29.29
N GLY A 111 -19.86 6.31 -28.83
CA GLY A 111 -18.52 6.37 -29.40
C GLY A 111 -17.86 5.01 -29.28
N GLY A 112 -17.25 4.54 -30.37
CA GLY A 112 -16.56 3.26 -30.40
C GLY A 112 -17.45 2.04 -30.63
N GLU A 113 -18.77 2.23 -30.62
CA GLU A 113 -19.71 1.12 -30.91
C GLU A 113 -19.83 0.86 -32.42
N PRO A 114 -19.66 -0.40 -32.83
CA PRO A 114 -19.57 -0.75 -34.26
C PRO A 114 -20.79 -0.36 -35.04
N PRO A 115 -20.61 -0.09 -36.34
CA PRO A 115 -21.76 0.31 -37.16
C PRO A 115 -22.72 -0.83 -37.38
N LYS A 116 -24.01 -0.53 -37.28
CA LYS A 116 -25.03 -1.51 -37.58
C LYS A 116 -25.67 -1.19 -38.93
N GLY A 117 -26.68 -1.97 -39.29
CA GLY A 117 -27.46 -1.68 -40.48
C GLY A 117 -26.67 -1.77 -41.76
N SER A 118 -27.01 -0.90 -42.71
CA SER A 118 -26.45 -1.00 -44.05
C SER A 118 -24.95 -0.68 -44.10
N LEU A 119 -24.50 0.33 -43.37
CA LEU A 119 -23.08 0.67 -43.42
C LEU A 119 -22.18 -0.48 -42.92
N GLY A 120 -22.57 -1.08 -41.81
CA GLY A 120 -21.84 -2.21 -41.28
C GLY A 120 -21.72 -3.35 -42.27
N SER A 121 -22.83 -3.64 -42.93
CA SER A 121 -22.87 -4.62 -43.99
C SER A 121 -21.89 -4.24 -45.10
N ALA A 122 -22.00 -2.99 -45.56
CA ALA A 122 -21.15 -2.45 -46.61
C ALA A 122 -19.68 -2.50 -46.23
N ILE A 123 -19.37 -2.27 -44.95
CA ILE A 123 -17.98 -2.31 -44.50
C ILE A 123 -17.44 -3.72 -44.57
N ASP A 124 -18.24 -4.69 -44.13
CA ASP A 124 -17.84 -6.09 -44.26
C ASP A 124 -17.63 -6.50 -45.71
N ALA A 125 -18.48 -6.03 -46.61
CA ALA A 125 -18.40 -6.38 -48.03
C ALA A 125 -17.15 -5.84 -48.71
N HIS A 126 -16.76 -4.60 -48.36
CA HIS A 126 -15.68 -3.91 -49.04
C HIS A 126 -14.32 -4.10 -48.37
N PHE A 127 -14.31 -4.31 -47.05
CA PHE A 127 -13.04 -4.40 -46.33
C PHE A 127 -12.92 -5.72 -45.58
N GLY A 128 -13.90 -6.59 -45.75
CA GLY A 128 -13.86 -7.88 -45.08
C GLY A 128 -14.50 -7.83 -43.70
N SER A 129 -14.11 -6.83 -42.91
CA SER A 129 -14.65 -6.65 -41.57
C SER A 129 -14.36 -5.25 -41.07
N LEU A 130 -15.00 -4.86 -39.96
CA LEU A 130 -14.71 -3.59 -39.33
C LEU A 130 -13.23 -3.51 -38.97
N GLU A 131 -12.68 -4.62 -38.48
CA GLU A 131 -11.27 -4.61 -38.07
C GLU A 131 -10.37 -4.48 -39.28
N GLY A 132 -10.78 -5.07 -40.38
CA GLY A 132 -10.09 -4.86 -41.65
C GLY A 132 -10.06 -3.38 -42.01
N LEU A 133 -11.21 -2.71 -41.87
CA LEU A 133 -11.27 -1.28 -42.14
C LEU A 133 -10.36 -0.50 -41.18
N VAL A 134 -10.43 -0.83 -39.89
CA VAL A 134 -9.62 -0.14 -38.90
C VAL A 134 -8.12 -0.26 -39.17
N LYS A 135 -7.67 -1.47 -39.51
CA LYS A 135 -6.26 -1.65 -39.84
C LYS A 135 -5.85 -0.80 -41.04
N LYS A 136 -6.69 -0.83 -42.09
CA LYS A 136 -6.42 -0.06 -43.31
C LYS A 136 -6.31 1.44 -43.05
N MET A 137 -7.32 1.99 -42.36
CA MET A 137 -7.29 3.41 -42.07
C MET A 137 -6.16 3.76 -41.11
N SER A 138 -5.88 2.88 -40.15
CA SER A 138 -4.78 3.13 -39.21
C SER A 138 -3.47 3.14 -40.01
N ALA A 139 -3.31 2.20 -40.91
CA ALA A 139 -2.11 2.13 -41.75
C ALA A 139 -1.97 3.37 -42.64
N GLU A 140 -3.03 3.76 -43.36
CA GLU A 140 -2.96 4.96 -44.22
C GLU A 140 -2.66 6.23 -43.40
N GLY A 141 -3.31 6.38 -42.26
CA GLY A 141 -3.05 7.53 -41.41
C GLY A 141 -1.61 7.57 -40.90
N ALA A 142 -1.06 6.42 -40.53
CA ALA A 142 0.30 6.40 -40.01
C ALA A 142 1.31 6.82 -41.11
N ALA A 143 0.97 6.56 -42.37
CA ALA A 143 1.89 6.83 -43.50
C ALA A 143 1.78 8.23 -44.10
N VAL A 144 0.80 9.04 -43.69
CA VAL A 144 0.66 10.37 -44.22
C VAL A 144 1.95 11.15 -43.91
N GLN A 145 2.58 11.72 -44.94
CA GLN A 145 3.78 12.54 -44.78
C GLN A 145 3.39 13.98 -44.50
N GLY A 146 3.80 14.53 -43.36
CA GLY A 146 3.35 15.85 -42.99
C GLY A 146 1.93 15.86 -42.46
N SER A 147 1.17 16.90 -42.82
CA SER A 147 -0.18 17.14 -42.28
C SER A 147 -1.27 16.59 -43.19
N GLY A 148 -2.31 16.00 -42.65
CA GLY A 148 -3.40 15.51 -43.50
C GLY A 148 -4.51 14.77 -42.78
N TRP A 149 -5.29 14.07 -43.58
CA TRP A 149 -6.49 13.40 -43.13
C TRP A 149 -6.55 12.01 -43.74
N VAL A 150 -7.08 11.07 -42.97
CA VAL A 150 -7.48 9.79 -43.54
C VAL A 150 -9.00 9.72 -43.51
N TRP A 151 -9.60 9.22 -44.59
CA TRP A 151 -11.06 9.22 -44.76
C TRP A 151 -11.63 7.82 -45.06
N LEU A 152 -12.81 7.55 -44.50
CA LEU A 152 -13.75 6.57 -45.05
C LEU A 152 -14.75 7.35 -45.88
N GLY A 153 -14.89 6.96 -47.15
CA GLY A 153 -15.77 7.70 -48.02
C GLY A 153 -16.76 6.84 -48.76
N LEU A 154 -17.85 7.45 -49.20
CA LEU A 154 -18.78 6.76 -50.06
C LEU A 154 -18.66 7.31 -51.47
N ASP A 155 -18.38 6.44 -52.42
CA ASP A 155 -18.41 6.82 -53.84
C ASP A 155 -19.84 6.71 -54.32
N LYS A 156 -20.50 7.85 -54.50
CA LYS A 156 -21.88 7.86 -54.92
C LYS A 156 -22.03 7.30 -56.34
N GLU A 157 -20.99 7.47 -57.16
CA GLU A 157 -21.05 7.02 -58.55
C GLU A 157 -21.02 5.50 -58.66
N LEU A 158 -19.97 4.89 -58.13
CA LEU A 158 -19.75 3.45 -58.24
C LEU A 158 -20.47 2.65 -57.16
N LYS A 159 -21.12 3.37 -56.25
CA LYS A 159 -21.82 2.79 -55.10
C LYS A 159 -20.87 1.96 -54.25
N LYS A 160 -19.71 2.53 -53.93
CA LYS A 160 -18.69 1.78 -53.20
C LYS A 160 -18.11 2.59 -52.06
N LEU A 161 -17.61 1.89 -51.04
CA LEU A 161 -16.88 2.51 -49.95
C LEU A 161 -15.43 2.60 -50.38
N VAL A 162 -14.74 3.68 -49.99
CA VAL A 162 -13.31 3.86 -50.27
C VAL A 162 -12.56 4.40 -49.03
N VAL A 163 -11.26 4.15 -48.99
CA VAL A 163 -10.36 4.74 -48.01
C VAL A 163 -9.37 5.60 -48.74
N ASP A 164 -9.15 6.82 -48.29
CA ASP A 164 -8.15 7.65 -48.97
C ASP A 164 -7.64 8.65 -48.00
N THR A 165 -6.55 9.30 -48.37
CA THR A 165 -6.00 10.37 -47.59
C THR A 165 -6.05 11.64 -48.40
N THR A 166 -6.10 12.77 -47.70
CA THR A 166 -5.88 14.05 -48.35
C THR A 166 -4.78 14.79 -47.61
N ALA A 167 -4.13 15.72 -48.30
CA ALA A 167 -3.04 16.51 -47.74
C ALA A 167 -3.53 17.79 -47.07
N ASN A 168 -2.86 18.19 -45.99
CA ASN A 168 -3.19 19.45 -45.31
C ASN A 168 -4.69 19.60 -44.98
N GLN A 169 -5.37 20.62 -45.49
CA GLN A 169 -6.81 20.72 -45.24
C GLN A 169 -7.67 20.43 -46.47
N ASP A 170 -7.10 19.77 -47.47
CA ASP A 170 -7.89 19.37 -48.65
C ASP A 170 -9.01 18.45 -48.22
N PRO A 171 -10.25 18.75 -48.61
CA PRO A 171 -11.34 17.83 -48.24
C PRO A 171 -11.41 16.60 -49.17
N LEU A 172 -12.07 15.53 -48.76
CA LEU A 172 -12.14 14.33 -49.59
C LEU A 172 -12.74 14.67 -51.00
N VAL A 173 -13.64 15.65 -51.11
CA VAL A 173 -14.24 15.93 -52.44
C VAL A 173 -13.23 16.37 -53.50
N THR A 174 -12.04 16.79 -53.09
CA THR A 174 -10.97 17.12 -54.05
C THR A 174 -10.33 15.87 -54.66
N LYS A 175 -10.65 14.70 -54.12
CA LYS A 175 -10.21 13.42 -54.67
C LYS A 175 -11.27 12.81 -55.61
N GLY A 176 -12.43 13.45 -55.67
CA GLY A 176 -13.52 12.99 -56.52
C GLY A 176 -14.81 13.68 -56.16
N GLY A 177 -15.47 14.25 -57.16
CA GLY A 177 -16.70 15.01 -56.97
C GLY A 177 -17.85 14.17 -56.46
N SER A 178 -17.76 12.86 -56.66
CA SER A 178 -18.83 11.95 -56.23
C SER A 178 -18.58 11.33 -54.83
N LEU A 179 -17.53 11.79 -54.15
CA LEU A 179 -17.21 11.28 -52.81
C LEU A 179 -17.95 12.01 -51.71
N VAL A 180 -18.44 11.26 -50.74
CA VAL A 180 -18.98 11.84 -49.53
C VAL A 180 -18.24 11.26 -48.33
N PRO A 181 -17.63 12.12 -47.50
CA PRO A 181 -16.92 11.60 -46.32
C PRO A 181 -17.86 11.04 -45.23
N LEU A 182 -17.56 9.83 -44.76
CA LEU A 182 -18.32 9.18 -43.69
C LEU A 182 -17.61 9.28 -42.34
N VAL A 183 -16.31 9.03 -42.34
CA VAL A 183 -15.45 9.17 -41.15
C VAL A 183 -14.16 9.86 -41.56
N GLY A 184 -13.77 10.90 -40.82
CA GLY A 184 -12.46 11.50 -41.03
C GLY A 184 -11.62 11.35 -39.77
N ILE A 185 -10.33 11.09 -39.93
CA ILE A 185 -9.40 11.17 -38.81
C ILE A 185 -8.28 12.15 -39.13
N ASP A 186 -8.21 13.17 -38.29
CA ASP A 186 -7.24 14.26 -38.40
C ASP A 186 -5.83 13.76 -38.02
N VAL A 187 -4.86 13.82 -38.93
CA VAL A 187 -3.50 13.43 -38.52
C VAL A 187 -2.50 14.58 -38.59
N TRP A 188 -3.00 15.81 -38.61
CA TRP A 188 -2.11 16.94 -38.29
C TRP A 188 -1.54 16.68 -36.89
N GLU A 189 -0.29 17.07 -36.64
CA GLU A 189 0.29 16.90 -35.32
C GLU A 189 -0.50 17.64 -34.26
N HIS A 190 -1.14 18.75 -34.59
CA HIS A 190 -1.94 19.43 -33.56
C HIS A 190 -3.12 18.57 -33.08
N ALA A 191 -3.44 17.52 -33.82
CA ALA A 191 -4.55 16.67 -33.40
C ALA A 191 -4.17 15.70 -32.29
N TYR A 192 -2.88 15.55 -32.03
CA TYR A 192 -2.50 14.52 -31.08
C TYR A 192 -1.26 14.82 -30.25
N TYR A 193 -0.51 15.84 -30.63
CA TYR A 193 0.84 15.96 -30.09
C TYR A 193 0.96 16.17 -28.57
N LEU A 194 0.09 16.98 -27.98
CA LEU A 194 0.18 17.29 -26.55
C LEU A 194 0.04 16.05 -25.72
N GLN A 195 -0.65 15.06 -26.28
CA GLN A 195 -0.95 13.84 -25.55
C GLN A 195 -0.04 12.67 -25.96
N TYR A 196 0.09 12.46 -27.25
CA TYR A 196 0.78 11.28 -27.75
C TYR A 196 2.15 11.61 -28.31
N LYS A 197 2.48 12.90 -28.31
CA LYS A 197 3.74 13.35 -28.90
C LYS A 197 3.95 12.81 -30.31
N ASN A 198 5.16 12.33 -30.57
CA ASN A 198 5.54 11.82 -31.86
C ASN A 198 4.86 10.49 -32.22
N VAL A 199 4.25 9.84 -31.26
CA VAL A 199 3.79 8.47 -31.50
C VAL A 199 2.38 8.48 -32.13
N ARG A 200 2.33 8.88 -33.40
CA ARG A 200 1.05 8.91 -34.12
C ARG A 200 0.29 7.56 -34.13
N PRO A 201 1.01 6.42 -34.25
CA PRO A 201 0.22 5.16 -34.23
C PRO A 201 -0.54 4.95 -32.91
N GLU A 202 -0.04 5.48 -31.79
CA GLU A 202 -0.73 5.30 -30.53
C GLU A 202 -2.03 6.12 -30.52
N TYR A 203 -1.97 7.34 -31.05
CA TYR A 203 -3.19 8.12 -31.29
C TYR A 203 -4.18 7.35 -32.19
N LEU A 204 -3.67 6.83 -33.30
CA LEU A 204 -4.50 6.12 -34.27
C LEU A 204 -5.04 4.80 -33.69
N LYS A 205 -4.37 4.24 -32.70
CA LYS A 205 -4.89 3.08 -31.99
C LYS A 205 -6.10 3.49 -31.13
N ASN A 206 -6.02 4.64 -30.48
CA ASN A 206 -7.03 5.02 -29.49
C ASN A 206 -8.25 5.73 -30.08
N VAL A 207 -8.08 6.38 -31.23
CA VAL A 207 -9.15 7.22 -31.75
C VAL A 207 -10.41 6.39 -32.03
N TRP A 208 -10.23 5.09 -32.29
CA TRP A 208 -11.38 4.21 -32.62
C TRP A 208 -12.36 4.02 -31.44
N LYS A 209 -11.91 4.34 -30.24
CA LYS A 209 -12.76 4.24 -29.05
C LYS A 209 -13.86 5.29 -29.03
N VAL A 210 -13.65 6.40 -29.75
CA VAL A 210 -14.63 7.48 -29.75
C VAL A 210 -15.15 7.82 -31.16
N ILE A 211 -14.96 6.92 -32.11
CA ILE A 211 -15.52 7.14 -33.45
C ILE A 211 -17.04 6.95 -33.40
N ASN A 212 -17.77 7.92 -33.91
CA ASN A 212 -19.23 7.87 -33.93
C ASN A 212 -19.75 7.21 -35.23
N TRP A 213 -19.88 5.88 -35.18
CA TRP A 213 -20.34 5.14 -36.35
C TRP A 213 -21.84 5.39 -36.64
N LYS A 214 -22.54 5.88 -35.64
CA LYS A 214 -23.94 6.27 -35.80
C LYS A 214 -24.05 7.45 -36.79
N TYR A 215 -23.17 8.43 -36.64
CA TYR A 215 -23.11 9.52 -37.60
C TYR A 215 -22.76 9.03 -39.02
N ALA A 216 -21.71 8.21 -39.11
CA ALA A 216 -21.30 7.65 -40.40
C ALA A 216 -22.45 6.89 -41.04
N SER A 217 -23.16 6.10 -40.24
CA SER A 217 -24.27 5.32 -40.77
C SER A 217 -25.33 6.24 -41.35
N GLU A 218 -25.65 7.31 -40.62
CA GLU A 218 -26.63 8.28 -41.11
C GLU A 218 -26.18 8.96 -42.41
N VAL A 219 -24.91 9.34 -42.49
CA VAL A 219 -24.41 9.94 -43.73
C VAL A 219 -24.52 8.90 -44.83
N TYR A 220 -24.15 7.65 -44.53
CA TYR A 220 -24.25 6.59 -45.53
C TYR A 220 -25.67 6.44 -46.02
N GLU A 221 -26.62 6.36 -45.09
CA GLU A 221 -28.01 6.18 -45.45
C GLU A 221 -28.60 7.35 -46.26
N LYS A 222 -28.13 8.56 -45.97
CA LYS A 222 -28.65 9.77 -46.61
C LYS A 222 -27.72 10.40 -47.68
N GLU A 223 -26.45 10.01 -47.70
CA GLU A 223 -25.43 10.52 -48.63
C GLU A 223 -25.18 12.02 -48.57
N ASN A 224 -25.34 12.60 -47.38
CA ASN A 224 -25.01 13.99 -47.19
C ASN A 224 -24.48 14.13 -45.76
N ASN A 225 -23.58 15.08 -45.54
CA ASN A 225 -22.99 15.25 -44.21
C ASN A 225 -23.84 16.05 -43.23
N PHE B 22 -1.75 12.61 -7.88
CA PHE B 22 -1.84 11.17 -8.10
C PHE B 22 -1.57 10.82 -9.56
N MET B 23 -1.46 9.52 -9.85
CA MET B 23 -1.20 9.09 -11.21
C MET B 23 -2.50 8.68 -11.89
N THR B 24 -2.58 8.93 -13.20
CA THR B 24 -3.66 8.43 -14.02
C THR B 24 -3.24 7.06 -14.57
N PHE B 25 -4.19 6.21 -14.90
CA PHE B 25 -3.87 4.90 -15.48
C PHE B 25 -4.39 4.84 -16.92
N THR B 26 -3.75 4.00 -17.74
CA THR B 26 -4.15 3.79 -19.14
C THR B 26 -4.39 2.30 -19.45
N LEU B 27 -5.19 2.04 -20.48
CA LEU B 27 -5.44 0.68 -20.92
C LEU B 27 -4.12 0.10 -21.43
N PRO B 28 -3.65 -1.01 -20.84
CA PRO B 28 -2.45 -1.64 -21.37
C PRO B 28 -2.72 -2.38 -22.68
N ASP B 29 -1.73 -2.40 -23.58
CA ASP B 29 -1.79 -3.27 -24.78
C ASP B 29 -1.77 -4.72 -24.37
N LEU B 30 -2.44 -5.56 -25.15
CA LEU B 30 -2.32 -6.99 -25.03
C LEU B 30 -0.95 -7.41 -25.53
N PRO B 31 -0.41 -8.53 -25.01
CA PRO B 31 0.88 -8.96 -25.57
C PRO B 31 0.77 -9.77 -26.86
N TYR B 32 -0.43 -9.86 -27.45
CA TYR B 32 -0.69 -10.64 -28.65
C TYR B 32 -1.88 -9.97 -29.36
N ASP B 33 -2.15 -10.34 -30.60
CA ASP B 33 -3.32 -9.83 -31.34
C ASP B 33 -4.65 -10.34 -30.78
N TYR B 34 -5.72 -9.57 -30.99
CA TYR B 34 -7.05 -9.93 -30.47
C TYR B 34 -7.45 -11.36 -30.85
N GLY B 35 -7.01 -11.82 -32.01
CA GLY B 35 -7.42 -13.12 -32.47
C GLY B 35 -6.46 -14.23 -32.13
N ALA B 36 -5.42 -13.91 -31.37
CA ALA B 36 -4.31 -14.86 -31.23
C ALA B 36 -4.64 -16.01 -30.31
N LEU B 37 -5.71 -15.90 -29.54
CA LEU B 37 -6.02 -16.95 -28.58
C LEU B 37 -7.06 -17.95 -29.10
N GLU B 38 -7.49 -17.78 -30.34
CA GLU B 38 -8.39 -18.75 -30.96
C GLU B 38 -7.68 -20.08 -31.15
N PRO B 39 -8.43 -21.20 -31.08
CA PRO B 39 -9.89 -21.26 -30.93
C PRO B 39 -10.42 -21.17 -29.50
N ALA B 40 -9.57 -21.24 -28.47
CA ALA B 40 -10.07 -21.24 -27.09
C ALA B 40 -10.87 -19.99 -26.77
N ILE B 41 -10.36 -18.82 -27.14
CA ILE B 41 -11.12 -17.59 -26.91
C ILE B 41 -11.22 -16.80 -28.19
N SER B 42 -12.44 -16.52 -28.62
CA SER B 42 -12.65 -15.86 -29.89
C SER B 42 -12.11 -14.44 -29.86
N GLY B 43 -11.70 -13.95 -31.02
CA GLY B 43 -11.21 -12.60 -31.13
C GLY B 43 -12.25 -11.54 -30.81
N GLU B 44 -13.51 -11.85 -31.10
CA GLU B 44 -14.62 -10.93 -30.83
C GLU B 44 -14.69 -10.68 -29.32
N ILE B 45 -14.57 -11.75 -28.55
CA ILE B 45 -14.55 -11.60 -27.08
C ILE B 45 -13.31 -10.81 -26.62
N MET B 46 -12.11 -11.20 -27.08
CA MET B 46 -10.88 -10.49 -26.67
C MET B 46 -11.03 -8.99 -26.95
N GLN B 47 -11.57 -8.65 -28.11
CA GLN B 47 -11.69 -7.26 -28.46
C GLN B 47 -12.64 -6.44 -27.57
N ILE B 48 -13.89 -6.90 -27.46
CA ILE B 48 -14.86 -6.21 -26.63
C ILE B 48 -14.40 -6.25 -25.17
N HIS B 49 -13.88 -7.40 -24.74
CA HIS B 49 -13.43 -7.53 -23.35
C HIS B 49 -12.34 -6.50 -22.98
N HIS B 50 -11.38 -6.33 -23.88
CA HIS B 50 -10.27 -5.38 -23.71
C HIS B 50 -10.68 -3.91 -23.91
N GLN B 51 -11.23 -3.60 -25.08
CA GLN B 51 -11.45 -2.22 -25.48
C GLN B 51 -12.64 -1.57 -24.81
N LYS B 52 -13.59 -2.38 -24.36
CA LYS B 52 -14.80 -1.84 -23.74
C LYS B 52 -14.79 -2.09 -22.21
N HIS B 53 -14.72 -3.36 -21.78
CA HIS B 53 -14.83 -3.68 -20.35
C HIS B 53 -13.64 -3.22 -19.53
N HIS B 54 -12.42 -3.65 -19.90
CA HIS B 54 -11.25 -3.23 -19.12
C HIS B 54 -11.10 -1.70 -19.19
N GLN B 55 -11.25 -1.14 -20.40
CA GLN B 55 -11.18 0.30 -20.58
C GLN B 55 -12.13 1.08 -19.66
N ALA B 56 -13.35 0.60 -19.49
CA ALA B 56 -14.28 1.25 -18.57
C ALA B 56 -13.79 1.24 -17.11
N TYR B 57 -13.21 0.12 -16.67
CA TYR B 57 -12.64 0.02 -15.31
C TYR B 57 -11.53 1.03 -15.09
N VAL B 58 -10.63 1.14 -16.06
CA VAL B 58 -9.54 2.11 -16.03
C VAL B 58 -10.07 3.52 -15.91
N THR B 59 -11.00 3.87 -16.77
CA THR B 59 -11.53 5.22 -16.79
C THR B 59 -12.31 5.53 -15.51
N ASN B 60 -13.14 4.59 -15.08
CA ASN B 60 -13.91 4.79 -13.86
C ASN B 60 -13.02 4.70 -12.63
N TYR B 61 -11.91 3.97 -12.74
CA TYR B 61 -10.93 4.00 -11.69
C TYR B 61 -10.29 5.39 -11.61
N ASN B 62 -9.84 5.92 -12.74
CA ASN B 62 -9.30 7.30 -12.78
C ASN B 62 -10.25 8.36 -12.20
N ASN B 63 -11.54 8.29 -12.55
CA ASN B 63 -12.50 9.27 -12.03
C ASN B 63 -12.68 9.18 -10.52
N ALA B 64 -12.73 7.94 -10.00
CA ALA B 64 -12.89 7.67 -8.57
C ALA B 64 -11.67 8.13 -7.80
N LEU B 65 -10.49 7.99 -8.39
CA LEU B 65 -9.26 8.50 -7.78
C LEU B 65 -9.24 10.02 -7.68
N GLU B 66 -9.79 10.69 -8.69
CA GLU B 66 -9.85 12.15 -8.67
C GLU B 66 -10.74 12.61 -7.51
N GLN B 67 -11.90 11.96 -7.34
CA GLN B 67 -12.82 12.25 -6.24
C GLN B 67 -12.21 11.83 -4.91
N LEU B 68 -11.53 10.69 -4.89
CA LEU B 68 -10.85 10.22 -3.69
C LEU B 68 -9.78 11.21 -3.23
N ASP B 69 -8.92 11.63 -4.16
CA ASP B 69 -7.87 12.59 -3.87
C ASP B 69 -8.44 13.91 -3.32
N GLN B 70 -9.53 14.38 -3.93
CA GLN B 70 -10.24 15.56 -3.47
C GLN B 70 -10.79 15.36 -2.05
N ALA B 71 -11.50 14.26 -1.83
CA ALA B 71 -12.11 13.95 -0.54
C ALA B 71 -11.07 13.82 0.57
N VAL B 72 -9.96 13.17 0.26
CA VAL B 72 -8.87 12.93 1.19
C VAL B 72 -8.23 14.26 1.61
N ASN B 73 -8.04 15.14 0.63
CA ASN B 73 -7.46 16.47 0.86
C ASN B 73 -8.37 17.38 1.67
N LYS B 74 -9.68 17.27 1.43
CA LYS B 74 -10.67 18.08 2.14
C LYS B 74 -11.00 17.56 3.56
N GLY B 75 -10.44 16.39 3.93
CA GLY B 75 -10.71 15.80 5.23
C GLY B 75 -12.13 15.27 5.36
N ASP B 76 -12.68 14.86 4.23
CA ASP B 76 -14.05 14.35 4.14
C ASP B 76 -14.08 12.82 4.28
N ALA B 77 -14.15 12.33 5.52
CA ALA B 77 -14.10 10.89 5.81
C ALA B 77 -15.27 10.15 5.18
N SER B 78 -16.46 10.72 5.27
CA SER B 78 -17.65 10.09 4.72
C SER B 78 -17.53 9.84 3.20
N THR B 79 -16.96 10.80 2.48
CA THR B 79 -16.85 10.63 1.03
C THR B 79 -15.75 9.60 0.69
N VAL B 80 -14.63 9.65 1.41
CA VAL B 80 -13.56 8.66 1.27
C VAL B 80 -14.10 7.24 1.45
N VAL B 81 -14.97 7.04 2.44
CA VAL B 81 -15.55 5.72 2.65
C VAL B 81 -16.65 5.40 1.63
N LYS B 82 -17.48 6.38 1.26
CA LYS B 82 -18.48 6.15 0.20
C LYS B 82 -17.79 5.71 -1.12
N LEU B 83 -16.63 6.29 -1.40
CA LEU B 83 -15.92 5.99 -2.63
C LEU B 83 -15.22 4.63 -2.66
N GLN B 84 -15.14 3.91 -1.54
CA GLN B 84 -14.40 2.66 -1.51
C GLN B 84 -15.04 1.59 -2.42
N SER B 85 -16.36 1.61 -2.55
CA SER B 85 -17.01 0.65 -3.46
C SER B 85 -16.51 0.80 -4.91
N ALA B 86 -16.55 2.01 -5.44
CA ALA B 86 -16.11 2.32 -6.80
C ALA B 86 -14.59 2.14 -6.97
N ILE B 87 -13.83 2.44 -5.92
CA ILE B 87 -12.38 2.26 -5.93
C ILE B 87 -12.05 0.77 -6.05
N LYS B 88 -12.66 -0.04 -5.20
CA LYS B 88 -12.39 -1.48 -5.22
C LYS B 88 -12.87 -2.13 -6.52
N PHE B 89 -14.03 -1.71 -6.99
CA PHE B 89 -14.63 -2.32 -8.18
C PHE B 89 -13.84 -2.01 -9.46
N ASN B 90 -13.53 -0.75 -9.67
CA ASN B 90 -12.85 -0.33 -10.89
C ASN B 90 -11.35 -0.49 -10.73
N GLY B 91 -10.84 -0.22 -9.54
CA GLY B 91 -9.45 -0.49 -9.28
C GLY B 91 -9.15 -1.98 -9.37
N GLY B 92 -10.00 -2.80 -8.76
CA GLY B 92 -9.86 -4.24 -8.84
C GLY B 92 -10.00 -4.73 -10.27
N GLY B 93 -10.96 -4.17 -10.99
CA GLY B 93 -11.16 -4.51 -12.40
C GLY B 93 -9.92 -4.28 -13.24
N HIS B 94 -9.21 -3.18 -12.99
CA HIS B 94 -8.00 -2.85 -13.71
C HIS B 94 -6.87 -3.82 -13.39
N VAL B 95 -6.67 -4.06 -12.10
CA VAL B 95 -5.70 -5.03 -11.61
C VAL B 95 -5.95 -6.42 -12.18
N ASN B 96 -7.20 -6.88 -12.06
CA ASN B 96 -7.53 -8.23 -12.45
C ASN B 96 -7.34 -8.44 -13.95
N HIS B 97 -7.78 -7.47 -14.74
CA HIS B 97 -7.67 -7.67 -16.18
C HIS B 97 -6.23 -7.50 -16.67
N SER B 98 -5.46 -6.60 -16.05
CA SER B 98 -4.05 -6.45 -16.41
C SER B 98 -3.27 -7.76 -16.18
N ILE B 99 -3.56 -8.44 -15.08
CA ILE B 99 -2.97 -9.74 -14.80
C ILE B 99 -3.48 -10.79 -15.81
N PHE B 100 -4.79 -10.85 -15.99
CA PHE B 100 -5.45 -11.80 -16.90
C PHE B 100 -4.81 -11.77 -18.28
N TRP B 101 -4.62 -10.58 -18.87
CA TRP B 101 -4.03 -10.55 -20.25
C TRP B 101 -2.63 -11.18 -20.28
N LYS B 102 -1.85 -10.92 -19.25
CA LYS B 102 -0.49 -11.44 -19.18
C LYS B 102 -0.43 -12.93 -18.85
N ASN B 103 -1.45 -13.49 -18.20
CA ASN B 103 -1.39 -14.93 -17.91
C ASN B 103 -2.14 -15.75 -18.95
N LEU B 104 -2.34 -15.14 -20.13
CA LEU B 104 -2.75 -15.85 -21.36
C LEU B 104 -1.66 -15.73 -22.40
N ALA B 105 -1.53 -16.73 -23.28
CA ALA B 105 -0.62 -16.63 -24.43
C ALA B 105 -1.07 -17.57 -25.54
N PRO B 106 -0.83 -17.17 -26.80
CA PRO B 106 -1.12 -18.06 -27.94
C PRO B 106 -0.40 -19.39 -27.74
N SER B 107 -1.04 -20.49 -28.11
CA SER B 107 -0.45 -21.81 -27.97
C SER B 107 0.93 -21.89 -28.61
N SER B 108 1.14 -21.12 -29.69
CA SER B 108 2.40 -21.12 -30.42
C SER B 108 3.48 -20.31 -29.70
N GLU B 109 3.08 -19.57 -28.67
CA GLU B 109 4.04 -18.78 -27.89
C GLU B 109 4.11 -19.25 -26.46
N GLY B 110 3.74 -20.50 -26.21
CA GLY B 110 3.87 -21.07 -24.87
C GLY B 110 2.56 -21.26 -24.11
N GLY B 111 1.47 -20.71 -24.65
CA GLY B 111 0.15 -20.91 -24.06
C GLY B 111 -0.21 -22.38 -23.95
N GLY B 112 -0.67 -22.80 -22.76
CA GLY B 112 -1.06 -24.18 -22.55
C GLY B 112 0.11 -25.10 -22.23
N GLU B 113 1.34 -24.59 -22.29
CA GLU B 113 2.52 -25.36 -21.88
C GLU B 113 2.70 -25.38 -20.36
N PRO B 114 2.88 -26.58 -19.81
CA PRO B 114 2.94 -26.78 -18.34
C PRO B 114 4.05 -25.95 -17.68
N PRO B 115 3.85 -25.58 -16.41
CA PRO B 115 4.91 -24.85 -15.70
C PRO B 115 6.09 -25.76 -15.42
N LYS B 116 7.29 -25.22 -15.57
CA LYS B 116 8.52 -25.93 -15.24
C LYS B 116 9.11 -25.36 -13.95
N GLY B 117 10.31 -25.82 -13.60
CA GLY B 117 11.02 -25.25 -12.48
C GLY B 117 10.32 -25.45 -11.15
N SER B 118 10.44 -24.46 -10.28
CA SER B 118 9.94 -24.54 -8.92
C SER B 118 8.42 -24.57 -8.83
N LEU B 119 7.75 -23.80 -9.69
CA LEU B 119 6.29 -23.74 -9.64
C LEU B 119 5.69 -25.09 -9.95
N GLY B 120 6.21 -25.74 -10.99
CA GLY B 120 5.77 -27.06 -11.35
C GLY B 120 5.90 -27.98 -10.16
N SER B 121 7.04 -27.89 -9.46
CA SER B 121 7.24 -28.67 -8.24
C SER B 121 6.21 -28.31 -7.17
N ALA B 122 6.09 -27.01 -6.89
CA ALA B 122 5.14 -26.58 -5.87
C ALA B 122 3.73 -27.04 -6.24
N ILE B 123 3.40 -27.00 -7.53
CA ILE B 123 2.06 -27.41 -7.93
C ILE B 123 1.89 -28.91 -7.66
N ASP B 124 2.90 -29.70 -8.02
CA ASP B 124 2.91 -31.13 -7.75
C ASP B 124 2.82 -31.43 -6.25
N ALA B 125 3.56 -30.65 -5.45
CA ALA B 125 3.56 -30.80 -4.00
C ALA B 125 2.22 -30.44 -3.36
N HIS B 126 1.59 -29.39 -3.89
CA HIS B 126 0.36 -28.86 -3.30
C HIS B 126 -0.90 -29.48 -3.87
N PHE B 127 -0.86 -29.88 -5.13
CA PHE B 127 -2.10 -30.33 -5.78
C PHE B 127 -1.99 -31.74 -6.37
N GLY B 128 -0.86 -32.41 -6.15
CA GLY B 128 -0.65 -33.75 -6.66
C GLY B 128 -0.06 -33.80 -8.06
N SER B 129 -0.64 -33.02 -8.96
CA SER B 129 -0.21 -32.92 -10.34
C SER B 129 -0.79 -31.65 -10.93
N LEU B 130 -0.34 -31.29 -12.12
CA LEU B 130 -0.92 -30.15 -12.80
C LEU B 130 -2.43 -30.35 -13.02
N GLU B 131 -2.83 -31.59 -13.33
CA GLU B 131 -4.25 -31.90 -13.59
C GLU B 131 -5.09 -31.85 -12.31
N GLY B 132 -4.49 -32.21 -11.19
CA GLY B 132 -5.16 -32.03 -9.91
C GLY B 132 -5.52 -30.56 -9.77
N LEU B 133 -4.56 -29.69 -10.08
CA LEU B 133 -4.79 -28.24 -9.98
C LEU B 133 -5.85 -27.76 -10.97
N VAL B 134 -5.73 -28.20 -12.21
CA VAL B 134 -6.64 -27.80 -13.27
C VAL B 134 -8.07 -28.23 -12.92
N LYS B 135 -8.24 -29.45 -12.41
CA LYS B 135 -9.56 -29.92 -11.97
C LYS B 135 -10.13 -29.01 -10.87
N LYS B 136 -9.29 -28.67 -9.90
CA LYS B 136 -9.71 -27.85 -8.79
C LYS B 136 -10.16 -26.46 -9.27
N MET B 137 -9.32 -25.80 -10.05
CA MET B 137 -9.66 -24.44 -10.50
C MET B 137 -10.89 -24.47 -11.40
N SER B 138 -11.00 -25.52 -12.20
CA SER B 138 -12.19 -25.67 -13.05
C SER B 138 -13.48 -25.83 -12.20
N ALA B 139 -13.43 -26.68 -11.20
CA ALA B 139 -14.59 -26.91 -10.34
C ALA B 139 -14.98 -25.60 -9.65
N GLU B 140 -13.98 -24.95 -9.11
CA GLU B 140 -14.18 -23.68 -8.43
C GLU B 140 -14.78 -22.61 -9.35
N GLY B 141 -14.24 -22.51 -10.56
CA GLY B 141 -14.77 -21.58 -11.55
C GLY B 141 -16.21 -21.89 -11.95
N ALA B 142 -16.52 -23.17 -12.12
CA ALA B 142 -17.88 -23.54 -12.52
C ALA B 142 -18.90 -23.19 -11.43
N ALA B 143 -18.45 -23.23 -10.19
CA ALA B 143 -19.31 -23.06 -9.02
C ALA B 143 -19.48 -21.63 -8.56
N VAL B 144 -18.75 -20.70 -9.18
CA VAL B 144 -18.85 -19.29 -8.82
C VAL B 144 -20.28 -18.78 -9.11
N GLN B 145 -20.94 -18.26 -8.09
CA GLN B 145 -22.29 -17.72 -8.22
C GLN B 145 -22.22 -16.28 -8.64
N GLY B 146 -22.81 -15.98 -9.79
CA GLY B 146 -22.71 -14.65 -10.36
C GLY B 146 -21.38 -14.40 -11.03
N SER B 147 -20.85 -13.18 -10.86
CA SER B 147 -19.63 -12.75 -11.54
C SER B 147 -18.40 -12.93 -10.62
N GLY B 148 -17.26 -13.33 -11.16
CA GLY B 148 -16.08 -13.42 -10.29
C GLY B 148 -14.86 -13.97 -11.01
N TRP B 149 -13.89 -14.41 -10.21
CA TRP B 149 -12.60 -14.84 -10.72
C TRP B 149 -12.18 -16.12 -10.04
N VAL B 150 -11.46 -17.00 -10.73
CA VAL B 150 -10.84 -18.08 -9.96
C VAL B 150 -9.33 -17.89 -10.02
N TRP B 151 -8.64 -18.09 -8.90
CA TRP B 151 -7.21 -17.79 -8.79
C TRP B 151 -6.32 -18.96 -8.36
N LEU B 152 -5.16 -19.06 -8.98
CA LEU B 152 -4.00 -19.68 -8.37
C LEU B 152 -3.19 -18.52 -7.78
N GLY B 153 -2.91 -18.59 -6.48
CA GLY B 153 -2.20 -17.52 -5.79
C GLY B 153 -1.01 -18.05 -5.02
N LEU B 154 -0.07 -17.16 -4.71
CA LEU B 154 1.04 -17.48 -3.83
C LEU B 154 0.88 -16.81 -2.47
N ASP B 155 0.85 -17.59 -1.39
CA ASP B 155 0.89 -16.99 -0.06
C ASP B 155 2.36 -16.71 0.26
N LYS B 156 2.77 -15.45 0.17
CA LYS B 156 4.18 -15.08 0.40
C LYS B 156 4.70 -15.30 1.81
N GLU B 157 3.83 -15.21 2.81
CA GLU B 157 4.30 -15.40 4.18
C GLU B 157 4.69 -16.86 4.35
N LEU B 158 3.79 -17.77 3.97
CA LEU B 158 4.02 -19.20 4.14
C LEU B 158 4.80 -19.83 2.99
N LYS B 159 5.02 -19.06 1.91
CA LYS B 159 5.61 -19.55 0.66
C LYS B 159 4.81 -20.77 0.16
N LYS B 160 3.50 -20.60 0.07
CA LYS B 160 2.59 -21.67 -0.29
C LYS B 160 1.63 -21.27 -1.42
N LEU B 161 1.14 -22.27 -2.14
CA LEU B 161 0.15 -22.08 -3.19
C LEU B 161 -1.27 -22.14 -2.66
N VAL B 162 -2.16 -21.33 -3.23
CA VAL B 162 -3.57 -21.38 -2.88
C VAL B 162 -4.43 -21.31 -4.14
N VAL B 163 -5.64 -21.86 -4.04
CA VAL B 163 -6.68 -21.66 -5.03
C VAL B 163 -7.81 -20.94 -4.31
N ASP B 164 -8.33 -19.89 -4.91
CA ASP B 164 -9.40 -19.17 -4.26
C ASP B 164 -10.23 -18.50 -5.31
N THR B 165 -11.42 -18.05 -4.93
CA THR B 165 -12.24 -17.26 -5.84
C THR B 165 -12.45 -15.87 -5.23
N THR B 166 -12.68 -14.86 -6.06
CA THR B 166 -13.15 -13.55 -5.58
C THR B 166 -14.42 -13.16 -6.32
N ALA B 167 -15.25 -12.33 -5.70
CA ALA B 167 -16.50 -11.89 -6.32
C ALA B 167 -16.29 -10.64 -7.13
N ASN B 168 -17.07 -10.51 -8.20
CA ASN B 168 -17.07 -9.31 -9.05
C ASN B 168 -15.67 -8.97 -9.52
N GLN B 169 -15.17 -7.79 -9.15
CA GLN B 169 -13.79 -7.42 -9.48
C GLN B 169 -12.86 -7.34 -8.26
N ASP B 170 -13.23 -7.97 -7.13
CA ASP B 170 -12.33 -7.97 -5.97
C ASP B 170 -11.04 -8.65 -6.36
N PRO B 171 -9.93 -7.99 -6.11
CA PRO B 171 -8.69 -8.68 -6.47
C PRO B 171 -8.31 -9.70 -5.39
N LEU B 172 -7.46 -10.65 -5.76
CA LEU B 172 -7.05 -11.69 -4.82
C LEU B 172 -6.48 -11.12 -3.52
N VAL B 173 -5.83 -9.96 -3.61
CA VAL B 173 -5.17 -9.38 -2.43
C VAL B 173 -6.19 -9.00 -1.35
N THR B 174 -7.48 -8.96 -1.71
CA THR B 174 -8.52 -8.71 -0.69
C THR B 174 -8.80 -9.96 0.13
N LYS B 175 -8.25 -11.11 -0.25
CA LYS B 175 -8.40 -12.32 0.56
C LYS B 175 -7.25 -12.51 1.56
N GLY B 176 -6.25 -11.65 1.50
CA GLY B 176 -5.09 -11.74 2.39
C GLY B 176 -3.99 -10.88 1.80
N GLY B 177 -3.47 -9.95 2.58
CA GLY B 177 -2.52 -8.98 2.07
C GLY B 177 -1.21 -9.54 1.55
N SER B 178 -0.91 -10.79 1.91
CA SER B 178 0.34 -11.44 1.50
C SER B 178 0.17 -12.34 0.27
N LEU B 179 -1.00 -12.26 -0.36
CA LEU B 179 -1.29 -13.08 -1.54
C LEU B 179 -0.77 -12.43 -2.82
N VAL B 180 -0.22 -13.25 -3.70
CA VAL B 180 0.12 -12.76 -5.02
C VAL B 180 -0.57 -13.65 -6.06
N PRO B 181 -1.38 -13.05 -6.92
CA PRO B 181 -2.01 -13.88 -7.95
C PRO B 181 -1.02 -14.38 -8.97
N LEU B 182 -1.04 -15.67 -9.27
CA LEU B 182 -0.22 -16.26 -10.33
C LEU B 182 -0.99 -16.47 -11.64
N VAL B 183 -2.18 -17.04 -11.50
CA VAL B 183 -3.09 -17.25 -12.63
C VAL B 183 -4.50 -16.88 -12.23
N GLY B 184 -5.14 -16.06 -13.05
CA GLY B 184 -6.55 -15.78 -12.90
C GLY B 184 -7.34 -16.25 -14.11
N ILE B 185 -8.53 -16.78 -13.86
CA ILE B 185 -9.47 -17.07 -14.95
C ILE B 185 -10.76 -16.27 -14.68
N ASP B 186 -11.10 -15.39 -15.61
CA ASP B 186 -12.29 -14.54 -15.52
C ASP B 186 -13.55 -15.40 -15.74
N VAL B 187 -14.47 -15.48 -14.79
CA VAL B 187 -15.69 -16.24 -15.07
C VAL B 187 -16.93 -15.35 -15.07
N TRP B 188 -16.72 -14.05 -15.23
CA TRP B 188 -17.82 -13.16 -15.62
C TRP B 188 -18.38 -13.70 -16.95
N GLU B 189 -19.68 -13.60 -17.14
CA GLU B 189 -20.27 -14.09 -18.37
C GLU B 189 -19.69 -13.39 -19.62
N HIS B 190 -19.28 -12.13 -19.52
CA HIS B 190 -18.72 -11.45 -20.71
C HIS B 190 -17.36 -12.01 -21.16
N ALA B 191 -16.73 -12.85 -20.35
CA ALA B 191 -15.48 -13.51 -20.72
C ALA B 191 -15.71 -14.71 -21.63
N TYR B 192 -16.96 -15.16 -21.74
CA TYR B 192 -17.19 -16.39 -22.48
C TYR B 192 -18.54 -16.46 -23.24
N TYR B 193 -19.45 -15.55 -22.95
CA TYR B 193 -20.83 -15.75 -23.39
C TYR B 193 -21.03 -15.71 -24.91
N LEU B 194 -20.35 -14.81 -25.60
CA LEU B 194 -20.54 -14.72 -27.03
C LEU B 194 -20.16 -16.02 -27.75
N GLN B 195 -19.23 -16.76 -27.15
CA GLN B 195 -18.72 -17.98 -27.76
C GLN B 195 -19.34 -19.24 -27.15
N TYR B 196 -19.40 -19.31 -25.84
CA TYR B 196 -19.84 -20.53 -25.20
C TYR B 196 -21.23 -20.41 -24.61
N LYS B 197 -21.83 -19.23 -24.72
CA LYS B 197 -23.14 -18.98 -24.12
C LYS B 197 -23.17 -19.39 -22.65
N ASN B 198 -24.21 -20.11 -22.25
CA ASN B 198 -24.36 -20.56 -20.86
C ASN B 198 -23.35 -21.62 -20.40
N VAL B 199 -22.66 -22.27 -21.33
CA VAL B 199 -21.86 -23.44 -20.94
C VAL B 199 -20.48 -23.02 -20.44
N ARG B 200 -20.45 -22.42 -19.26
CA ARG B 200 -19.20 -22.03 -18.61
C ARG B 200 -18.21 -23.20 -18.45
N PRO B 201 -18.69 -24.42 -18.14
CA PRO B 201 -17.68 -25.50 -18.05
C PRO B 201 -16.90 -25.77 -19.36
N GLU B 202 -17.50 -25.49 -20.51
CA GLU B 202 -16.79 -25.73 -21.78
C GLU B 202 -15.70 -24.68 -21.94
N TYR B 203 -16.03 -23.44 -21.58
CA TYR B 203 -15.06 -22.36 -21.53
C TYR B 203 -13.90 -22.73 -20.62
N LEU B 204 -14.23 -23.22 -19.43
CA LEU B 204 -13.20 -23.61 -18.48
C LEU B 204 -12.39 -24.80 -18.98
N LYS B 205 -12.97 -25.63 -19.85
CA LYS B 205 -12.21 -26.74 -20.45
C LYS B 205 -11.15 -26.21 -21.41
N ASN B 206 -11.54 -25.21 -22.21
CA ASN B 206 -10.66 -24.75 -23.27
C ASN B 206 -9.65 -23.69 -22.85
N VAL B 207 -9.97 -22.92 -21.83
CA VAL B 207 -9.10 -21.78 -21.51
C VAL B 207 -7.71 -22.28 -21.17
N TRP B 208 -7.61 -23.51 -20.67
CA TRP B 208 -6.32 -24.09 -20.32
C TRP B 208 -5.38 -24.25 -21.52
N LYS B 209 -5.90 -24.19 -22.75
CA LYS B 209 -5.04 -24.29 -23.93
C LYS B 209 -4.17 -23.05 -24.07
N VAL B 210 -4.62 -21.93 -23.49
CA VAL B 210 -3.90 -20.70 -23.66
C VAL B 210 -3.46 -20.06 -22.32
N ILE B 211 -3.40 -20.85 -21.25
CA ILE B 211 -2.88 -20.33 -20.01
C ILE B 211 -1.36 -20.16 -20.10
N ASN B 212 -0.88 -18.96 -19.78
CA ASN B 212 0.53 -18.68 -19.86
C ASN B 212 1.23 -19.04 -18.54
N TRP B 213 1.63 -20.31 -18.42
CA TRP B 213 2.29 -20.81 -17.20
C TRP B 213 3.70 -20.26 -17.01
N LYS B 214 4.25 -19.71 -18.09
CA LYS B 214 5.55 -19.05 -18.05
C LYS B 214 5.45 -17.76 -17.21
N TYR B 215 4.39 -16.98 -17.43
CA TYR B 215 4.13 -15.81 -16.61
C TYR B 215 3.99 -16.19 -15.13
N ALA B 216 3.18 -17.20 -14.88
CA ALA B 216 2.93 -17.69 -13.55
C ALA B 216 4.23 -18.12 -12.85
N SER B 217 5.11 -18.81 -13.57
CA SER B 217 6.40 -19.23 -13.02
C SER B 217 7.26 -18.04 -12.64
N GLU B 218 7.33 -17.08 -13.54
CA GLU B 218 8.12 -15.88 -13.29
C GLU B 218 7.63 -15.15 -12.06
N VAL B 219 6.32 -14.96 -11.96
CA VAL B 219 5.75 -14.28 -10.81
C VAL B 219 6.04 -15.08 -9.55
N TYR B 220 5.87 -16.39 -9.65
CA TYR B 220 6.14 -17.29 -8.54
C TYR B 220 7.57 -17.13 -8.02
N GLU B 221 8.51 -17.09 -8.97
CA GLU B 221 9.95 -16.96 -8.73
C GLU B 221 10.34 -15.57 -8.18
N LYS B 222 9.62 -14.55 -8.58
CA LYS B 222 9.95 -13.17 -8.20
C LYS B 222 9.03 -12.60 -7.10
N GLU B 223 7.88 -13.23 -6.89
CA GLU B 223 6.91 -12.80 -5.88
C GLU B 223 6.39 -11.38 -6.17
N PHE C 22 -38.70 -34.03 11.55
CA PHE C 22 -37.29 -33.64 11.64
C PHE C 22 -36.80 -33.68 13.08
N MET C 23 -35.50 -33.48 13.26
CA MET C 23 -34.92 -33.50 14.60
C MET C 23 -34.79 -32.12 15.20
N THR C 24 -35.13 -32.01 16.50
CA THR C 24 -34.92 -30.79 17.25
C THR C 24 -33.53 -30.89 17.83
N PHE C 25 -32.90 -29.76 18.16
CA PHE C 25 -31.57 -29.85 18.74
C PHE C 25 -31.59 -29.39 20.20
N THR C 26 -30.63 -29.86 20.98
CA THR C 26 -30.53 -29.46 22.39
C THR C 26 -29.16 -28.88 22.69
N LEU C 27 -29.08 -28.07 23.73
CA LEU C 27 -27.82 -27.50 24.19
C LEU C 27 -26.95 -28.62 24.71
N PRO C 28 -25.76 -28.82 24.12
CA PRO C 28 -24.88 -29.84 24.68
C PRO C 28 -24.25 -29.40 26.02
N ASP C 29 -24.04 -30.35 26.93
CA ASP C 29 -23.24 -30.07 28.13
C ASP C 29 -21.79 -29.77 27.76
N LEU C 30 -21.14 -28.93 28.55
CA LEU C 30 -19.71 -28.74 28.40
C LEU C 30 -18.95 -29.97 28.90
N PRO C 31 -17.76 -30.22 28.36
CA PRO C 31 -17.04 -31.36 28.94
C PRO C 31 -16.26 -31.06 30.24
N TYR C 32 -16.47 -29.88 30.85
CA TYR C 32 -15.77 -29.44 32.08
C TYR C 32 -16.67 -28.44 32.82
N ASP C 33 -16.36 -28.12 34.07
CA ASP C 33 -17.12 -27.10 34.79
C ASP C 33 -16.91 -25.69 34.19
N TYR C 34 -17.88 -24.81 34.40
CA TYR C 34 -17.83 -23.43 33.86
C TYR C 34 -16.54 -22.66 34.17
N GLY C 35 -15.98 -22.91 35.35
CA GLY C 35 -14.80 -22.19 35.80
C GLY C 35 -13.50 -22.90 35.47
N ALA C 36 -13.59 -24.02 34.74
CA ALA C 36 -12.43 -24.88 34.55
C ALA C 36 -11.40 -24.29 33.61
N LEU C 37 -11.76 -23.25 32.86
CA LEU C 37 -10.83 -22.72 31.89
C LEU C 37 -10.12 -21.48 32.41
N GLU C 38 -10.40 -21.11 33.65
CA GLU C 38 -9.70 -20.01 34.32
C GLU C 38 -8.24 -20.43 34.56
N PRO C 39 -7.32 -19.47 34.53
CA PRO C 39 -7.55 -18.03 34.35
C PRO C 39 -7.73 -17.54 32.90
N ALA C 40 -7.49 -18.37 31.90
CA ALA C 40 -7.55 -17.90 30.51
C ALA C 40 -8.92 -17.35 30.13
N ILE C 41 -9.97 -18.08 30.49
CA ILE C 41 -11.33 -17.62 30.22
C ILE C 41 -12.18 -17.71 31.48
N SER C 42 -12.78 -16.58 31.87
CA SER C 42 -13.52 -16.55 33.13
C SER C 42 -14.76 -17.45 33.11
N GLY C 43 -15.08 -17.97 34.29
CA GLY C 43 -16.25 -18.81 34.48
C GLY C 43 -17.50 -18.03 34.19
N GLU C 44 -17.46 -16.73 34.44
CA GLU C 44 -18.60 -15.85 34.15
C GLU C 44 -18.88 -15.82 32.64
N ILE C 45 -17.82 -15.71 31.85
CA ILE C 45 -17.95 -15.74 30.40
C ILE C 45 -18.45 -17.12 29.95
N MET C 46 -17.81 -18.20 30.40
CA MET C 46 -18.22 -19.54 29.98
C MET C 46 -19.73 -19.77 30.24
N GLN C 47 -20.18 -19.35 31.40
CA GLN C 47 -21.56 -19.60 31.76
C GLN C 47 -22.56 -18.89 30.87
N ILE C 48 -22.40 -17.58 30.70
CA ILE C 48 -23.30 -16.80 29.85
C ILE C 48 -23.22 -17.22 28.38
N HIS C 49 -22.01 -17.44 27.91
CA HIS C 49 -21.74 -17.86 26.53
C HIS C 49 -22.48 -19.17 26.18
N HIS C 50 -22.43 -20.11 27.11
CA HIS C 50 -23.10 -21.41 26.99
C HIS C 50 -24.64 -21.29 27.19
N GLN C 51 -25.02 -20.80 28.36
CA GLN C 51 -26.43 -20.82 28.78
C GLN C 51 -27.30 -19.79 28.10
N LYS C 52 -26.71 -18.69 27.66
CA LYS C 52 -27.48 -17.64 27.00
C LYS C 52 -27.22 -17.62 25.48
N HIS C 53 -25.96 -17.46 25.04
CA HIS C 53 -25.71 -17.30 23.60
C HIS C 53 -25.91 -18.59 22.81
N HIS C 54 -25.26 -19.69 23.20
CA HIS C 54 -25.38 -20.95 22.46
C HIS C 54 -26.84 -21.42 22.50
N GLN C 55 -27.43 -21.39 23.69
CA GLN C 55 -28.82 -21.80 23.84
C GLN C 55 -29.76 -21.08 22.88
N ALA C 56 -29.57 -19.76 22.72
CA ALA C 56 -30.39 -18.99 21.80
C ALA C 56 -30.23 -19.42 20.35
N TYR C 57 -28.99 -19.70 19.94
CA TYR C 57 -28.74 -20.23 18.60
C TYR C 57 -29.45 -21.58 18.47
N VAL C 58 -29.36 -22.44 19.48
CA VAL C 58 -30.01 -23.75 19.47
C VAL C 58 -31.54 -23.60 19.33
N THR C 59 -32.13 -22.77 20.18
CA THR C 59 -33.57 -22.59 20.10
C THR C 59 -34.04 -21.89 18.83
N ASN C 60 -33.34 -20.85 18.40
CA ASN C 60 -33.70 -20.17 17.16
C ASN C 60 -33.40 -21.03 15.92
N TYR C 61 -32.45 -21.95 16.04
CA TYR C 61 -32.26 -22.93 14.98
C TYR C 61 -33.46 -23.87 14.86
N ASN C 62 -33.92 -24.42 15.98
CA ASN C 62 -35.12 -25.27 15.99
C ASN C 62 -36.36 -24.60 15.38
N ASN C 63 -36.60 -23.34 15.75
CA ASN C 63 -37.73 -22.57 15.24
C ASN C 63 -37.63 -22.31 13.75
N ALA C 64 -36.41 -22.05 13.28
CA ALA C 64 -36.18 -21.84 11.85
C ALA C 64 -36.42 -23.12 11.09
N LEU C 65 -36.04 -24.25 11.68
CA LEU C 65 -36.27 -25.56 11.05
C LEU C 65 -37.75 -25.89 10.89
N GLU C 66 -38.52 -25.57 11.91
CA GLU C 66 -39.95 -25.80 11.88
C GLU C 66 -40.63 -25.05 10.74
N GLN C 67 -40.27 -23.79 10.59
CA GLN C 67 -40.77 -22.97 9.48
C GLN C 67 -40.23 -23.47 8.14
N LEU C 68 -38.96 -23.84 8.12
CA LEU C 68 -38.34 -24.36 6.91
C LEU C 68 -39.08 -25.62 6.42
N ASP C 69 -39.30 -26.56 7.35
CA ASP C 69 -40.00 -27.82 7.08
C ASP C 69 -41.37 -27.53 6.49
N GLN C 70 -42.04 -26.56 7.09
CA GLN C 70 -43.34 -26.10 6.64
C GLN C 70 -43.24 -25.53 5.21
N ALA C 71 -42.31 -24.59 5.00
CA ALA C 71 -42.14 -23.95 3.68
C ALA C 71 -41.80 -24.95 2.58
N VAL C 72 -40.92 -25.89 2.88
CA VAL C 72 -40.50 -26.93 1.94
C VAL C 72 -41.68 -27.82 1.56
N ASN C 73 -42.45 -28.23 2.56
CA ASN C 73 -43.60 -29.12 2.32
C ASN C 73 -44.71 -28.43 1.55
N LYS C 74 -44.90 -27.14 1.79
CA LYS C 74 -45.93 -26.37 1.11
C LYS C 74 -45.48 -25.93 -0.30
N GLY C 75 -44.22 -26.18 -0.64
CA GLY C 75 -43.70 -25.75 -1.94
C GLY C 75 -43.55 -24.24 -2.05
N ASP C 76 -43.26 -23.60 -0.91
CA ASP C 76 -43.05 -22.15 -0.84
C ASP C 76 -41.54 -21.85 -0.97
N ALA C 77 -41.10 -21.68 -2.21
CA ALA C 77 -39.68 -21.48 -2.50
C ALA C 77 -39.18 -20.19 -1.88
N SER C 78 -39.99 -19.14 -1.98
CA SER C 78 -39.63 -17.81 -1.49
C SER C 78 -39.32 -17.81 0.01
N THR C 79 -40.13 -18.52 0.78
CA THR C 79 -39.92 -18.59 2.23
C THR C 79 -38.74 -19.50 2.58
N VAL C 80 -38.58 -20.58 1.83
CA VAL C 80 -37.41 -21.44 2.00
C VAL C 80 -36.13 -20.61 1.88
N VAL C 81 -36.08 -19.74 0.88
CA VAL C 81 -34.92 -18.92 0.64
C VAL C 81 -34.80 -17.78 1.65
N LYS C 82 -35.92 -17.17 1.99
CA LYS C 82 -35.91 -16.10 2.98
C LYS C 82 -35.36 -16.61 4.32
N LEU C 83 -35.69 -17.86 4.63
CA LEU C 83 -35.28 -18.51 5.86
C LEU C 83 -33.79 -18.91 5.93
N GLN C 84 -33.08 -18.83 4.80
CA GLN C 84 -31.67 -19.27 4.79
C GLN C 84 -30.79 -18.41 5.71
N SER C 85 -31.12 -17.13 5.84
CA SER C 85 -30.37 -16.26 6.75
C SER C 85 -30.42 -16.77 8.18
N ALA C 86 -31.64 -17.02 8.67
CA ALA C 86 -31.84 -17.52 10.02
C ALA C 86 -31.28 -18.95 10.22
N ILE C 87 -31.41 -19.76 9.18
CA ILE C 87 -30.89 -21.11 9.20
C ILE C 87 -29.36 -21.10 9.31
N LYS C 88 -28.69 -20.31 8.48
CA LYS C 88 -27.21 -20.25 8.52
C LYS C 88 -26.70 -19.65 9.84
N PHE C 89 -27.36 -18.59 10.30
CA PHE C 89 -26.91 -17.87 11.49
C PHE C 89 -27.06 -18.73 12.73
N ASN C 90 -28.21 -19.35 12.92
CA ASN C 90 -28.46 -20.12 14.14
C ASN C 90 -27.97 -21.54 14.03
N GLY C 91 -28.16 -22.14 12.85
CA GLY C 91 -27.54 -23.43 12.61
C GLY C 91 -26.03 -23.30 12.72
N GLY C 92 -25.49 -22.22 12.16
CA GLY C 92 -24.06 -21.99 12.24
C GLY C 92 -23.59 -21.77 13.65
N GLY C 93 -24.38 -21.00 14.41
CA GLY C 93 -24.09 -20.71 15.79
C GLY C 93 -23.99 -21.98 16.61
N HIS C 94 -24.92 -22.90 16.36
CA HIS C 94 -24.94 -24.17 17.04
C HIS C 94 -23.73 -25.05 16.70
N VAL C 95 -23.45 -25.19 15.41
CA VAL C 95 -22.29 -25.96 14.95
C VAL C 95 -20.99 -25.42 15.56
N ASN C 96 -20.81 -24.10 15.41
CA ASN C 96 -19.56 -23.47 15.78
C ASN C 96 -19.33 -23.57 17.28
N HIS C 97 -20.36 -23.31 18.08
CA HIS C 97 -20.15 -23.34 19.53
C HIS C 97 -20.00 -24.77 20.03
N SER C 98 -20.69 -25.71 19.40
CA SER C 98 -20.54 -27.11 19.78
C SER C 98 -19.09 -27.58 19.56
N ILE C 99 -18.49 -27.14 18.47
CA ILE C 99 -17.08 -27.44 18.25
C ILE C 99 -16.19 -26.71 19.26
N PHE C 100 -16.44 -25.43 19.45
CA PHE C 100 -15.67 -24.57 20.33
C PHE C 100 -15.51 -25.20 21.71
N TRP C 101 -16.63 -25.65 22.29
CA TRP C 101 -16.57 -26.23 23.63
C TRP C 101 -15.62 -27.45 23.65
N LYS C 102 -15.68 -28.28 22.61
CA LYS C 102 -14.83 -29.45 22.62
C LYS C 102 -13.36 -29.16 22.31
N ASN C 103 -13.04 -28.07 21.61
CA ASN C 103 -11.62 -27.80 21.33
C ASN C 103 -11.03 -26.84 22.36
N LEU C 104 -11.66 -26.81 23.54
CA LEU C 104 -11.08 -26.19 24.72
C LEU C 104 -10.95 -27.29 25.78
N ALA C 105 -9.99 -27.15 26.68
CA ALA C 105 -9.88 -28.07 27.82
C ALA C 105 -9.12 -27.39 28.95
N PRO C 106 -9.41 -27.76 30.21
CA PRO C 106 -8.62 -27.24 31.33
C PRO C 106 -7.15 -27.60 31.15
N SER C 107 -6.25 -26.70 31.55
CA SER C 107 -4.82 -26.94 31.46
C SER C 107 -4.41 -28.26 32.12
N SER C 108 -5.12 -28.65 33.17
CA SER C 108 -4.80 -29.86 33.93
C SER C 108 -5.30 -31.12 33.25
N GLU C 109 -6.09 -30.96 32.20
CA GLU C 109 -6.59 -32.10 31.45
C GLU C 109 -6.13 -32.09 30.00
N GLY C 110 -5.01 -31.42 29.71
CA GLY C 110 -4.45 -31.42 28.37
C GLY C 110 -4.61 -30.13 27.59
N GLY C 111 -5.41 -29.20 28.12
CA GLY C 111 -5.55 -27.89 27.49
C GLY C 111 -4.21 -27.21 27.39
N GLY C 112 -3.90 -26.68 26.21
CA GLY C 112 -2.64 -25.99 25.99
C GLY C 112 -1.46 -26.90 25.69
N GLU C 113 -1.63 -28.22 25.81
CA GLU C 113 -0.56 -29.15 25.42
C GLU C 113 -0.55 -29.35 23.91
N PRO C 114 0.64 -29.18 23.29
CA PRO C 114 0.81 -29.21 21.83
C PRO C 114 0.33 -30.51 21.17
N PRO C 115 -0.06 -30.43 19.89
CA PRO C 115 -0.50 -31.65 19.21
C PRO C 115 0.63 -32.63 18.94
N LYS C 116 0.37 -33.92 19.15
CA LYS C 116 1.35 -34.94 18.82
C LYS C 116 0.93 -35.68 17.55
N GLY C 117 1.68 -36.71 17.17
CA GLY C 117 1.30 -37.54 16.04
C GLY C 117 1.28 -36.81 14.71
N SER C 118 0.34 -37.20 13.86
CA SER C 118 0.25 -36.71 12.49
C SER C 118 -0.11 -35.22 12.38
N LEU C 119 -1.01 -34.74 13.23
CA LEU C 119 -1.41 -33.34 13.19
C LEU C 119 -0.22 -32.45 13.51
N GLY C 120 0.54 -32.85 14.53
CA GLY C 120 1.76 -32.15 14.90
C GLY C 120 2.71 -32.06 13.74
N SER C 121 2.88 -33.19 13.04
CA SER C 121 3.69 -33.24 11.83
C SER C 121 3.15 -32.30 10.76
N ALA C 122 1.85 -32.41 10.50
CA ALA C 122 1.19 -31.59 9.48
C ALA C 122 1.35 -30.11 9.78
N ILE C 123 1.24 -29.77 11.06
CA ILE C 123 1.35 -28.37 11.46
C ILE C 123 2.75 -27.84 11.20
N ASP C 124 3.76 -28.62 11.57
CA ASP C 124 5.14 -28.27 11.25
C ASP C 124 5.34 -28.16 9.74
N ALA C 125 4.70 -29.05 9.01
CA ALA C 125 4.79 -29.06 7.55
C ALA C 125 4.18 -27.84 6.86
N HIS C 126 3.02 -27.38 7.34
CA HIS C 126 2.30 -26.29 6.68
C HIS C 126 2.65 -24.92 7.20
N PHE C 127 3.01 -24.83 8.47
CA PHE C 127 3.20 -23.52 9.11
C PHE C 127 4.59 -23.32 9.71
N GLY C 128 5.49 -24.28 9.50
CA GLY C 128 6.85 -24.19 10.01
C GLY C 128 6.98 -24.72 11.43
N SER C 129 6.09 -24.30 12.32
CA SER C 129 6.08 -24.76 13.70
C SER C 129 4.73 -24.44 14.34
N LEU C 130 4.49 -25.05 15.49
CA LEU C 130 3.27 -24.78 16.22
C LEU C 130 3.16 -23.30 16.51
N GLU C 131 4.28 -22.65 16.82
CA GLU C 131 4.24 -21.23 17.18
C GLU C 131 3.92 -20.38 15.96
N GLY C 132 4.41 -20.79 14.79
CA GLY C 132 4.06 -20.17 13.53
C GLY C 132 2.54 -20.17 13.30
N LEU C 133 1.92 -21.31 13.57
CA LEU C 133 0.47 -21.46 13.45
C LEU C 133 -0.25 -20.53 14.43
N VAL C 134 0.25 -20.51 15.65
CA VAL C 134 -0.31 -19.72 16.71
C VAL C 134 -0.26 -18.22 16.37
N LYS C 135 0.89 -17.79 15.84
CA LYS C 135 1.10 -16.41 15.38
C LYS C 135 0.10 -16.05 14.29
N LYS C 136 -0.05 -16.96 13.34
CA LYS C 136 -0.97 -16.78 12.23
C LYS C 136 -2.42 -16.65 12.71
N MET C 137 -2.87 -17.59 13.52
CA MET C 137 -4.26 -17.57 13.96
C MET C 137 -4.55 -16.37 14.82
N SER C 138 -3.58 -15.99 15.65
CA SER C 138 -3.73 -14.81 16.49
C SER C 138 -3.83 -13.54 15.65
N ALA C 139 -2.99 -13.44 14.62
CA ALA C 139 -3.02 -12.29 13.76
C ALA C 139 -4.37 -12.19 13.05
N GLU C 140 -4.82 -13.31 12.49
CA GLU C 140 -6.08 -13.38 11.77
C GLU C 140 -7.29 -13.03 12.63
N GLY C 141 -7.31 -13.57 13.85
CA GLY C 141 -8.36 -13.27 14.83
C GLY C 141 -8.35 -11.81 15.21
N ALA C 142 -7.15 -11.25 15.39
CA ALA C 142 -7.03 -9.85 15.78
C ALA C 142 -7.57 -8.94 14.68
N ALA C 143 -7.42 -9.36 13.43
CA ALA C 143 -7.81 -8.54 12.29
C ALA C 143 -9.27 -8.73 11.88
N VAL C 144 -9.98 -9.67 12.49
CA VAL C 144 -11.39 -9.89 12.11
C VAL C 144 -12.21 -8.64 12.41
N GLN C 145 -12.88 -8.11 11.39
CA GLN C 145 -13.70 -6.90 11.57
C GLN C 145 -15.10 -7.26 12.03
N GLY C 146 -15.50 -6.77 13.19
CA GLY C 146 -16.76 -7.15 13.77
C GLY C 146 -16.72 -8.52 14.43
N SER C 147 -17.80 -9.27 14.24
CA SER C 147 -17.97 -10.57 14.92
C SER C 147 -17.56 -11.71 14.00
N GLY C 148 -16.90 -12.72 14.56
CA GLY C 148 -16.50 -13.86 13.77
C GLY C 148 -15.69 -14.92 14.47
N TRP C 149 -15.03 -15.72 13.65
CA TRP C 149 -14.30 -16.90 14.06
C TRP C 149 -12.97 -17.00 13.31
N VAL C 150 -11.90 -17.46 13.96
CA VAL C 150 -10.71 -17.85 13.20
C VAL C 150 -10.62 -19.37 13.33
N TRP C 151 -10.28 -20.05 12.22
CA TRP C 151 -10.26 -21.52 12.17
C TRP C 151 -8.93 -22.13 11.75
N LEU C 152 -8.53 -23.22 12.38
CA LEU C 152 -7.60 -24.17 11.78
C LEU C 152 -8.50 -25.23 11.17
N GLY C 153 -8.36 -25.49 9.88
CA GLY C 153 -9.19 -26.45 9.19
C GLY C 153 -8.40 -27.47 8.40
N LEU C 154 -9.04 -28.62 8.13
CA LEU C 154 -8.54 -29.64 7.22
C LEU C 154 -9.32 -29.68 5.91
N ASP C 155 -8.61 -29.53 4.81
CA ASP C 155 -9.18 -29.75 3.49
C ASP C 155 -9.10 -31.25 3.18
N LYS C 156 -10.23 -31.95 3.24
CA LYS C 156 -10.25 -33.40 3.04
C LYS C 156 -9.83 -33.82 1.65
N GLU C 157 -9.99 -32.95 0.66
CA GLU C 157 -9.62 -33.30 -0.71
C GLU C 157 -8.11 -33.48 -0.79
N LEU C 158 -7.37 -32.45 -0.40
CA LEU C 158 -5.91 -32.47 -0.49
C LEU C 158 -5.22 -33.06 0.74
N LYS C 159 -5.99 -33.36 1.78
CA LYS C 159 -5.44 -33.77 3.08
C LYS C 159 -4.46 -32.70 3.58
N LYS C 160 -4.90 -31.44 3.55
CA LYS C 160 -4.05 -30.31 3.91
C LYS C 160 -4.71 -29.36 4.89
N LEU C 161 -3.86 -28.66 5.63
CA LEU C 161 -4.30 -27.70 6.63
C LEU C 161 -4.50 -26.29 6.10
N VAL C 162 -5.54 -25.62 6.58
CA VAL C 162 -5.76 -24.22 6.25
C VAL C 162 -6.08 -23.44 7.52
N VAL C 163 -5.79 -22.13 7.47
CA VAL C 163 -6.26 -21.18 8.47
C VAL C 163 -7.19 -20.21 7.74
N ASP C 164 -8.36 -19.95 8.30
CA ASP C 164 -9.27 -19.02 7.66
C ASP C 164 -10.16 -18.42 8.70
N THR C 165 -10.85 -17.35 8.34
CA THR C 165 -11.83 -16.76 9.27
C THR C 165 -13.20 -16.86 8.67
N THR C 166 -14.25 -16.83 9.50
CA THR C 166 -15.61 -16.65 9.01
C THR C 166 -16.27 -15.50 9.77
N ALA C 167 -17.24 -14.88 9.12
CA ALA C 167 -17.99 -13.75 9.66
C ALA C 167 -19.16 -14.27 10.46
N ASN C 168 -19.51 -13.53 11.51
CA ASN C 168 -20.72 -13.82 12.31
C ASN C 168 -20.77 -15.28 12.76
N GLN C 169 -21.80 -16.03 12.38
CA GLN C 169 -21.84 -17.47 12.73
C GLN C 169 -21.68 -18.42 11.54
N ASP C 170 -21.17 -17.92 10.44
CA ASP C 170 -20.91 -18.81 9.31
C ASP C 170 -19.94 -19.93 9.73
N PRO C 171 -20.30 -21.18 9.49
CA PRO C 171 -19.33 -22.20 9.83
C PRO C 171 -18.25 -22.37 8.78
N LEU C 172 -17.14 -22.97 9.17
CA LEU C 172 -16.05 -23.14 8.21
C LEU C 172 -16.51 -23.83 6.90
N VAL C 173 -17.50 -24.72 6.96
CA VAL C 173 -17.89 -25.43 5.74
C VAL C 173 -18.47 -24.53 4.65
N THR C 174 -18.86 -23.29 4.99
CA THR C 174 -19.35 -22.36 3.99
C THR C 174 -18.22 -21.76 3.14
N LYS C 175 -16.98 -21.95 3.55
CA LYS C 175 -15.83 -21.50 2.77
C LYS C 175 -15.32 -22.58 1.80
N GLY C 176 -15.86 -23.78 1.91
CA GLY C 176 -15.48 -24.91 1.06
C GLY C 176 -16.04 -26.20 1.66
N GLY C 177 -16.80 -26.93 0.85
CA GLY C 177 -17.54 -28.10 1.30
C GLY C 177 -16.69 -29.26 1.81
N SER C 178 -15.41 -29.26 1.45
CA SER C 178 -14.51 -30.33 1.86
C SER C 178 -13.68 -29.95 3.09
N LEU C 179 -14.01 -28.83 3.73
CA LEU C 179 -13.29 -28.39 4.95
C LEU C 179 -13.89 -28.99 6.21
N VAL C 180 -13.01 -29.37 7.13
CA VAL C 180 -13.42 -29.81 8.45
C VAL C 180 -12.73 -28.98 9.52
N PRO C 181 -13.53 -28.32 10.38
CA PRO C 181 -12.86 -27.50 11.40
C PRO C 181 -12.13 -28.35 12.44
N LEU C 182 -10.89 -27.99 12.73
CA LEU C 182 -10.11 -28.67 13.76
C LEU C 182 -10.09 -27.86 15.05
N VAL C 183 -9.79 -26.58 14.92
CA VAL C 183 -9.80 -25.67 16.07
C VAL C 183 -10.50 -24.39 15.68
N GLY C 184 -11.45 -23.97 16.50
CA GLY C 184 -12.07 -22.68 16.34
C GLY C 184 -11.78 -21.74 17.49
N ILE C 185 -11.55 -20.46 17.18
CA ILE C 185 -11.48 -19.47 18.25
C ILE C 185 -12.54 -18.40 18.01
N ASP C 186 -13.48 -18.31 18.96
CA ASP C 186 -14.59 -17.37 18.87
C ASP C 186 -14.01 -15.98 19.08
N VAL C 187 -14.14 -15.07 18.11
CA VAL C 187 -13.66 -13.72 18.42
C VAL C 187 -14.81 -12.71 18.43
N TRP C 188 -16.05 -13.19 18.58
CA TRP C 188 -17.16 -12.31 18.98
C TRP C 188 -16.75 -11.66 20.30
N GLU C 189 -17.17 -10.42 20.51
CA GLU C 189 -16.87 -9.71 21.74
C GLU C 189 -17.44 -10.42 22.98
N HIS C 190 -18.60 -11.08 22.87
CA HIS C 190 -19.11 -11.80 24.05
C HIS C 190 -18.22 -12.97 24.46
N ALA C 191 -17.29 -13.36 23.60
CA ALA C 191 -16.38 -14.43 23.98
C ALA C 191 -15.28 -13.93 24.95
N TYR C 192 -15.13 -12.62 25.08
CA TYR C 192 -14.00 -12.12 25.86
C TYR C 192 -14.21 -10.79 26.60
N TYR C 193 -15.28 -10.08 26.26
CA TYR C 193 -15.38 -8.69 26.67
C TYR C 193 -15.43 -8.47 28.19
N LEU C 194 -16.15 -9.31 28.92
CA LEU C 194 -16.26 -9.16 30.35
C LEU C 194 -14.92 -9.24 31.07
N GLN C 195 -13.97 -9.97 30.48
CA GLN C 195 -12.70 -10.24 31.10
C GLN C 195 -11.58 -9.36 30.52
N TYR C 196 -11.54 -9.26 29.20
CA TYR C 196 -10.46 -8.56 28.53
C TYR C 196 -10.86 -7.23 27.91
N LYS C 197 -12.14 -6.90 28.05
CA LYS C 197 -12.68 -5.67 27.48
C LYS C 197 -12.35 -5.57 26.00
N ASN C 198 -11.90 -4.38 25.59
CA ASN C 198 -11.50 -4.11 24.22
C ASN C 198 -10.26 -4.86 23.75
N VAL C 199 -9.46 -5.41 24.66
CA VAL C 199 -8.14 -5.94 24.28
C VAL C 199 -8.21 -7.40 23.79
N ARG C 200 -8.80 -7.59 22.60
CA ARG C 200 -8.86 -8.89 21.95
C ARG C 200 -7.48 -9.59 21.83
N PRO C 201 -6.40 -8.82 21.56
CA PRO C 201 -5.12 -9.54 21.47
C PRO C 201 -4.71 -10.22 22.78
N GLU C 202 -5.11 -9.67 23.92
CA GLU C 202 -4.74 -10.30 25.18
C GLU C 202 -5.53 -11.60 25.35
N TYR C 203 -6.81 -11.57 24.99
CA TYR C 203 -7.64 -12.78 24.94
C TYR C 203 -7.02 -13.83 24.03
N LEU C 204 -6.60 -13.40 22.84
CA LEU C 204 -5.98 -14.31 21.88
C LEU C 204 -4.63 -14.82 22.34
N LYS C 205 -3.96 -14.07 23.20
CA LYS C 205 -2.72 -14.55 23.80
C LYS C 205 -3.02 -15.71 24.76
N ASN C 206 -4.05 -15.55 25.59
CA ASN C 206 -4.29 -16.50 26.67
C ASN C 206 -5.13 -17.72 26.26
N VAL C 207 -5.92 -17.60 25.20
CA VAL C 207 -6.82 -18.68 24.82
C VAL C 207 -6.00 -19.93 24.49
N TRP C 208 -4.76 -19.74 24.05
CA TRP C 208 -3.89 -20.86 23.70
C TRP C 208 -3.53 -21.74 24.89
N LYS C 209 -3.73 -21.24 26.11
CA LYS C 209 -3.46 -22.06 27.30
C LYS C 209 -4.49 -23.18 27.47
N VAL C 210 -5.68 -22.99 26.91
CA VAL C 210 -6.72 -23.98 27.10
C VAL C 210 -7.23 -24.59 25.76
N ILE C 211 -6.44 -24.45 24.71
CA ILE C 211 -6.79 -25.09 23.45
C ILE C 211 -6.54 -26.59 23.57
N ASN C 212 -7.57 -27.36 23.21
CA ASN C 212 -7.55 -28.80 23.30
C ASN C 212 -7.02 -29.40 22.00
N TRP C 213 -5.70 -29.54 21.90
CA TRP C 213 -5.09 -30.07 20.70
C TRP C 213 -5.35 -31.59 20.55
N LYS C 214 -5.74 -32.24 21.63
CA LYS C 214 -6.13 -33.64 21.56
C LYS C 214 -7.39 -33.79 20.70
N TYR C 215 -8.37 -32.90 20.91
CA TYR C 215 -9.55 -32.92 20.06
C TYR C 215 -9.18 -32.70 18.59
N ALA C 216 -8.38 -31.67 18.31
CA ALA C 216 -7.97 -31.36 16.93
C ALA C 216 -7.26 -32.54 16.25
N SER C 217 -6.38 -33.23 17.00
CA SER C 217 -5.65 -34.40 16.47
C SER C 217 -6.59 -35.54 16.10
N GLU C 218 -7.52 -35.85 16.98
CA GLU C 218 -8.53 -36.90 16.75
C GLU C 218 -9.37 -36.60 15.51
N VAL C 219 -9.81 -35.36 15.39
CA VAL C 219 -10.61 -34.93 14.25
C VAL C 219 -9.78 -35.02 12.97
N TYR C 220 -8.53 -34.59 13.06
CA TYR C 220 -7.60 -34.66 11.94
C TYR C 220 -7.46 -36.10 11.45
N GLU C 221 -7.27 -37.02 12.39
CA GLU C 221 -7.03 -38.44 12.13
C GLU C 221 -8.18 -39.17 11.45
N LYS C 222 -9.42 -38.82 11.76
CA LYS C 222 -10.56 -39.50 11.15
C LYS C 222 -11.24 -38.64 10.07
N GLU C 223 -10.80 -37.39 9.99
CA GLU C 223 -11.25 -36.36 9.03
C GLU C 223 -12.70 -35.89 9.15
N ASN C 224 -13.27 -35.98 10.35
CA ASN C 224 -14.59 -35.42 10.62
C ASN C 224 -14.73 -34.96 12.07
N MET D 23 -6.54 -10.25 45.57
CA MET D 23 -5.95 -11.36 46.33
C MET D 23 -5.38 -12.42 45.38
N THR D 24 -5.80 -12.38 44.12
CA THR D 24 -5.33 -13.34 43.11
C THR D 24 -4.07 -12.87 42.38
N PHE D 25 -3.29 -13.82 41.86
CA PHE D 25 -2.10 -13.48 41.10
C PHE D 25 -2.28 -13.95 39.68
N THR D 26 -1.61 -13.29 38.75
CA THR D 26 -1.66 -13.67 37.34
C THR D 26 -0.23 -13.89 36.84
N LEU D 27 -0.09 -14.67 35.78
CA LEU D 27 1.21 -14.90 35.16
C LEU D 27 1.75 -13.59 34.57
N PRO D 28 2.92 -13.13 35.03
CA PRO D 28 3.47 -11.93 34.37
C PRO D 28 4.00 -12.20 32.95
N ASP D 29 3.90 -11.20 32.08
CA ASP D 29 4.56 -11.25 30.78
C ASP D 29 6.06 -11.27 30.98
N LEU D 30 6.78 -11.91 30.06
CA LEU D 30 8.24 -11.74 30.06
C LEU D 30 8.55 -10.36 29.56
N PRO D 31 9.70 -9.79 29.97
CA PRO D 31 10.02 -8.49 29.38
C PRO D 31 10.65 -8.59 27.98
N TYR D 32 10.68 -9.79 27.40
CA TYR D 32 11.29 -10.08 26.08
C TYR D 32 10.54 -11.23 25.45
N ASP D 33 10.77 -11.43 24.14
CA ASP D 33 10.21 -12.53 23.40
C ASP D 33 10.79 -13.84 23.88
N TYR D 34 10.05 -14.94 23.74
CA TYR D 34 10.51 -16.26 24.19
C TYR D 34 11.88 -16.66 23.65
N GLY D 35 12.20 -16.23 22.43
CA GLY D 35 13.44 -16.61 21.77
C GLY D 35 14.59 -15.63 21.95
N ALA D 36 14.37 -14.58 22.73
CA ALA D 36 15.35 -13.51 22.80
C ALA D 36 16.59 -13.87 23.62
N LEU D 37 16.57 -14.96 24.39
CA LEU D 37 17.74 -15.26 25.21
C LEU D 37 18.64 -16.31 24.53
N GLU D 38 18.30 -16.73 23.32
CA GLU D 38 19.18 -17.65 22.59
C GLU D 38 20.46 -16.93 22.21
N PRO D 39 21.58 -17.67 22.13
CA PRO D 39 21.65 -19.13 22.29
C PRO D 39 21.74 -19.61 23.74
N ALA D 40 21.89 -18.74 24.74
CA ALA D 40 22.12 -19.28 26.10
C ALA D 40 20.97 -20.18 26.60
N ILE D 41 19.74 -19.70 26.43
CA ILE D 41 18.57 -20.45 26.81
C ILE D 41 17.63 -20.49 25.61
N SER D 42 17.28 -21.69 25.14
CA SER D 42 16.44 -21.82 23.93
C SER D 42 15.02 -21.32 24.10
N GLY D 43 14.42 -20.88 23.01
CA GLY D 43 13.05 -20.39 23.01
C GLY D 43 12.07 -21.45 23.45
N GLU D 44 12.38 -22.72 23.17
CA GLU D 44 11.51 -23.82 23.57
C GLU D 44 11.43 -23.95 25.08
N ILE D 45 12.58 -23.88 25.75
CA ILE D 45 12.59 -23.95 27.21
C ILE D 45 11.83 -22.74 27.76
N MET D 46 12.19 -21.54 27.32
CA MET D 46 11.56 -20.32 27.84
C MET D 46 10.02 -20.36 27.76
N GLN D 47 9.50 -20.83 26.63
CA GLN D 47 8.05 -20.86 26.44
C GLN D 47 7.39 -21.82 27.41
N ILE D 48 7.87 -23.07 27.46
CA ILE D 48 7.30 -24.04 28.38
C ILE D 48 7.48 -23.67 29.87
N HIS D 49 8.66 -23.17 30.18
CA HIS D 49 9.02 -22.76 31.54
C HIS D 49 8.05 -21.69 32.05
N HIS D 50 7.77 -20.75 31.17
CA HIS D 50 6.85 -19.65 31.43
C HIS D 50 5.36 -20.08 31.44
N GLN D 51 4.93 -20.61 30.29
CA GLN D 51 3.51 -20.84 30.03
C GLN D 51 2.99 -22.05 30.75
N LYS D 52 3.88 -22.99 31.04
CA LYS D 52 3.42 -24.19 31.73
C LYS D 52 3.86 -24.21 33.19
N HIS D 53 5.17 -24.13 33.47
CA HIS D 53 5.63 -24.31 34.85
C HIS D 53 5.24 -23.15 35.75
N HIS D 54 5.60 -21.94 35.36
CA HIS D 54 5.27 -20.79 36.17
C HIS D 54 3.77 -20.64 36.28
N GLN D 55 3.08 -20.79 35.15
CA GLN D 55 1.64 -20.68 35.14
C GLN D 55 1.02 -21.63 36.16
N ALA D 56 1.54 -22.86 36.25
CA ALA D 56 1.02 -23.82 37.23
C ALA D 56 1.24 -23.35 38.67
N TYR D 57 2.42 -22.81 38.97
CA TYR D 57 2.68 -22.26 40.29
C TYR D 57 1.69 -21.14 40.61
N VAL D 58 1.45 -20.25 39.65
CA VAL D 58 0.48 -19.16 39.88
C VAL D 58 -0.92 -19.69 40.21
N THR D 59 -1.41 -20.59 39.38
CA THR D 59 -2.76 -21.09 39.57
C THR D 59 -2.93 -21.93 40.85
N ASN D 60 -1.96 -22.80 41.12
CA ASN D 60 -2.02 -23.63 42.30
C ASN D 60 -1.77 -22.79 43.57
N TYR D 61 -1.02 -21.70 43.46
CA TYR D 61 -0.92 -20.76 44.59
C TYR D 61 -2.29 -20.09 44.83
N ASN D 62 -2.93 -19.62 43.75
CA ASN D 62 -4.27 -19.06 43.90
C ASN D 62 -5.24 -19.99 44.59
N ASN D 63 -5.23 -21.25 44.15
CA ASN D 63 -6.08 -22.27 44.75
C ASN D 63 -5.72 -22.52 46.22
N ALA D 64 -4.43 -22.52 46.55
CA ALA D 64 -4.03 -22.76 47.92
C ALA D 64 -4.47 -21.62 48.83
N LEU D 65 -4.38 -20.39 48.33
CA LEU D 65 -4.80 -19.20 49.08
C LEU D 65 -6.30 -19.21 49.36
N GLU D 66 -7.12 -19.62 48.40
CA GLU D 66 -8.57 -19.66 48.63
C GLU D 66 -8.87 -20.62 49.75
N GLN D 67 -8.22 -21.79 49.73
CA GLN D 67 -8.40 -22.73 50.80
C GLN D 67 -7.83 -22.21 52.12
N LEU D 68 -6.68 -21.54 52.07
CA LEU D 68 -6.04 -21.01 53.27
C LEU D 68 -6.95 -19.98 53.95
N ASP D 69 -7.47 -19.07 53.15
CA ASP D 69 -8.38 -18.02 53.61
C ASP D 69 -9.57 -18.61 54.35
N GLN D 70 -10.17 -19.64 53.76
CA GLN D 70 -11.27 -20.39 54.34
C GLN D 70 -10.87 -21.06 55.65
N ALA D 71 -9.76 -21.81 55.64
CA ALA D 71 -9.27 -22.49 56.84
C ALA D 71 -9.00 -21.48 57.94
N VAL D 72 -8.39 -20.36 57.55
CA VAL D 72 -8.03 -19.32 58.51
C VAL D 72 -9.29 -18.70 59.12
N ASN D 73 -10.31 -18.47 58.30
CA ASN D 73 -11.53 -17.85 58.82
C ASN D 73 -12.28 -18.75 59.77
N LYS D 74 -12.31 -20.04 59.47
CA LYS D 74 -13.03 -21.01 60.28
C LYS D 74 -12.31 -21.44 61.55
N GLY D 75 -11.06 -21.02 61.69
CA GLY D 75 -10.24 -21.44 62.82
C GLY D 75 -9.81 -22.90 62.73
N ASP D 76 -9.61 -23.38 61.51
CA ASP D 76 -9.17 -24.76 61.26
C ASP D 76 -7.65 -24.80 61.18
N ALA D 77 -7.00 -24.89 62.35
CA ALA D 77 -5.54 -24.79 62.47
C ALA D 77 -4.82 -25.89 61.74
N SER D 78 -5.38 -27.10 61.85
CA SER D 78 -4.80 -28.24 61.21
C SER D 78 -4.70 -28.02 59.68
N THR D 79 -5.77 -27.50 59.08
CA THR D 79 -5.80 -27.32 57.62
C THR D 79 -4.89 -26.17 57.21
N VAL D 80 -4.83 -25.13 58.04
CA VAL D 80 -3.90 -24.04 57.83
C VAL D 80 -2.47 -24.58 57.74
N VAL D 81 -2.12 -25.47 58.67
CA VAL D 81 -0.77 -26.03 58.69
C VAL D 81 -0.57 -27.01 57.53
N LYS D 82 -1.58 -27.81 57.25
CA LYS D 82 -1.53 -28.75 56.16
C LYS D 82 -1.23 -28.03 54.84
N LEU D 83 -1.80 -26.85 54.70
CA LEU D 83 -1.62 -26.10 53.47
C LEU D 83 -0.26 -25.42 53.29
N GLN D 84 0.58 -25.36 54.32
CA GLN D 84 1.83 -24.59 54.19
C GLN D 84 2.77 -25.16 53.12
N SER D 85 2.74 -26.47 52.91
CA SER D 85 3.54 -27.12 51.88
C SER D 85 3.14 -26.56 50.49
N ALA D 86 1.85 -26.57 50.20
CA ALA D 86 1.34 -26.05 48.93
C ALA D 86 1.57 -24.53 48.82
N ILE D 87 1.42 -23.83 49.93
CA ILE D 87 1.59 -22.39 49.92
C ILE D 87 3.04 -22.06 49.61
N LYS D 88 3.95 -22.71 50.35
CA LYS D 88 5.37 -22.46 50.19
C LYS D 88 5.86 -22.84 48.81
N PHE D 89 5.42 -23.99 48.33
CA PHE D 89 5.89 -24.50 47.03
C PHE D 89 5.41 -23.63 45.92
N ASN D 90 4.11 -23.35 45.91
CA ASN D 90 3.54 -22.61 44.78
C ASN D 90 3.71 -21.11 44.92
N GLY D 91 3.69 -20.63 46.17
CA GLY D 91 3.99 -19.23 46.40
C GLY D 91 5.44 -18.93 46.04
N GLY D 92 6.34 -19.78 46.51
CA GLY D 92 7.77 -19.64 46.25
C GLY D 92 8.03 -19.73 44.76
N GLY D 93 7.34 -20.66 44.11
CA GLY D 93 7.47 -20.82 42.68
C GLY D 93 7.17 -19.53 41.95
N HIS D 94 6.10 -18.88 42.37
CA HIS D 94 5.69 -17.65 41.74
C HIS D 94 6.72 -16.57 41.98
N VAL D 95 7.08 -16.41 43.24
CA VAL D 95 8.07 -15.44 43.63
C VAL D 95 9.38 -15.64 42.87
N ASN D 96 9.87 -16.88 42.90
CA ASN D 96 11.15 -17.18 42.31
C ASN D 96 11.17 -16.99 40.79
N HIS D 97 10.15 -17.48 40.09
CA HIS D 97 10.15 -17.33 38.63
C HIS D 97 9.88 -15.87 38.22
N SER D 98 9.08 -15.16 39.00
CA SER D 98 8.88 -13.74 38.70
C SER D 98 10.18 -12.96 38.73
N ILE D 99 11.02 -13.24 39.74
CA ILE D 99 12.34 -12.62 39.82
C ILE D 99 13.27 -13.11 38.69
N PHE D 100 13.31 -14.42 38.48
CA PHE D 100 14.15 -15.03 37.44
C PHE D 100 13.98 -14.36 36.07
N TRP D 101 12.73 -14.19 35.60
CA TRP D 101 12.50 -13.55 34.30
C TRP D 101 13.08 -12.18 34.27
N LYS D 102 12.93 -11.46 35.37
CA LYS D 102 13.45 -10.09 35.41
C LYS D 102 14.96 -10.01 35.58
N ASN D 103 15.59 -11.04 36.16
CA ASN D 103 17.03 -10.92 36.26
C ASN D 103 17.70 -11.59 35.06
N LEU D 104 16.95 -11.76 33.98
CA LEU D 104 17.51 -12.17 32.67
C LEU D 104 17.28 -11.07 31.64
N ALA D 105 18.15 -10.97 30.63
CA ALA D 105 17.96 -10.03 29.50
C ALA D 105 18.72 -10.45 28.25
N PRO D 106 18.18 -10.12 27.06
CA PRO D 106 18.91 -10.40 25.81
C PRO D 106 20.29 -9.75 25.82
N SER D 107 21.29 -10.46 25.31
CA SER D 107 22.68 -9.96 25.28
C SER D 107 22.78 -8.61 24.60
N SER D 108 21.88 -8.36 23.65
CA SER D 108 21.86 -7.11 22.90
C SER D 108 21.15 -5.99 23.68
N GLU D 109 20.49 -6.34 24.79
CA GLU D 109 19.82 -5.32 25.58
C GLU D 109 20.44 -5.17 26.98
N GLY D 110 21.68 -5.61 27.13
CA GLY D 110 22.40 -5.45 28.38
C GLY D 110 22.65 -6.74 29.14
N GLY D 111 22.00 -7.83 28.74
CA GLY D 111 22.24 -9.13 29.34
C GLY D 111 23.70 -9.51 29.22
N GLY D 112 24.28 -9.97 30.32
CA GLY D 112 25.66 -10.38 30.33
C GLY D 112 26.60 -9.20 30.52
N GLU D 113 26.07 -7.97 30.51
CA GLU D 113 26.95 -6.82 30.81
C GLU D 113 27.13 -6.67 32.31
N PRO D 114 28.40 -6.57 32.74
CA PRO D 114 28.80 -6.55 34.15
C PRO D 114 28.15 -5.40 34.88
N PRO D 115 27.92 -5.56 36.19
CA PRO D 115 27.33 -4.51 37.00
C PRO D 115 28.28 -3.35 37.25
N LYS D 116 27.71 -2.16 37.14
CA LYS D 116 28.36 -0.92 37.46
C LYS D 116 27.79 -0.39 38.76
N GLY D 117 28.20 0.81 39.12
CA GLY D 117 27.69 1.48 40.31
C GLY D 117 28.04 0.74 41.58
N SER D 118 27.18 0.85 42.59
CA SER D 118 27.49 0.35 43.92
C SER D 118 27.56 -1.17 44.01
N LEU D 119 26.64 -1.88 43.33
CA LEU D 119 26.63 -3.35 43.37
C LEU D 119 27.93 -3.90 42.81
N GLY D 120 28.35 -3.33 41.68
CA GLY D 120 29.60 -3.72 41.07
C GLY D 120 30.73 -3.56 42.07
N SER D 121 30.72 -2.44 42.78
CA SER D 121 31.66 -2.19 43.85
C SER D 121 31.52 -3.24 44.94
N ALA D 122 30.27 -3.44 45.38
CA ALA D 122 29.95 -4.42 46.42
C ALA D 122 30.36 -5.84 46.03
N ILE D 123 30.22 -6.19 44.76
CA ILE D 123 30.59 -7.54 44.35
C ILE D 123 32.10 -7.74 44.47
N ASP D 124 32.88 -6.76 44.03
CA ASP D 124 34.33 -6.84 44.15
C ASP D 124 34.75 -6.96 45.62
N ALA D 125 34.10 -6.21 46.50
CA ALA D 125 34.44 -6.21 47.92
C ALA D 125 34.22 -7.57 48.58
N HIS D 126 33.12 -8.24 48.22
CA HIS D 126 32.73 -9.45 48.90
C HIS D 126 33.26 -10.72 48.27
N PHE D 127 33.46 -10.69 46.94
CA PHE D 127 33.84 -11.90 46.20
C PHE D 127 35.14 -11.72 45.43
N GLY D 128 35.79 -10.57 45.61
CA GLY D 128 37.04 -10.31 44.94
C GLY D 128 36.88 -9.69 43.57
N SER D 129 36.01 -10.31 42.77
CA SER D 129 35.70 -9.81 41.43
C SER D 129 34.40 -10.44 40.99
N LEU D 130 33.86 -9.92 39.90
CA LEU D 130 32.68 -10.52 39.28
C LEU D 130 32.97 -11.97 38.89
N GLU D 131 34.18 -12.23 38.41
CA GLU D 131 34.51 -13.58 37.99
C GLU D 131 34.55 -14.52 39.20
N GLY D 132 35.01 -14.00 40.34
CA GLY D 132 34.93 -14.76 41.59
C GLY D 132 33.49 -15.16 41.94
N LEU D 133 32.57 -14.20 41.84
CA LEU D 133 31.17 -14.44 42.12
C LEU D 133 30.61 -15.48 41.16
N VAL D 134 30.95 -15.34 39.88
CA VAL D 134 30.46 -16.25 38.86
C VAL D 134 30.92 -17.67 39.11
N LYS D 135 32.19 -17.85 39.48
CA LYS D 135 32.70 -19.17 39.82
C LYS D 135 31.94 -19.74 41.02
N LYS D 136 31.75 -18.91 42.03
CA LYS D 136 31.07 -19.34 43.25
C LYS D 136 29.63 -19.80 43.00
N MET D 137 28.84 -18.97 42.32
CA MET D 137 27.45 -19.33 42.05
C MET D 137 27.38 -20.54 41.12
N SER D 138 28.32 -20.63 40.17
CA SER D 138 28.36 -21.77 39.26
C SER D 138 28.62 -23.08 40.01
N ALA D 139 29.56 -23.07 40.93
CA ALA D 139 29.90 -24.24 41.73
C ALA D 139 28.71 -24.67 42.58
N GLU D 140 28.11 -23.71 43.27
CA GLU D 140 26.95 -23.95 44.12
C GLU D 140 25.77 -24.49 43.28
N GLY D 141 25.55 -23.91 42.10
CA GLY D 141 24.50 -24.41 41.22
C GLY D 141 24.74 -25.84 40.80
N ALA D 142 25.98 -26.15 40.44
CA ALA D 142 26.32 -27.49 39.98
C ALA D 142 26.16 -28.53 41.08
N ALA D 143 26.35 -28.11 42.33
CA ALA D 143 26.31 -29.01 43.46
C ALA D 143 24.92 -29.20 44.08
N VAL D 144 23.90 -28.48 43.62
CA VAL D 144 22.55 -28.66 44.16
C VAL D 144 22.06 -30.09 43.90
N GLN D 145 21.66 -30.80 44.95
CA GLN D 145 21.16 -32.17 44.80
C GLN D 145 19.68 -32.10 44.52
N GLY D 146 19.26 -32.62 43.37
CA GLY D 146 17.87 -32.48 42.95
C GLY D 146 17.55 -31.10 42.40
N SER D 147 16.36 -30.60 42.74
CA SER D 147 15.81 -29.36 42.18
C SER D 147 16.08 -28.18 43.09
N GLY D 148 16.36 -27.02 42.51
CA GLY D 148 16.56 -25.84 43.35
C GLY D 148 17.00 -24.58 42.64
N TRP D 149 17.51 -23.66 43.45
CA TRP D 149 17.90 -22.33 43.00
C TRP D 149 19.25 -21.95 43.60
N VAL D 150 20.07 -21.21 42.85
CA VAL D 150 21.23 -20.54 43.46
C VAL D 150 20.96 -19.02 43.44
N TRP D 151 21.32 -18.33 44.52
CA TRP D 151 21.00 -16.92 44.66
C TRP D 151 22.23 -16.04 44.95
N LEU D 152 22.23 -14.83 44.37
CA LEU D 152 22.96 -13.69 44.94
C LEU D 152 21.95 -12.90 45.74
N GLY D 153 22.24 -12.68 47.00
CA GLY D 153 21.31 -11.95 47.83
C GLY D 153 21.99 -10.83 48.56
N LEU D 154 21.18 -9.87 48.97
CA LEU D 154 21.62 -8.79 49.84
C LEU D 154 21.09 -9.05 51.25
N ASP D 155 21.99 -9.14 52.23
CA ASP D 155 21.58 -9.22 53.63
C ASP D 155 21.36 -7.79 54.12
N LYS D 156 20.10 -7.38 54.25
CA LYS D 156 19.81 -6.02 54.68
C LYS D 156 20.26 -5.75 56.11
N GLU D 157 20.28 -6.78 56.92
CA GLU D 157 20.65 -6.63 58.33
C GLU D 157 22.14 -6.33 58.48
N LEU D 158 22.97 -7.23 57.97
CA LEU D 158 24.42 -7.17 58.12
C LEU D 158 25.08 -6.30 57.06
N LYS D 159 24.28 -5.78 56.14
CA LYS D 159 24.75 -4.97 55.01
C LYS D 159 25.78 -5.69 54.12
N LYS D 160 25.51 -6.95 53.79
CA LYS D 160 26.47 -7.76 53.04
C LYS D 160 25.79 -8.52 51.90
N LEU D 161 26.57 -8.86 50.90
CA LEU D 161 26.10 -9.71 49.82
C LEU D 161 26.36 -11.16 50.21
N VAL D 162 25.47 -12.06 49.82
CA VAL D 162 25.63 -13.49 50.07
C VAL D 162 25.29 -14.35 48.87
N VAL D 163 25.85 -15.55 48.84
CA VAL D 163 25.47 -16.59 47.92
C VAL D 163 24.89 -17.75 48.69
N ASP D 164 23.74 -18.27 48.25
CA ASP D 164 23.14 -19.39 48.95
C ASP D 164 22.28 -20.14 47.95
N THR D 165 21.87 -21.34 48.32
CA THR D 165 20.97 -22.11 47.49
C THR D 165 19.70 -22.35 48.25
N THR D 166 18.58 -22.54 47.55
CA THR D 166 17.39 -23.05 48.20
C THR D 166 16.93 -24.30 47.47
N ALA D 167 16.19 -25.15 48.19
CA ALA D 167 15.69 -26.38 47.62
C ALA D 167 14.31 -26.18 47.00
N ASN D 168 14.06 -26.92 45.93
CA ASN D 168 12.74 -26.90 45.26
C ASN D 168 12.27 -25.50 44.86
N GLN D 169 11.13 -25.05 45.38
CA GLN D 169 10.72 -23.69 45.10
C GLN D 169 10.81 -22.81 46.34
N ASP D 170 11.58 -23.20 47.35
CA ASP D 170 11.73 -22.33 48.53
C ASP D 170 12.36 -21.01 48.11
N PRO D 171 11.73 -19.88 48.50
CA PRO D 171 12.42 -18.65 48.10
C PRO D 171 13.57 -18.32 49.05
N LEU D 172 14.48 -17.45 48.62
CA LEU D 172 15.63 -17.06 49.44
C LEU D 172 15.22 -16.52 50.84
N VAL D 173 14.06 -15.87 50.97
CA VAL D 173 13.70 -15.32 52.29
C VAL D 173 13.47 -16.42 53.34
N THR D 174 13.35 -17.69 52.94
CA THR D 174 13.23 -18.78 53.93
C THR D 174 14.58 -19.10 54.57
N LYS D 175 15.67 -18.58 54.00
CA LYS D 175 16.99 -18.72 54.57
C LYS D 175 17.35 -17.54 55.49
N GLY D 176 16.51 -16.52 55.50
CA GLY D 176 16.78 -15.37 56.34
C GLY D 176 15.82 -14.28 55.99
N GLY D 177 15.08 -13.82 57.01
CA GLY D 177 14.02 -12.86 56.81
C GLY D 177 14.47 -11.52 56.26
N SER D 178 15.76 -11.19 56.40
CA SER D 178 16.26 -9.90 55.93
C SER D 178 16.99 -10.00 54.59
N LEU D 179 16.93 -11.16 53.95
CA LEU D 179 17.59 -11.36 52.64
C LEU D 179 16.71 -10.83 51.53
N VAL D 180 17.34 -10.19 50.55
CA VAL D 180 16.67 -9.76 49.32
C VAL D 180 17.39 -10.38 48.12
N PRO D 181 16.67 -11.17 47.32
CA PRO D 181 17.32 -11.79 46.15
C PRO D 181 17.64 -10.76 45.08
N LEU D 182 18.87 -10.78 44.58
CA LEU D 182 19.30 -9.88 43.50
C LEU D 182 19.35 -10.59 42.13
N VAL D 183 19.93 -11.78 42.14
CA VAL D 183 20.01 -12.64 40.96
C VAL D 183 19.69 -14.06 41.41
N GLY D 184 18.76 -14.71 40.71
CA GLY D 184 18.51 -16.12 40.93
C GLY D 184 18.84 -16.93 39.68
N ILE D 185 19.42 -18.13 39.86
CA ILE D 185 19.56 -19.04 38.71
C ILE D 185 18.85 -20.35 39.03
N ASP D 186 17.85 -20.64 38.21
CA ASP D 186 17.02 -21.85 38.35
C ASP D 186 17.85 -23.09 37.97
N VAL D 187 18.02 -24.06 38.87
CA VAL D 187 18.75 -25.29 38.44
C VAL D 187 17.87 -26.53 38.53
N TRP D 188 16.55 -26.33 38.55
CA TRP D 188 15.64 -27.44 38.23
C TRP D 188 16.01 -27.96 36.85
N GLU D 189 15.88 -29.26 36.63
CA GLU D 189 16.19 -29.84 35.33
C GLU D 189 15.34 -29.22 34.23
N HIS D 190 14.11 -28.80 34.56
CA HIS D 190 13.27 -28.19 33.52
C HIS D 190 13.81 -26.86 33.02
N ALA D 191 14.75 -26.28 33.74
CA ALA D 191 15.34 -25.02 33.30
C ALA D 191 16.39 -25.20 32.19
N TYR D 192 16.87 -26.42 31.97
CA TYR D 192 17.96 -26.62 31.01
C TYR D 192 17.93 -27.91 30.23
N TYR D 193 17.11 -28.87 30.63
CA TYR D 193 17.31 -30.20 30.10
C TYR D 193 17.10 -30.34 28.58
N LEU D 194 16.11 -29.65 28.02
CA LEU D 194 15.82 -29.75 26.59
C LEU D 194 17.01 -29.31 25.75
N GLN D 195 17.83 -28.42 26.30
CA GLN D 195 18.95 -27.88 25.55
C GLN D 195 20.26 -28.56 25.95
N TYR D 196 20.50 -28.65 27.25
CA TYR D 196 21.77 -29.11 27.73
C TYR D 196 21.74 -30.51 28.30
N LYS D 197 20.55 -31.11 28.32
CA LYS D 197 20.39 -32.42 28.95
C LYS D 197 21.01 -32.50 30.33
N ASN D 198 21.73 -33.57 30.61
CA ASN D 198 22.37 -33.79 31.91
C ASN D 198 23.48 -32.79 32.25
N VAL D 199 23.95 -32.05 31.27
CA VAL D 199 25.14 -31.23 31.50
C VAL D 199 24.78 -29.88 32.13
N ARG D 200 24.39 -29.91 33.40
CA ARG D 200 24.10 -28.67 34.10
C ARG D 200 25.26 -27.65 34.10
N PRO D 201 26.54 -28.10 34.23
CA PRO D 201 27.58 -27.06 34.20
C PRO D 201 27.63 -26.25 32.88
N GLU D 202 27.25 -26.86 31.77
CA GLU D 202 27.26 -26.12 30.50
C GLU D 202 26.16 -25.07 30.51
N TYR D 203 24.99 -25.43 31.02
CA TYR D 203 23.93 -24.45 31.25
C TYR D 203 24.42 -23.29 32.12
N LEU D 204 25.04 -23.64 33.24
CA LEU D 204 25.53 -22.68 34.21
C LEU D 204 26.69 -21.83 33.67
N LYS D 205 27.37 -22.33 32.65
CA LYS D 205 28.39 -21.55 31.97
C LYS D 205 27.78 -20.45 31.10
N ASN D 206 26.71 -20.80 30.39
CA ASN D 206 26.15 -19.90 29.39
C ASN D 206 25.15 -18.94 29.98
N VAL D 207 24.54 -19.28 31.09
CA VAL D 207 23.47 -18.43 31.59
C VAL D 207 24.03 -17.04 31.90
N TRP D 208 25.34 -16.95 32.18
CA TRP D 208 25.94 -15.64 32.51
C TRP D 208 25.90 -14.66 31.32
N LYS D 209 25.71 -15.19 30.12
CA LYS D 209 25.61 -14.37 28.93
C LYS D 209 24.33 -13.53 28.90
N VAL D 210 23.32 -13.96 29.65
CA VAL D 210 22.05 -13.24 29.67
C VAL D 210 21.55 -12.79 31.07
N ILE D 211 22.43 -12.75 32.06
CA ILE D 211 22.05 -12.22 33.37
C ILE D 211 21.89 -10.71 33.26
N ASN D 212 20.75 -10.21 33.71
CA ASN D 212 20.48 -8.78 33.68
C ASN D 212 21.05 -8.11 34.95
N TRP D 213 22.32 -7.68 34.89
CA TRP D 213 22.92 -7.02 36.06
C TRP D 213 22.33 -5.64 36.32
N LYS D 214 21.65 -5.08 35.33
CA LYS D 214 20.93 -3.80 35.53
C LYS D 214 19.78 -3.96 36.55
N TYR D 215 18.97 -5.01 36.38
CA TYR D 215 17.94 -5.32 37.35
C TYR D 215 18.51 -5.57 38.77
N ALA D 216 19.55 -6.39 38.88
CA ALA D 216 20.17 -6.66 40.19
C ALA D 216 20.62 -5.38 40.86
N SER D 217 21.23 -4.50 40.08
CA SER D 217 21.75 -3.23 40.60
C SER D 217 20.62 -2.36 41.17
N GLU D 218 19.52 -2.24 40.43
CA GLU D 218 18.34 -1.49 40.88
C GLU D 218 17.75 -2.07 42.17
N VAL D 219 17.68 -3.39 42.25
CA VAL D 219 17.21 -4.04 43.48
C VAL D 219 18.17 -3.74 44.63
N TYR D 220 19.46 -3.83 44.34
CA TYR D 220 20.48 -3.56 45.35
C TYR D 220 20.31 -2.14 45.93
N GLU D 221 20.15 -1.17 45.03
CA GLU D 221 20.00 0.25 45.38
C GLU D 221 18.73 0.55 46.17
N LYS D 222 17.66 -0.19 45.87
CA LYS D 222 16.36 0.03 46.49
C LYS D 222 16.03 -0.97 47.60
N GLU D 223 16.78 -2.07 47.67
CA GLU D 223 16.57 -3.15 48.65
C GLU D 223 15.19 -3.78 48.50
N ASN D 224 14.66 -3.78 47.28
CA ASN D 224 13.43 -4.51 47.02
C ASN D 224 13.36 -5.04 45.58
N ASN D 225 12.66 -6.15 45.38
CA ASN D 225 12.54 -6.76 44.05
C ASN D 225 11.48 -6.11 43.15
N MET E 23 26.38 3.33 -47.92
CA MET E 23 26.64 3.92 -46.61
C MET E 23 25.37 4.20 -45.81
N THR E 24 25.36 3.75 -44.55
CA THR E 24 24.28 4.07 -43.60
C THR E 24 24.62 5.30 -42.78
N PHE E 25 23.61 5.94 -42.22
CA PHE E 25 23.79 7.19 -41.48
C PHE E 25 23.52 7.08 -39.96
N THR E 26 24.08 8.02 -39.19
CA THR E 26 23.85 8.06 -37.74
C THR E 26 23.27 9.40 -37.34
N LEU E 27 22.57 9.44 -36.21
CA LEU E 27 22.03 10.68 -35.69
C LEU E 27 23.20 11.58 -35.25
N PRO E 28 23.30 12.79 -35.84
CA PRO E 28 24.40 13.66 -35.40
C PRO E 28 24.17 14.25 -34.01
N ASP E 29 25.24 14.47 -33.27
CA ASP E 29 25.16 15.20 -32.00
C ASP E 29 24.72 16.64 -32.23
N LEU E 30 23.93 17.18 -31.32
CA LEU E 30 23.71 18.61 -31.32
C LEU E 30 25.01 19.27 -30.85
N PRO E 31 25.27 20.48 -31.32
CA PRO E 31 26.43 21.23 -30.79
C PRO E 31 26.16 21.90 -29.42
N TYR E 32 25.07 21.57 -28.73
CA TYR E 32 24.74 22.14 -27.42
C TYR E 32 23.85 21.17 -26.64
N ASP E 33 23.66 21.41 -25.34
CA ASP E 33 22.73 20.60 -24.54
C ASP E 33 21.29 20.83 -25.00
N TYR E 34 20.42 19.84 -24.76
CA TYR E 34 19.00 19.93 -25.16
C TYR E 34 18.31 21.18 -24.63
N GLY E 35 18.73 21.60 -23.43
CA GLY E 35 18.09 22.72 -22.76
C GLY E 35 18.77 24.04 -23.05
N ALA E 36 19.77 24.04 -23.92
CA ALA E 36 20.59 25.23 -24.07
C ALA E 36 19.91 26.40 -24.80
N LEU E 37 18.78 26.15 -25.45
CA LEU E 37 18.15 27.20 -26.29
C LEU E 37 17.00 27.85 -25.55
N GLU E 38 16.77 27.42 -24.33
CA GLU E 38 15.71 27.97 -23.49
C GLU E 38 16.00 29.42 -23.13
N PRO E 39 14.93 30.21 -22.96
CA PRO E 39 13.54 29.77 -23.01
C PRO E 39 12.92 29.73 -24.40
N ALA E 40 13.64 30.21 -25.43
CA ALA E 40 13.06 30.34 -26.77
C ALA E 40 12.51 28.99 -27.25
N ILE E 41 13.31 27.95 -27.12
CA ILE E 41 12.88 26.61 -27.46
C ILE E 41 13.12 25.73 -26.27
N SER E 42 12.06 25.11 -25.73
CA SER E 42 12.23 24.32 -24.51
C SER E 42 13.01 23.03 -24.79
N GLY E 43 13.71 22.57 -23.75
CA GLY E 43 14.50 21.35 -23.79
C GLY E 43 13.67 20.12 -24.05
N GLU E 44 12.40 20.19 -23.69
CA GLU E 44 11.49 19.09 -23.96
C GLU E 44 11.35 18.90 -25.48
N ILE E 45 11.17 20.00 -26.20
CA ILE E 45 11.04 19.94 -27.68
C ILE E 45 12.34 19.45 -28.30
N MET E 46 13.45 20.08 -27.95
CA MET E 46 14.75 19.71 -28.50
C MET E 46 15.02 18.22 -28.36
N GLN E 47 14.70 17.66 -27.19
CA GLN E 47 14.97 16.25 -26.90
C GLN E 47 14.17 15.30 -27.78
N ILE E 48 12.84 15.44 -27.80
CA ILE E 48 12.01 14.60 -28.66
C ILE E 48 12.27 14.89 -30.16
N HIS E 49 12.45 16.15 -30.52
CA HIS E 49 12.70 16.55 -31.93
C HIS E 49 13.94 15.87 -32.50
N HIS E 50 14.99 15.89 -31.70
CA HIS E 50 16.28 15.28 -32.01
C HIS E 50 16.20 13.76 -31.93
N GLN E 51 15.85 13.23 -30.75
CA GLN E 51 15.91 11.78 -30.48
C GLN E 51 14.78 10.95 -31.08
N LYS E 52 13.63 11.56 -31.35
CA LYS E 52 12.53 10.79 -31.95
C LYS E 52 12.33 11.15 -33.43
N HIS E 53 12.10 12.43 -33.72
CA HIS E 53 11.78 12.83 -35.09
C HIS E 53 13.00 12.66 -35.99
N HIS E 54 14.13 13.29 -35.66
CA HIS E 54 15.30 13.19 -36.54
C HIS E 54 15.79 11.73 -36.60
N GLN E 55 15.86 11.03 -35.45
CA GLN E 55 16.31 9.62 -35.39
C GLN E 55 15.49 8.71 -36.31
N ALA E 56 14.17 8.90 -36.32
CA ALA E 56 13.29 8.13 -37.23
C ALA E 56 13.60 8.45 -38.71
N TYR E 57 13.85 9.71 -39.05
CA TYR E 57 14.25 10.04 -40.43
C TYR E 57 15.55 9.30 -40.79
N VAL E 58 16.53 9.32 -39.88
CA VAL E 58 17.80 8.61 -40.09
C VAL E 58 17.60 7.12 -40.33
N THR E 59 16.88 6.49 -39.41
CA THR E 59 16.68 5.06 -39.45
C THR E 59 15.82 4.64 -40.65
N ASN E 60 14.79 5.41 -40.95
CA ASN E 60 13.94 5.07 -42.11
C ASN E 60 14.62 5.38 -43.45
N TYR E 61 15.51 6.38 -43.47
CA TYR E 61 16.34 6.61 -44.64
C TYR E 61 17.32 5.42 -44.82
N ASN E 62 17.97 4.99 -43.73
CA ASN E 62 18.86 3.81 -43.80
C ASN E 62 18.13 2.57 -44.35
N ASN E 63 16.94 2.29 -43.83
CA ASN E 63 16.16 1.17 -44.36
C ASN E 63 15.74 1.39 -45.82
N ALA E 64 15.37 2.62 -46.19
CA ALA E 64 14.99 2.90 -47.57
C ALA E 64 16.17 2.71 -48.52
N LEU E 65 17.36 3.11 -48.09
CA LEU E 65 18.57 2.99 -48.90
C LEU E 65 18.93 1.55 -49.17
N GLU E 66 18.76 0.68 -48.19
CA GLU E 66 19.03 -0.74 -48.36
C GLU E 66 18.12 -1.36 -49.43
N GLN E 67 16.83 -0.99 -49.43
CA GLN E 67 15.89 -1.48 -50.43
C GLN E 67 16.19 -0.85 -51.79
N LEU E 68 16.59 0.42 -51.79
CA LEU E 68 16.92 1.13 -53.02
C LEU E 68 18.09 0.47 -53.72
N ASP E 69 19.15 0.23 -52.95
CA ASP E 69 20.37 -0.41 -53.43
C ASP E 69 20.05 -1.75 -54.07
N GLN E 70 19.20 -2.51 -53.40
CA GLN E 70 18.73 -3.78 -53.88
C GLN E 70 17.99 -3.66 -55.20
N ALA E 71 17.01 -2.75 -55.25
CA ALA E 71 16.24 -2.51 -56.45
C ALA E 71 17.13 -2.00 -57.60
N VAL E 72 18.08 -1.12 -57.29
CA VAL E 72 18.96 -0.55 -58.31
C VAL E 72 19.85 -1.63 -58.93
N ASN E 73 20.39 -2.50 -58.09
CA ASN E 73 21.26 -3.58 -58.54
C ASN E 73 20.53 -4.63 -59.36
N LYS E 74 19.32 -4.95 -58.92
CA LYS E 74 18.48 -5.96 -59.54
C LYS E 74 17.80 -5.50 -60.83
N GLY E 75 17.90 -4.20 -61.12
CA GLY E 75 17.24 -3.62 -62.27
C GLY E 75 15.73 -3.53 -62.18
N ASP E 76 15.23 -3.34 -60.96
CA ASP E 76 13.78 -3.21 -60.73
C ASP E 76 13.35 -1.73 -60.78
N ALA E 77 13.00 -1.24 -61.97
CA ALA E 77 12.67 0.16 -62.16
C ALA E 77 11.47 0.59 -61.34
N SER E 78 10.46 -0.25 -61.34
CA SER E 78 9.23 0.06 -60.65
C SER E 78 9.48 0.27 -59.15
N THR E 79 10.29 -0.58 -58.54
CA THR E 79 10.55 -0.47 -57.10
C THR E 79 11.48 0.72 -56.82
N VAL E 80 12.41 1.01 -57.74
CA VAL E 80 13.24 2.20 -57.59
C VAL E 80 12.38 3.47 -57.49
N VAL E 81 11.39 3.57 -58.38
CA VAL E 81 10.54 4.74 -58.42
C VAL E 81 9.59 4.72 -57.24
N LYS E 82 9.11 3.53 -56.92
CA LYS E 82 8.21 3.39 -55.78
C LYS E 82 8.87 3.91 -54.48
N LEU E 83 10.15 3.67 -54.33
CA LEU E 83 10.90 4.09 -53.14
C LEU E 83 11.25 5.59 -53.06
N GLN E 84 11.05 6.36 -54.13
CA GLN E 84 11.48 7.75 -54.11
C GLN E 84 10.72 8.56 -53.03
N SER E 85 9.48 8.20 -52.78
CA SER E 85 8.69 8.88 -51.74
C SER E 85 9.38 8.74 -50.38
N ALA E 86 9.71 7.51 -50.00
CA ALA E 86 10.40 7.27 -48.71
C ALA E 86 11.83 7.83 -48.70
N ILE E 87 12.49 7.82 -49.85
CA ILE E 87 13.83 8.39 -49.99
C ILE E 87 13.79 9.93 -49.84
N LYS E 88 12.90 10.61 -50.54
CA LYS E 88 12.84 12.06 -50.40
C LYS E 88 12.44 12.48 -48.97
N PHE E 89 11.46 11.78 -48.41
CA PHE E 89 10.89 12.18 -47.11
C PHE E 89 11.91 11.98 -46.00
N ASN E 90 12.51 10.81 -45.95
CA ASN E 90 13.44 10.51 -44.85
C ASN E 90 14.84 11.03 -45.05
N GLY E 91 15.32 10.95 -46.28
CA GLY E 91 16.61 11.55 -46.65
C GLY E 91 16.54 13.06 -46.46
N GLY E 92 15.42 13.65 -46.91
CA GLY E 92 15.18 15.07 -46.73
C GLY E 92 15.10 15.43 -45.27
N GLY E 93 14.42 14.59 -44.49
CA GLY E 93 14.30 14.83 -43.05
C GLY E 93 15.67 14.89 -42.40
N HIS E 94 16.55 13.96 -42.77
CA HIS E 94 17.90 13.92 -42.20
C HIS E 94 18.68 15.16 -42.62
N VAL E 95 18.69 15.43 -43.92
CA VAL E 95 19.34 16.63 -44.43
C VAL E 95 18.81 17.90 -43.75
N ASN E 96 17.49 18.07 -43.74
CA ASN E 96 16.97 19.31 -43.18
C ASN E 96 17.27 19.47 -41.69
N HIS E 97 17.09 18.41 -40.91
CA HIS E 97 17.29 18.60 -39.48
C HIS E 97 18.78 18.72 -39.13
N SER E 98 19.66 18.06 -39.89
CA SER E 98 21.11 18.20 -39.67
C SER E 98 21.51 19.67 -39.85
N ILE E 99 20.92 20.32 -40.83
CA ILE E 99 21.16 21.74 -41.00
C ILE E 99 20.59 22.58 -39.86
N PHE E 100 19.34 22.31 -39.52
CA PHE E 100 18.63 23.03 -38.47
C PHE E 100 19.45 23.10 -37.18
N TRP E 101 19.95 21.96 -36.73
CA TRP E 101 20.71 21.93 -35.48
C TRP E 101 21.91 22.86 -35.52
N LYS E 102 22.58 22.91 -36.67
CA LYS E 102 23.75 23.75 -36.84
C LYS E 102 23.41 25.22 -36.99
N ASN E 103 22.22 25.58 -37.47
CA ASN E 103 21.94 27.00 -37.57
C ASN E 103 21.17 27.54 -36.37
N LEU E 104 21.24 26.81 -35.26
CA LEU E 104 20.79 27.35 -33.97
C LEU E 104 21.97 27.36 -32.99
N ALA E 105 21.91 28.28 -32.02
CA ALA E 105 22.91 28.33 -30.94
C ALA E 105 22.37 29.04 -29.69
N PRO E 106 22.83 28.62 -28.50
CA PRO E 106 22.50 29.33 -27.25
C PRO E 106 22.95 30.77 -27.36
N SER E 107 22.27 31.70 -26.69
CA SER E 107 22.69 33.10 -26.72
C SER E 107 24.17 33.27 -26.34
N SER E 108 24.68 32.41 -25.46
CA SER E 108 26.06 32.55 -24.96
C SER E 108 27.12 32.07 -25.93
N GLU E 109 26.71 31.39 -26.99
CA GLU E 109 27.69 30.90 -27.96
C GLU E 109 27.46 31.60 -29.28
N GLY E 110 26.79 32.74 -29.24
CA GLY E 110 26.57 33.49 -30.46
C GLY E 110 25.15 33.44 -30.99
N GLY E 111 24.29 32.63 -30.39
CA GLY E 111 22.90 32.59 -30.87
C GLY E 111 22.23 33.96 -30.88
N GLY E 112 21.61 34.31 -31.99
CA GLY E 112 20.94 35.60 -32.12
C GLY E 112 21.85 36.77 -32.49
N GLU E 113 23.16 36.54 -32.55
CA GLU E 113 24.08 37.58 -32.99
C GLU E 113 23.96 37.72 -34.51
N PRO E 114 23.74 38.94 -35.01
CA PRO E 114 23.50 39.23 -36.43
C PRO E 114 24.67 38.76 -37.29
N PRO E 115 24.40 38.43 -38.56
CA PRO E 115 25.51 38.01 -39.42
C PRO E 115 26.42 39.18 -39.76
N LYS E 116 27.73 38.95 -39.74
CA LYS E 116 28.68 39.97 -40.16
C LYS E 116 29.24 39.63 -41.53
N GLY E 117 30.22 40.44 -41.96
CA GLY E 117 30.93 40.18 -43.19
C GLY E 117 30.05 40.28 -44.41
N SER E 118 30.31 39.40 -45.37
CA SER E 118 29.65 39.44 -46.67
C SER E 118 28.15 39.11 -46.57
N LEU E 119 27.81 38.15 -45.73
CA LEU E 119 26.42 37.74 -45.60
C LEU E 119 25.55 38.87 -45.05
N GLY E 120 26.03 39.56 -44.02
CA GLY E 120 25.33 40.72 -43.49
C GLY E 120 25.10 41.74 -44.59
N SER E 121 26.16 41.96 -45.37
CA SER E 121 26.12 42.82 -46.55
C SER E 121 25.10 42.32 -47.55
N ALA E 122 25.19 41.04 -47.89
CA ALA E 122 24.28 40.41 -48.84
C ALA E 122 22.84 40.54 -48.37
N ILE E 123 22.61 40.40 -47.07
CA ILE E 123 21.26 40.48 -46.55
C ILE E 123 20.69 41.90 -46.66
N ASP E 124 21.49 42.90 -46.30
CA ASP E 124 21.09 44.30 -46.43
C ASP E 124 20.79 44.67 -47.87
N ALA E 125 21.61 44.19 -48.80
CA ALA E 125 21.43 44.46 -50.23
C ALA E 125 20.13 43.87 -50.82
N HIS E 126 19.78 42.65 -50.39
CA HIS E 126 18.62 41.95 -50.95
C HIS E 126 17.31 42.21 -50.20
N PHE E 127 17.39 42.47 -48.90
CA PHE E 127 16.17 42.61 -48.10
C PHE E 127 16.09 43.95 -47.34
N GLY E 128 17.04 44.85 -47.60
CA GLY E 128 17.00 46.16 -46.97
C GLY E 128 17.66 46.17 -45.61
N SER E 129 17.33 45.17 -44.80
CA SER E 129 17.93 45.04 -43.48
C SER E 129 17.77 43.61 -43.00
N LEU E 130 18.49 43.26 -41.94
CA LEU E 130 18.32 41.96 -41.33
C LEU E 130 16.87 41.83 -40.87
N GLU E 131 16.30 42.93 -40.38
CA GLU E 131 14.93 42.90 -39.88
C GLU E 131 13.95 42.72 -41.03
N GLY E 132 14.28 43.27 -42.19
CA GLY E 132 13.49 43.04 -43.38
C GLY E 132 13.41 41.55 -43.68
N LEU E 133 14.56 40.89 -43.61
CA LEU E 133 14.63 39.45 -43.83
C LEU E 133 13.84 38.69 -42.76
N VAL E 134 14.02 39.08 -41.50
CA VAL E 134 13.33 38.41 -40.38
C VAL E 134 11.81 38.48 -40.56
N LYS E 135 11.30 39.66 -40.93
CA LYS E 135 9.87 39.82 -41.21
C LYS E 135 9.43 38.93 -42.38
N LYS E 136 10.22 38.90 -43.43
CA LYS E 136 9.89 38.10 -44.60
C LYS E 136 9.81 36.61 -44.24
N MET E 137 10.86 36.09 -43.62
CA MET E 137 10.91 34.68 -43.25
C MET E 137 9.85 34.36 -42.21
N SER E 138 9.60 35.29 -41.29
CA SER E 138 8.52 35.08 -40.33
C SER E 138 7.17 35.02 -41.03
N ALA E 139 6.94 35.90 -41.99
CA ALA E 139 5.68 35.93 -42.72
C ALA E 139 5.46 34.64 -43.50
N GLU E 140 6.50 34.24 -44.25
CA GLU E 140 6.44 33.03 -45.06
C GLU E 140 6.22 31.80 -44.19
N GLY E 141 6.93 31.72 -43.08
CA GLY E 141 6.78 30.58 -42.19
C GLY E 141 5.38 30.47 -41.65
N ALA E 142 4.82 31.62 -41.29
CA ALA E 142 3.49 31.68 -40.70
C ALA E 142 2.43 31.23 -41.70
N ALA E 143 2.68 31.49 -42.98
CA ALA E 143 1.71 31.19 -44.05
C ALA E 143 1.88 29.80 -44.64
N VAL E 144 2.87 29.04 -44.19
CA VAL E 144 3.06 27.68 -44.71
C VAL E 144 1.83 26.84 -44.38
N GLN E 145 1.25 26.21 -45.38
CA GLN E 145 0.07 25.36 -45.15
C GLN E 145 0.48 23.93 -44.79
N GLY E 146 0.08 23.50 -43.60
CA GLY E 146 0.51 22.19 -43.14
C GLY E 146 1.95 22.24 -42.68
N SER E 147 2.69 21.18 -43.01
CA SER E 147 4.04 20.95 -42.53
C SER E 147 5.08 21.43 -43.52
N GLY E 148 6.14 22.06 -43.04
CA GLY E 148 7.20 22.44 -43.94
C GLY E 148 8.29 23.23 -43.26
N TRP E 149 9.06 23.91 -44.12
CA TRP E 149 10.26 24.65 -43.74
C TRP E 149 10.30 26.02 -44.39
N VAL E 150 10.83 27.02 -43.69
CA VAL E 150 11.19 28.26 -44.38
C VAL E 150 12.71 28.38 -44.43
N TRP E 151 13.22 28.83 -45.57
CA TRP E 151 14.67 28.85 -45.80
C TRP E 151 15.21 30.21 -46.20
N LEU E 152 16.40 30.56 -45.70
CA LEU E 152 17.23 31.53 -46.37
C LEU E 152 18.21 30.74 -47.24
N GLY E 153 18.20 31.01 -48.55
CA GLY E 153 19.08 30.25 -49.43
C GLY E 153 20.01 31.09 -50.28
N LEU E 154 21.10 30.46 -50.70
CA LEU E 154 22.03 31.10 -51.64
C LEU E 154 21.92 30.42 -52.99
N ASP E 155 21.56 31.20 -54.00
CA ASP E 155 21.54 30.71 -55.37
C ASP E 155 22.93 30.81 -55.96
N LYS E 156 23.62 29.68 -56.10
CA LYS E 156 24.95 29.68 -56.69
C LYS E 156 24.92 30.06 -58.16
N GLU E 157 23.81 29.81 -58.84
CA GLU E 157 23.73 30.09 -60.27
C GLU E 157 23.71 31.60 -60.53
N LEU E 158 22.70 32.29 -60.00
CA LEU E 158 22.55 33.72 -60.20
C LEU E 158 23.33 34.53 -59.16
N LYS E 159 23.98 33.84 -58.22
CA LYS E 159 24.68 34.47 -57.10
C LYS E 159 23.78 35.38 -56.28
N LYS E 160 22.65 34.84 -55.84
CA LYS E 160 21.64 35.65 -55.15
C LYS E 160 21.20 34.98 -53.86
N LEU E 161 20.70 35.79 -52.91
CA LEU E 161 20.06 35.25 -51.71
C LEU E 161 18.58 35.07 -52.00
N VAL E 162 17.98 34.00 -51.48
CA VAL E 162 16.55 33.81 -51.66
C VAL E 162 15.91 33.42 -50.36
N VAL E 163 14.62 33.69 -50.27
CA VAL E 163 13.80 33.13 -49.23
C VAL E 163 12.79 32.21 -49.90
N ASP E 164 12.63 31.00 -49.39
CA ASP E 164 11.66 30.08 -49.96
C ASP E 164 11.15 29.10 -48.91
N THR E 165 10.06 28.43 -49.25
CA THR E 165 9.50 27.43 -48.36
C THR E 165 9.54 26.08 -49.07
N THR E 166 9.64 25.00 -48.32
CA THR E 166 9.46 23.68 -48.90
C THR E 166 8.39 22.98 -48.06
N ALA E 167 7.72 22.00 -48.65
CA ALA E 167 6.70 21.21 -47.94
C ALA E 167 7.29 19.97 -47.27
N ASN E 168 6.70 19.55 -46.15
CA ASN E 168 7.06 18.28 -45.50
C ASN E 168 8.55 18.19 -45.22
N GLN E 169 9.25 17.18 -45.74
CA GLN E 169 10.69 17.16 -45.55
C GLN E 169 11.49 17.41 -46.85
N ASP E 170 10.84 18.00 -47.84
CA ASP E 170 11.58 18.35 -49.04
C ASP E 170 12.70 19.36 -48.74
N PRO E 171 13.93 19.04 -49.17
CA PRO E 171 15.02 19.97 -48.93
C PRO E 171 15.03 21.07 -49.98
N LEU E 172 15.66 22.20 -49.65
CA LEU E 172 15.70 23.38 -50.51
C LEU E 172 16.22 23.07 -51.93
N VAL E 173 17.14 22.11 -52.05
CA VAL E 173 17.72 21.80 -53.37
C VAL E 173 16.72 21.21 -54.33
N THR E 174 15.56 20.79 -53.84
CA THR E 174 14.52 20.29 -54.76
C THR E 174 13.78 21.45 -55.43
N LYS E 175 14.01 22.66 -54.95
CA LYS E 175 13.44 23.87 -55.55
C LYS E 175 14.37 24.46 -56.60
N GLY E 176 15.57 23.89 -56.72
CA GLY E 176 16.57 24.36 -57.64
C GLY E 176 17.92 23.73 -57.36
N GLY E 177 18.53 23.14 -58.37
CA GLY E 177 19.75 22.38 -58.19
C GLY E 177 20.93 23.22 -57.71
N SER E 178 20.88 24.52 -57.92
CA SER E 178 21.98 25.39 -57.51
C SER E 178 21.73 26.08 -56.17
N LEU E 179 20.65 25.68 -55.48
CA LEU E 179 20.31 26.30 -54.19
C LEU E 179 21.13 25.70 -53.04
N VAL E 180 21.58 26.57 -52.14
CA VAL E 180 22.27 26.15 -50.91
C VAL E 180 21.58 26.75 -49.68
N PRO E 181 21.11 25.90 -48.75
CA PRO E 181 20.44 26.45 -47.57
C PRO E 181 21.41 27.14 -46.60
N LEU E 182 21.10 28.35 -46.17
CA LEU E 182 21.93 29.03 -45.18
C LEU E 182 21.26 28.94 -43.79
N VAL E 183 19.97 29.24 -43.76
CA VAL E 183 19.17 29.10 -42.55
C VAL E 183 17.84 28.44 -42.86
N GLY E 184 17.51 27.42 -42.06
CA GLY E 184 16.19 26.84 -42.13
C GLY E 184 15.46 27.05 -40.83
N ILE E 185 14.16 27.27 -40.93
CA ILE E 185 13.32 27.23 -39.76
C ILE E 185 12.23 26.18 -39.94
N ASP E 186 12.26 25.16 -39.10
CA ASP E 186 11.28 24.07 -39.13
C ASP E 186 9.91 24.61 -38.67
N VAL E 187 8.88 24.51 -39.50
CA VAL E 187 7.55 24.95 -39.04
C VAL E 187 6.54 23.81 -39.03
N TRP E 188 7.03 22.59 -38.98
CA TRP E 188 6.19 21.48 -38.55
C TRP E 188 5.71 21.81 -37.17
N GLU E 189 4.51 21.38 -36.83
CA GLU E 189 3.98 21.62 -35.50
C GLU E 189 4.82 20.99 -34.38
N HIS E 190 5.47 19.85 -34.65
CA HIS E 190 6.33 19.25 -33.61
C HIS E 190 7.53 20.13 -33.25
N ALA E 191 7.80 21.15 -34.05
CA ALA E 191 8.91 22.05 -33.75
C ALA E 191 8.58 23.05 -32.66
N TYR E 192 7.28 23.22 -32.36
CA TYR E 192 6.88 24.28 -31.44
C TYR E 192 5.67 23.99 -30.58
N TYR E 193 4.93 22.93 -30.89
CA TYR E 193 3.60 22.77 -30.30
C TYR E 193 3.58 22.55 -28.78
N LEU E 194 4.52 21.78 -28.25
CA LEU E 194 4.51 21.52 -26.80
C LEU E 194 4.61 22.82 -26.02
N GLN E 195 5.24 23.81 -26.62
CA GLN E 195 5.54 25.05 -25.95
C GLN E 195 4.61 26.19 -26.34
N TYR E 196 4.44 26.39 -27.65
CA TYR E 196 3.71 27.53 -28.20
C TYR E 196 2.33 27.14 -28.72
N LYS E 197 2.02 25.86 -28.65
CA LYS E 197 0.75 25.32 -29.09
C LYS E 197 0.47 25.80 -30.52
N ASN E 198 -0.74 26.28 -30.72
CA ASN E 198 -1.20 26.76 -32.03
C ASN E 198 -0.52 28.02 -32.48
N VAL E 199 0.16 28.71 -31.57
CA VAL E 199 0.64 30.06 -31.87
C VAL E 199 2.01 30.02 -32.56
N ARG E 200 2.01 29.55 -33.80
CA ARG E 200 3.23 29.56 -34.60
C ARG E 200 3.90 30.94 -34.70
N PRO E 201 3.11 32.03 -34.80
CA PRO E 201 3.80 33.33 -34.90
C PRO E 201 4.65 33.66 -33.67
N GLU E 202 4.30 33.15 -32.49
CA GLU E 202 5.09 33.41 -31.28
C GLU E 202 6.40 32.60 -31.29
N TYR E 203 6.32 31.35 -31.74
CA TYR E 203 7.49 30.53 -31.99
C TYR E 203 8.43 31.22 -32.98
N LEU E 204 7.87 31.65 -34.11
CA LEU E 204 8.66 32.32 -35.14
C LEU E 204 9.21 33.66 -34.66
N LYS E 205 8.56 34.26 -33.66
CA LYS E 205 9.10 35.50 -33.08
C LYS E 205 10.35 35.17 -32.26
N ASN E 206 10.27 34.11 -31.47
CA ASN E 206 11.32 33.79 -30.50
C ASN E 206 12.50 33.02 -31.11
N VAL E 207 12.28 32.32 -32.22
CA VAL E 207 13.34 31.48 -32.79
C VAL E 207 14.54 32.33 -33.20
N TRP E 208 14.32 33.58 -33.55
CA TRP E 208 15.41 34.45 -34.00
C TRP E 208 16.44 34.75 -32.91
N LYS E 209 16.06 34.56 -31.65
CA LYS E 209 17.01 34.78 -30.54
C LYS E 209 18.08 33.70 -30.52
N VAL E 210 17.80 32.53 -31.10
CA VAL E 210 18.79 31.46 -31.06
C VAL E 210 19.28 31.01 -32.44
N ILE E 211 19.11 31.85 -33.45
CA ILE E 211 19.64 31.57 -34.79
C ILE E 211 21.16 31.76 -34.86
N ASN E 212 21.86 30.76 -35.36
CA ASN E 212 23.31 30.78 -35.45
C ASN E 212 23.72 31.40 -36.80
N TRP E 213 23.81 32.74 -36.82
CA TRP E 213 24.15 33.45 -38.06
C TRP E 213 25.62 33.26 -38.42
N LYS E 214 26.41 32.83 -37.43
CA LYS E 214 27.80 32.49 -37.68
C LYS E 214 27.89 31.27 -38.62
N TYR E 215 27.08 30.25 -38.35
CA TYR E 215 26.99 29.10 -39.26
C TYR E 215 26.58 29.53 -40.68
N ALA E 216 25.51 30.33 -40.77
CA ALA E 216 25.00 30.82 -42.06
C ALA E 216 26.07 31.58 -42.83
N SER E 217 26.81 32.41 -42.10
CA SER E 217 27.89 33.18 -42.68
C SER E 217 28.95 32.24 -43.24
N GLU E 218 29.36 31.27 -42.43
CA GLU E 218 30.40 30.34 -42.86
C GLU E 218 29.98 29.56 -44.09
N VAL E 219 28.75 29.06 -44.12
CA VAL E 219 28.26 28.34 -45.29
C VAL E 219 28.26 29.27 -46.49
N TYR E 220 27.76 30.49 -46.27
CA TYR E 220 27.71 31.52 -47.30
C TYR E 220 29.10 31.79 -47.88
N GLU E 221 30.10 31.94 -47.02
CA GLU E 221 31.45 32.25 -47.49
C GLU E 221 32.04 31.17 -48.40
N LYS E 222 31.73 29.90 -48.15
CA LYS E 222 32.34 28.82 -48.93
C LYS E 222 31.41 28.27 -49.99
N GLU E 223 30.12 28.60 -49.87
CA GLU E 223 29.10 28.19 -50.83
C GLU E 223 28.98 26.66 -50.96
N THR F 24 17.98 -24.44 -8.92
CA THR F 24 18.75 -23.92 -10.04
C THR F 24 18.03 -22.80 -10.75
N PHE F 25 18.79 -22.00 -11.49
CA PHE F 25 18.27 -20.91 -12.30
C PHE F 25 18.51 -21.21 -13.76
N THR F 26 17.73 -20.59 -14.64
CA THR F 26 17.95 -20.73 -16.09
C THR F 26 18.11 -19.38 -16.78
N LEU F 27 18.74 -19.38 -17.94
CA LEU F 27 18.87 -18.16 -18.73
C LEU F 27 17.49 -17.70 -19.22
N PRO F 28 17.09 -16.47 -18.84
CA PRO F 28 15.82 -15.94 -19.35
C PRO F 28 15.92 -15.50 -20.80
N ASP F 29 14.83 -15.67 -21.53
CA ASP F 29 14.72 -15.13 -22.87
C ASP F 29 14.74 -13.60 -22.83
N LEU F 30 15.26 -12.96 -23.87
CA LEU F 30 15.10 -11.52 -24.01
C LEU F 30 13.67 -11.18 -24.43
N PRO F 31 13.17 -9.99 -24.04
CA PRO F 31 11.82 -9.58 -24.47
C PRO F 31 11.74 -8.99 -25.88
N TYR F 32 12.85 -9.04 -26.62
CA TYR F 32 12.92 -8.50 -27.98
C TYR F 32 13.98 -9.32 -28.69
N ASP F 33 14.05 -9.25 -30.01
CA ASP F 33 15.08 -9.95 -30.76
C ASP F 33 16.47 -9.35 -30.50
N TYR F 34 17.52 -10.14 -30.68
CA TYR F 34 18.89 -9.67 -30.47
C TYR F 34 19.20 -8.37 -31.19
N GLY F 35 18.60 -8.18 -32.37
CA GLY F 35 18.91 -7.02 -33.19
C GLY F 35 17.99 -5.82 -32.98
N ALA F 36 17.03 -5.95 -32.08
CA ALA F 36 15.98 -4.96 -31.96
C ALA F 36 16.42 -3.63 -31.34
N LEU F 37 17.59 -3.60 -30.71
CA LEU F 37 18.03 -2.38 -30.00
C LEU F 37 18.98 -1.56 -30.85
N GLU F 38 19.19 -1.98 -32.09
CA GLU F 38 19.97 -1.19 -33.03
C GLU F 38 19.25 0.11 -33.40
N PRO F 39 20.01 1.18 -33.72
CA PRO F 39 21.46 1.25 -33.83
C PRO F 39 22.17 1.43 -32.48
N ALA F 40 21.41 1.65 -31.42
CA ALA F 40 22.01 1.96 -30.13
C ALA F 40 22.98 0.87 -29.65
N ILE F 41 22.53 -0.37 -29.71
CA ILE F 41 23.36 -1.51 -29.33
C ILE F 41 23.30 -2.55 -30.42
N SER F 42 24.44 -2.97 -30.94
CA SER F 42 24.47 -3.93 -32.05
C SER F 42 23.94 -5.29 -31.63
N GLY F 43 23.36 -6.02 -32.59
CA GLY F 43 22.86 -7.36 -32.36
C GLY F 43 23.96 -8.32 -31.98
N GLU F 44 25.18 -8.08 -32.48
CA GLU F 44 26.31 -8.94 -32.16
C GLU F 44 26.63 -8.91 -30.67
N ILE F 45 26.67 -7.72 -30.11
CA ILE F 45 26.89 -7.57 -28.67
C ILE F 45 25.78 -8.26 -27.88
N MET F 46 24.53 -7.92 -28.18
CA MET F 46 23.37 -8.50 -27.49
C MET F 46 23.45 -10.02 -27.44
N GLN F 47 23.81 -10.61 -28.57
CA GLN F 47 23.87 -12.07 -28.67
C GLN F 47 24.97 -12.68 -27.78
N ILE F 48 26.20 -12.18 -27.87
CA ILE F 48 27.27 -12.70 -27.01
C ILE F 48 27.00 -12.41 -25.52
N HIS F 49 26.55 -11.18 -25.24
CA HIS F 49 26.28 -10.69 -23.89
C HIS F 49 25.27 -11.56 -23.18
N HIS F 50 24.21 -11.90 -23.91
CA HIS F 50 23.16 -12.77 -23.42
C HIS F 50 23.60 -14.23 -23.34
N GLN F 51 24.03 -14.78 -24.48
CA GLN F 51 24.25 -16.22 -24.59
C GLN F 51 25.52 -16.75 -23.97
N LYS F 52 26.53 -15.90 -23.84
CA LYS F 52 27.81 -16.29 -23.27
C LYS F 52 28.04 -15.66 -21.88
N HIS F 53 27.98 -14.34 -21.79
CA HIS F 53 28.28 -13.71 -20.51
C HIS F 53 27.21 -14.03 -19.45
N HIS F 54 25.95 -13.73 -19.75
CA HIS F 54 24.90 -14.03 -18.78
C HIS F 54 24.80 -15.54 -18.53
N GLN F 55 24.87 -16.34 -19.60
CA GLN F 55 24.80 -17.80 -19.44
C GLN F 55 25.84 -18.34 -18.46
N ALA F 56 27.07 -17.85 -18.55
CA ALA F 56 28.13 -18.26 -17.63
C ALA F 56 27.82 -17.91 -16.16
N TYR F 57 27.30 -16.71 -15.92
CA TYR F 57 26.91 -16.29 -14.56
C TYR F 57 25.84 -17.24 -14.01
N VAL F 58 24.83 -17.54 -14.84
CA VAL F 58 23.77 -18.47 -14.46
C VAL F 58 24.32 -19.86 -14.09
N THR F 59 25.15 -20.42 -14.97
CA THR F 59 25.69 -21.77 -14.78
C THR F 59 26.60 -21.86 -13.55
N ASN F 60 27.49 -20.88 -13.39
CA ASN F 60 28.38 -20.89 -12.23
C ASN F 60 27.66 -20.55 -10.92
N TYR F 61 26.56 -19.80 -11.00
CA TYR F 61 25.75 -19.53 -9.79
C TYR F 61 25.12 -20.84 -9.36
N ASN F 62 24.56 -21.56 -10.33
CA ASN F 62 24.01 -22.89 -10.08
C ASN F 62 25.03 -23.81 -9.42
N ASN F 63 26.25 -23.84 -9.97
CA ASN F 63 27.30 -24.64 -9.37
C ASN F 63 27.71 -24.18 -7.96
N ALA F 64 27.81 -22.87 -7.76
CA ALA F 64 28.19 -22.33 -6.45
C ALA F 64 27.12 -22.60 -5.40
N LEU F 65 25.84 -22.50 -5.79
CA LEU F 65 24.74 -22.78 -4.87
C LEU F 65 24.74 -24.25 -4.42
N GLU F 66 25.04 -25.16 -5.35
CA GLU F 66 25.11 -26.56 -4.98
C GLU F 66 26.22 -26.80 -3.95
N GLN F 67 27.37 -26.17 -4.15
CA GLN F 67 28.45 -26.31 -3.20
C GLN F 67 28.08 -25.63 -1.89
N LEU F 68 27.45 -24.47 -1.99
CA LEU F 68 27.01 -23.73 -0.81
C LEU F 68 26.06 -24.58 0.00
N ASP F 69 25.09 -25.18 -0.67
CA ASP F 69 24.13 -26.06 -0.03
C ASP F 69 24.80 -27.19 0.72
N GLN F 70 25.80 -27.83 0.10
CA GLN F 70 26.50 -28.88 0.80
C GLN F 70 27.18 -28.35 2.07
N ALA F 71 27.99 -27.30 1.92
CA ALA F 71 28.74 -26.75 3.02
C ALA F 71 27.84 -26.27 4.17
N VAL F 72 26.73 -25.64 3.80
CA VAL F 72 25.80 -25.15 4.83
C VAL F 72 25.21 -26.34 5.57
N ASN F 73 24.85 -27.40 4.83
CA ASN F 73 24.29 -28.59 5.46
C ASN F 73 25.31 -29.32 6.33
N LYS F 74 26.57 -29.35 5.89
CA LYS F 74 27.63 -30.02 6.63
C LYS F 74 28.18 -29.22 7.83
N GLY F 75 27.79 -27.96 7.98
CA GLY F 75 28.36 -27.14 9.05
C GLY F 75 29.81 -26.73 8.79
N ASP F 76 30.16 -26.55 7.52
CA ASP F 76 31.52 -26.16 7.11
C ASP F 76 31.63 -24.64 6.99
N ALA F 77 31.92 -23.92 8.07
CA ALA F 77 31.92 -22.45 8.05
C ALA F 77 32.93 -21.88 7.07
N SER F 78 34.12 -22.47 7.08
CA SER F 78 35.19 -22.00 6.24
C SER F 78 34.77 -22.08 4.77
N THR F 79 34.16 -23.18 4.36
CA THR F 79 33.82 -23.26 2.95
C THR F 79 32.62 -22.36 2.61
N VAL F 80 31.66 -22.23 3.53
CA VAL F 80 30.54 -21.29 3.29
C VAL F 80 31.11 -19.90 2.96
N VAL F 81 32.12 -19.46 3.72
CA VAL F 81 32.66 -18.11 3.48
C VAL F 81 33.54 -18.04 2.21
N LYS F 82 34.31 -19.09 1.96
CA LYS F 82 35.09 -19.13 0.74
C LYS F 82 34.21 -19.00 -0.52
N LEU F 83 33.02 -19.58 -0.47
CA LEU F 83 32.11 -19.51 -1.62
C LEU F 83 31.44 -18.13 -1.79
N GLN F 84 31.59 -17.22 -0.82
CA GLN F 84 30.92 -15.91 -0.93
C GLN F 84 31.38 -15.10 -2.14
N SER F 85 32.63 -15.23 -2.52
CA SER F 85 33.09 -14.50 -3.70
C SER F 85 32.31 -14.96 -4.97
N ALA F 86 32.24 -16.27 -5.18
CA ALA F 86 31.54 -16.89 -6.31
C ALA F 86 30.04 -16.69 -6.30
N ILE F 87 29.44 -16.70 -5.12
CA ILE F 87 28.01 -16.48 -4.98
C ILE F 87 27.69 -15.05 -5.38
N LYS F 88 28.42 -14.09 -4.82
CA LYS F 88 28.18 -12.68 -5.10
C LYS F 88 28.44 -12.33 -6.59
N PHE F 89 29.51 -12.86 -7.17
CA PHE F 89 29.85 -12.50 -8.54
C PHE F 89 28.83 -13.07 -9.53
N ASN F 90 28.56 -14.36 -9.38
CA ASN F 90 27.70 -15.05 -10.34
C ASN F 90 26.23 -14.85 -10.05
N GLY F 91 25.87 -14.83 -8.77
CA GLY F 91 24.53 -14.46 -8.37
C GLY F 91 24.24 -13.01 -8.74
N GLY F 92 25.19 -12.12 -8.42
CA GLY F 92 25.02 -10.73 -8.79
C GLY F 92 24.93 -10.61 -10.31
N GLY F 93 25.78 -11.34 -11.04
CA GLY F 93 25.76 -11.33 -12.48
C GLY F 93 24.39 -11.71 -13.04
N HIS F 94 23.76 -12.74 -12.49
CA HIS F 94 22.44 -13.17 -12.94
C HIS F 94 21.41 -12.07 -12.63
N VAL F 95 21.43 -11.55 -11.40
CA VAL F 95 20.51 -10.47 -11.03
C VAL F 95 20.63 -9.24 -11.92
N ASN F 96 21.85 -8.74 -12.09
CA ASN F 96 22.05 -7.50 -12.79
C ASN F 96 21.65 -7.60 -14.27
N HIS F 97 22.06 -8.69 -14.94
CA HIS F 97 21.75 -8.85 -16.36
C HIS F 97 20.26 -9.18 -16.56
N SER F 98 19.64 -9.88 -15.62
CA SER F 98 18.19 -10.15 -15.74
C SER F 98 17.39 -8.85 -15.73
N ILE F 99 17.82 -7.91 -14.88
CA ILE F 99 17.25 -6.58 -14.85
C ILE F 99 17.57 -5.77 -16.12
N PHE F 100 18.84 -5.78 -16.52
CA PHE F 100 19.30 -5.04 -17.69
C PHE F 100 18.42 -5.31 -18.91
N TRP F 101 18.19 -6.58 -19.22
CA TRP F 101 17.41 -6.96 -20.40
C TRP F 101 16.01 -6.33 -20.30
N LYS F 102 15.44 -6.30 -19.09
CA LYS F 102 14.11 -5.72 -18.93
C LYS F 102 14.08 -4.19 -18.92
N ASN F 103 15.16 -3.51 -18.54
CA ASN F 103 15.09 -2.04 -18.60
C ASN F 103 15.67 -1.51 -19.91
N LEU F 104 15.71 -2.37 -20.93
CA LEU F 104 15.96 -1.95 -22.29
C LEU F 104 14.73 -2.28 -23.14
N ALA F 105 14.51 -1.51 -24.21
CA ALA F 105 13.44 -1.80 -25.17
C ALA F 105 13.70 -1.10 -26.50
N PRO F 106 13.28 -1.72 -27.63
CA PRO F 106 13.43 -1.05 -28.93
C PRO F 106 12.77 0.32 -28.94
N SER F 107 13.40 1.30 -29.58
CA SER F 107 12.90 2.67 -29.65
C SER F 107 11.48 2.74 -30.21
N SER F 108 11.16 1.79 -31.08
CA SER F 108 9.85 1.74 -31.72
C SER F 108 8.81 1.12 -30.81
N GLU F 109 9.25 0.54 -29.70
CA GLU F 109 8.32 -0.10 -28.78
C GLU F 109 8.32 0.50 -27.38
N GLY F 110 8.72 1.76 -27.28
CA GLY F 110 8.67 2.49 -26.03
C GLY F 110 10.02 2.79 -25.41
N GLY F 111 11.06 2.15 -25.94
CA GLY F 111 12.42 2.46 -25.51
C GLY F 111 12.74 3.92 -25.74
N GLY F 112 13.30 4.59 -24.74
CA GLY F 112 13.68 5.99 -24.90
C GLY F 112 12.59 7.04 -24.67
N GLU F 113 11.35 6.60 -24.47
CA GLU F 113 10.29 7.54 -24.12
C GLU F 113 10.37 7.89 -22.65
N PRO F 114 10.37 9.19 -22.32
CA PRO F 114 10.55 9.61 -20.93
C PRO F 114 9.46 9.02 -20.05
N PRO F 115 9.77 8.79 -18.77
CA PRO F 115 8.80 8.19 -17.86
C PRO F 115 7.64 9.13 -17.54
N LYS F 116 6.44 8.59 -17.50
CA LYS F 116 5.29 9.39 -17.11
C LYS F 116 4.93 9.01 -15.67
N GLY F 117 3.84 9.59 -15.17
CA GLY F 117 3.34 9.26 -13.86
C GLY F 117 4.27 9.65 -12.72
N SER F 118 4.28 8.86 -11.66
CA SER F 118 5.01 9.21 -10.46
C SER F 118 6.52 9.23 -10.61
N LEU F 119 7.05 8.26 -11.37
CA LEU F 119 8.50 8.15 -11.56
C LEU F 119 9.00 9.40 -12.28
N GLY F 120 8.28 9.80 -13.33
CA GLY F 120 8.64 11.02 -14.05
C GLY F 120 8.67 12.22 -13.11
N SER F 121 7.64 12.34 -12.29
CA SER F 121 7.61 13.41 -11.31
C SER F 121 8.79 13.31 -10.35
N ALA F 122 9.00 12.13 -9.78
CA ALA F 122 10.08 11.91 -8.82
C ALA F 122 11.46 12.26 -9.38
N ILE F 123 11.67 11.94 -10.65
CA ILE F 123 12.94 12.24 -11.30
C ILE F 123 13.14 13.75 -11.38
N ASP F 124 12.09 14.47 -11.76
CA ASP F 124 12.12 15.94 -11.73
C ASP F 124 12.37 16.49 -10.33
N ALA F 125 11.75 15.86 -9.34
CA ALA F 125 11.91 16.27 -7.95
C ALA F 125 13.33 16.06 -7.46
N HIS F 126 13.94 14.95 -7.85
CA HIS F 126 15.28 14.63 -7.33
C HIS F 126 16.42 15.11 -8.20
N PHE F 127 16.22 15.21 -9.51
CA PHE F 127 17.36 15.51 -10.37
C PHE F 127 17.14 16.76 -11.22
N GLY F 128 16.03 17.46 -10.95
CA GLY F 128 15.71 18.69 -11.66
C GLY F 128 14.95 18.38 -12.94
N SER F 129 15.48 17.45 -13.72
CA SER F 129 14.86 17.03 -14.95
C SER F 129 15.39 15.68 -15.38
N LEU F 130 14.72 15.03 -16.33
CA LEU F 130 15.19 13.77 -16.88
C LEU F 130 16.58 13.96 -17.49
N GLU F 131 16.83 15.13 -18.07
CA GLU F 131 18.13 15.38 -18.67
C GLU F 131 19.18 15.47 -17.56
N GLY F 132 18.76 16.01 -16.41
CA GLY F 132 19.62 16.05 -15.23
C GLY F 132 20.06 14.66 -14.80
N LEU F 133 19.09 13.74 -14.74
CA LEU F 133 19.35 12.36 -14.39
C LEU F 133 20.27 11.71 -15.42
N VAL F 134 19.97 11.94 -16.69
CA VAL F 134 20.73 11.36 -17.79
C VAL F 134 22.19 11.79 -17.75
N LYS F 135 22.40 13.09 -17.54
CA LYS F 135 23.73 13.66 -17.43
C LYS F 135 24.48 13.06 -16.27
N LYS F 136 23.79 12.98 -15.13
CA LYS F 136 24.38 12.45 -13.91
C LYS F 136 24.82 10.99 -14.12
N MET F 137 23.90 10.14 -14.62
CA MET F 137 24.19 8.73 -14.79
C MET F 137 25.28 8.46 -15.83
N SER F 138 25.30 9.27 -16.90
CA SER F 138 26.34 9.21 -17.93
C SER F 138 27.70 9.59 -17.38
N ALA F 139 27.73 10.64 -16.55
CA ALA F 139 28.97 11.06 -15.91
C ALA F 139 29.51 9.96 -15.00
N GLU F 140 28.64 9.42 -14.15
CA GLU F 140 29.00 8.33 -13.23
C GLU F 140 29.47 7.09 -14.00
N GLY F 141 28.76 6.77 -15.07
CA GLY F 141 29.13 5.64 -15.90
C GLY F 141 30.50 5.78 -16.53
N ALA F 142 30.80 6.98 -17.03
CA ALA F 142 32.08 7.22 -17.69
C ALA F 142 33.26 7.10 -16.72
N ALA F 143 33.02 7.44 -15.46
CA ALA F 143 34.03 7.49 -14.42
C ALA F 143 34.24 6.18 -13.70
N VAL F 144 33.43 5.17 -14.00
CA VAL F 144 33.63 3.87 -13.38
C VAL F 144 35.01 3.32 -13.77
N GLN F 145 35.81 2.98 -12.77
CA GLN F 145 37.14 2.42 -12.98
C GLN F 145 37.05 0.91 -13.13
N GLY F 146 37.45 0.38 -14.29
CA GLY F 146 37.30 -1.04 -14.53
C GLY F 146 35.86 -1.42 -14.87
N SER F 147 35.41 -2.53 -14.30
CA SER F 147 34.10 -3.10 -14.63
C SER F 147 33.05 -2.70 -13.60
N GLY F 148 31.84 -2.42 -14.06
CA GLY F 148 30.76 -2.05 -13.15
C GLY F 148 29.44 -1.71 -13.80
N TRP F 149 28.61 -1.09 -12.99
CA TRP F 149 27.23 -0.74 -13.32
C TRP F 149 26.94 0.64 -12.81
N VAL F 150 26.11 1.39 -13.52
CA VAL F 150 25.52 2.60 -12.94
C VAL F 150 24.03 2.35 -12.79
N TRP F 151 23.48 2.79 -11.67
CA TRP F 151 22.09 2.48 -11.33
C TRP F 151 21.25 3.71 -11.06
N LEU F 152 19.99 3.67 -11.49
CA LEU F 152 18.94 4.48 -10.86
C LEU F 152 18.22 3.58 -9.90
N GLY F 153 18.18 3.96 -8.63
CA GLY F 153 17.56 3.15 -7.61
C GLY F 153 16.53 3.89 -6.79
N LEU F 154 15.61 3.13 -6.19
CA LEU F 154 14.63 3.63 -5.23
C LEU F 154 14.99 3.20 -3.82
N ASP F 155 15.20 4.18 -2.94
CA ASP F 155 15.45 3.91 -1.53
C ASP F 155 14.11 3.76 -0.82
N LYS F 156 13.70 2.54 -0.50
CA LYS F 156 12.40 2.35 0.13
C LYS F 156 12.31 2.96 1.52
N GLU F 157 13.43 3.02 2.24
CA GLU F 157 13.43 3.59 3.58
C GLU F 157 13.20 5.09 3.54
N LEU F 158 14.05 5.81 2.82
CA LEU F 158 13.96 7.26 2.78
C LEU F 158 12.95 7.73 1.73
N LYS F 159 12.37 6.78 1.00
CA LYS F 159 11.44 7.07 -0.09
C LYS F 159 12.00 8.05 -1.12
N LYS F 160 13.23 7.80 -1.54
CA LYS F 160 13.88 8.71 -2.48
C LYS F 160 14.58 7.95 -3.61
N LEU F 161 14.77 8.66 -4.71
CA LEU F 161 15.49 8.10 -5.83
C LEU F 161 16.96 8.39 -5.61
N VAL F 162 17.83 7.44 -5.99
CA VAL F 162 19.26 7.63 -5.90
C VAL F 162 19.94 7.16 -7.18
N VAL F 163 21.13 7.70 -7.43
CA VAL F 163 22.03 7.22 -8.47
C VAL F 163 23.29 6.70 -7.81
N ASP F 164 23.71 5.51 -8.21
CA ASP F 164 24.92 4.93 -7.63
C ASP F 164 25.59 3.96 -8.59
N THR F 165 26.84 3.65 -8.30
CA THR F 165 27.56 2.66 -9.10
C THR F 165 27.91 1.46 -8.25
N THR F 166 28.04 0.32 -8.91
CA THR F 166 28.56 -0.85 -8.23
C THR F 166 29.73 -1.40 -9.03
N ALA F 167 30.63 -2.09 -8.36
CA ALA F 167 31.80 -2.67 -9.02
C ALA F 167 31.51 -4.09 -9.51
N ASN F 168 32.10 -4.46 -10.64
CA ASN F 168 32.03 -5.81 -11.20
C ASN F 168 30.61 -6.32 -11.35
N GLN F 169 30.24 -7.40 -10.66
CA GLN F 169 28.83 -7.81 -10.70
C GLN F 169 28.07 -7.55 -9.37
N ASP F 170 28.60 -6.69 -8.52
CA ASP F 170 27.87 -6.37 -7.29
C ASP F 170 26.52 -5.76 -7.64
N PRO F 171 25.43 -6.31 -7.10
CA PRO F 171 24.12 -5.72 -7.38
C PRO F 171 23.87 -4.51 -6.48
N LEU F 172 22.95 -3.63 -6.88
CA LEU F 172 22.69 -2.39 -6.12
C LEU F 172 22.35 -2.67 -4.64
N VAL F 173 21.71 -3.80 -4.35
CA VAL F 173 21.32 -4.05 -2.97
C VAL F 173 22.50 -4.18 -2.01
N THR F 174 23.72 -4.38 -2.54
CA THR F 174 24.91 -4.45 -1.69
C THR F 174 25.33 -3.07 -1.23
N LYS F 175 24.68 -2.04 -1.78
CA LYS F 175 24.89 -0.66 -1.37
C LYS F 175 23.88 -0.20 -0.32
N GLY F 176 22.88 -1.03 -0.04
CA GLY F 176 21.85 -0.68 0.93
C GLY F 176 20.70 -1.67 0.76
N GLY F 177 20.32 -2.30 1.86
CA GLY F 177 19.31 -3.35 1.86
C GLY F 177 17.92 -2.88 1.44
N SER F 178 17.67 -1.58 1.53
CA SER F 178 16.36 -1.05 1.17
C SER F 178 16.33 -0.44 -0.24
N LEU F 179 17.42 -0.61 -1.00
CA LEU F 179 17.50 -0.07 -2.36
C LEU F 179 16.87 -1.03 -3.38
N VAL F 180 16.15 -0.48 -4.36
CA VAL F 180 15.60 -1.26 -5.46
C VAL F 180 16.01 -0.63 -6.80
N PRO F 181 16.70 -1.39 -7.66
CA PRO F 181 17.14 -0.81 -8.94
C PRO F 181 15.97 -0.58 -9.91
N LEU F 182 15.91 0.61 -10.49
CA LEU F 182 14.91 0.93 -11.51
C LEU F 182 15.52 0.81 -12.88
N VAL F 183 16.73 1.36 -13.03
CA VAL F 183 17.48 1.31 -14.26
C VAL F 183 18.96 0.99 -13.99
N GLY F 184 19.48 -0.01 -14.69
CA GLY F 184 20.91 -0.27 -14.68
C GLY F 184 21.50 -0.10 -16.06
N ILE F 185 22.70 0.46 -16.10
CA ILE F 185 23.49 0.46 -17.32
C ILE F 185 24.82 -0.24 -17.10
N ASP F 186 25.00 -1.33 -17.85
CA ASP F 186 26.21 -2.14 -17.81
C ASP F 186 27.35 -1.35 -18.43
N VAL F 187 28.40 -1.09 -17.69
CA VAL F 187 29.56 -0.43 -18.32
C VAL F 187 30.79 -1.34 -18.31
N TRP F 188 30.57 -2.64 -18.15
CA TRP F 188 31.64 -3.58 -18.49
C TRP F 188 32.02 -3.40 -19.94
N GLU F 189 33.29 -3.58 -20.29
CA GLU F 189 33.71 -3.38 -21.69
C GLU F 189 32.95 -4.30 -22.66
N HIS F 190 32.64 -5.52 -22.23
CA HIS F 190 31.92 -6.41 -23.12
C HIS F 190 30.52 -5.88 -23.47
N ALA F 191 30.05 -4.87 -22.76
CA ALA F 191 28.75 -4.27 -23.08
C ALA F 191 28.79 -3.32 -24.28
N TYR F 192 29.98 -2.86 -24.68
CA TYR F 192 30.03 -1.87 -25.77
C TYR F 192 31.20 -2.07 -26.72
N TYR F 193 32.17 -2.89 -26.34
CA TYR F 193 33.47 -2.83 -27.02
C TYR F 193 33.46 -3.20 -28.51
N LEU F 194 32.73 -4.25 -28.88
CA LEU F 194 32.70 -4.69 -30.28
C LEU F 194 32.17 -3.56 -31.16
N GLN F 195 31.35 -2.70 -30.56
CA GLN F 195 30.71 -1.66 -31.34
C GLN F 195 31.41 -0.31 -31.18
N TYR F 196 31.68 0.07 -29.93
CA TYR F 196 32.21 1.40 -29.64
C TYR F 196 33.67 1.39 -29.25
N LYS F 197 34.28 0.21 -29.14
CA LYS F 197 35.66 0.09 -28.67
C LYS F 197 35.86 0.89 -27.39
N ASN F 198 36.94 1.67 -27.35
CA ASN F 198 37.27 2.45 -26.17
C ASN F 198 36.33 3.61 -25.83
N VAL F 199 35.48 4.01 -26.77
CA VAL F 199 34.73 5.23 -26.55
C VAL F 199 33.47 4.92 -25.72
N ARG F 200 33.68 4.57 -24.44
CA ARG F 200 32.56 4.35 -23.51
C ARG F 200 31.59 5.54 -23.46
N PRO F 201 32.11 6.79 -23.55
CA PRO F 201 31.12 7.88 -23.54
C PRO F 201 30.14 7.86 -24.71
N GLU F 202 30.52 7.31 -25.86
CA GLU F 202 29.60 7.28 -26.98
C GLU F 202 28.51 6.23 -26.73
N TYR F 203 28.91 5.08 -26.18
CA TYR F 203 27.97 4.04 -25.75
C TYR F 203 26.95 4.62 -24.76
N LEU F 204 27.46 5.35 -23.78
CA LEU F 204 26.60 5.92 -22.76
C LEU F 204 25.70 7.03 -23.28
N LYS F 205 26.11 7.65 -24.38
CA LYS F 205 25.29 8.68 -25.00
C LYS F 205 24.07 8.05 -25.66
N ASN F 206 24.29 6.92 -26.33
CA ASN F 206 23.27 6.29 -27.17
C ASN F 206 22.34 5.36 -26.43
N VAL F 207 22.80 4.84 -25.30
CA VAL F 207 22.07 3.80 -24.59
C VAL F 207 20.70 4.32 -24.17
N TRP F 208 20.60 5.64 -24.00
CA TRP F 208 19.37 6.27 -23.56
C TRP F 208 18.21 6.16 -24.57
N LYS F 209 18.54 5.89 -25.83
CA LYS F 209 17.51 5.74 -26.84
C LYS F 209 16.71 4.47 -26.62
N VAL F 210 17.30 3.49 -25.92
CA VAL F 210 16.61 2.22 -25.73
C VAL F 210 16.40 1.83 -24.26
N ILE F 211 16.48 2.82 -23.37
CA ILE F 211 16.13 2.60 -21.95
C ILE F 211 14.62 2.44 -21.84
N ASN F 212 14.17 1.36 -21.20
CA ASN F 212 12.75 1.09 -21.07
C ASN F 212 12.21 1.74 -19.80
N TRP F 213 11.77 2.99 -19.93
CA TRP F 213 11.27 3.73 -18.78
C TRP F 213 9.91 3.21 -18.28
N LYS F 214 9.16 2.50 -19.12
CA LYS F 214 7.95 1.83 -18.63
C LYS F 214 8.28 0.74 -17.62
N TYR F 215 9.31 -0.05 -17.89
CA TYR F 215 9.74 -1.04 -16.91
C TYR F 215 10.09 -0.38 -15.58
N ALA F 216 10.90 0.68 -15.64
CA ALA F 216 11.33 1.41 -14.46
C ALA F 216 10.14 1.89 -13.61
N SER F 217 9.12 2.39 -14.30
CA SER F 217 7.89 2.87 -13.68
C SER F 217 7.15 1.76 -12.96
N GLU F 218 7.04 0.60 -13.60
CA GLU F 218 6.39 -0.55 -12.98
C GLU F 218 7.10 -0.94 -11.70
N VAL F 219 8.42 -0.96 -11.75
CA VAL F 219 9.21 -1.30 -10.56
C VAL F 219 9.00 -0.27 -9.46
N TYR F 220 9.11 1.00 -9.83
CA TYR F 220 8.90 2.11 -8.90
C TYR F 220 7.52 2.03 -8.23
N GLU F 221 6.49 1.82 -9.05
CA GLU F 221 5.11 1.80 -8.58
C GLU F 221 4.87 0.64 -7.62
N LYS F 222 5.53 -0.50 -7.86
CA LYS F 222 5.33 -1.68 -7.02
C LYS F 222 6.47 -1.96 -6.04
N GLU F 223 7.62 -1.30 -6.25
CA GLU F 223 8.83 -1.47 -5.43
C GLU F 223 9.41 -2.89 -5.47
N ASN F 224 9.23 -3.57 -6.60
CA ASN F 224 9.87 -4.87 -6.84
C ASN F 224 10.23 -5.04 -8.32
N ASN F 225 11.29 -5.79 -8.60
CA ASN F 225 11.69 -6.03 -9.98
C ASN F 225 10.85 -7.15 -10.59
N MET G 23 28.30 6.67 44.63
CA MET G 23 27.88 6.28 43.29
C MET G 23 27.30 7.44 42.48
N THR G 24 27.74 7.53 41.22
CA THR G 24 27.17 8.49 40.26
C THR G 24 26.08 7.82 39.44
N PHE G 25 25.22 8.65 38.85
CA PHE G 25 24.08 8.16 38.10
C PHE G 25 24.14 8.44 36.60
N THR G 26 23.36 7.69 35.83
CA THR G 26 23.27 7.92 34.40
C THR G 26 21.83 8.12 33.97
N LEU G 27 21.65 8.79 32.85
CA LEU G 27 20.33 8.97 32.31
C LEU G 27 19.82 7.58 31.87
N PRO G 28 18.69 7.14 32.45
CA PRO G 28 18.07 5.86 32.05
C PRO G 28 17.46 5.95 30.67
N ASP G 29 17.46 4.86 29.93
CA ASP G 29 16.76 4.78 28.65
C ASP G 29 15.25 4.90 28.84
N LEU G 30 14.58 5.49 27.86
CA LEU G 30 13.13 5.39 27.87
C LEU G 30 12.76 3.96 27.46
N PRO G 31 11.61 3.46 27.94
CA PRO G 31 11.22 2.14 27.46
C PRO G 31 10.52 2.15 26.07
N TYR G 32 10.56 3.27 25.37
CA TYR G 32 9.91 3.44 24.06
C TYR G 32 10.65 4.53 23.28
N ASP G 33 10.40 4.65 21.97
CA ASP G 33 10.96 5.76 21.17
C ASP G 33 10.36 7.10 21.59
N TYR G 34 11.10 8.17 21.34
CA TYR G 34 10.66 9.53 21.68
C TYR G 34 9.31 9.90 21.12
N GLY G 35 9.01 9.43 19.91
CA GLY G 35 7.78 9.82 19.24
C GLY G 35 6.60 8.88 19.53
N ALA G 36 6.80 7.92 20.42
CA ALA G 36 5.85 6.83 20.62
C ALA G 36 4.59 7.22 21.38
N LEU G 37 4.60 8.38 22.03
CA LEU G 37 3.47 8.77 22.86
C LEU G 37 2.58 9.74 22.11
N GLU G 38 2.93 10.03 20.86
CA GLU G 38 2.12 10.90 19.99
C GLU G 38 0.76 10.30 19.66
N PRO G 39 -0.25 11.15 19.45
CA PRO G 39 -0.14 12.62 19.43
C PRO G 39 -0.21 13.28 20.80
N ALA G 40 -0.56 12.53 21.86
CA ALA G 40 -0.81 13.10 23.17
C ALA G 40 0.38 13.92 23.69
N ILE G 41 1.56 13.34 23.58
CA ILE G 41 2.78 14.04 23.95
C ILE G 41 3.71 14.03 22.76
N SER G 42 4.08 15.21 22.30
CA SER G 42 4.90 15.34 21.11
C SER G 42 6.29 14.74 21.31
N GLY G 43 6.87 14.22 20.23
CA GLY G 43 8.21 13.66 20.25
C GLY G 43 9.26 14.71 20.55
N GLU G 44 8.96 15.95 20.18
CA GLU G 44 9.84 17.07 20.46
C GLU G 44 9.99 17.26 21.97
N ILE G 45 8.88 17.23 22.67
CA ILE G 45 8.85 17.35 24.14
C ILE G 45 9.58 16.18 24.77
N MET G 46 9.22 14.97 24.37
CA MET G 46 9.84 13.77 24.92
C MET G 46 11.36 13.84 24.84
N GLN G 47 11.84 14.29 23.68
CA GLN G 47 13.27 14.36 23.39
C GLN G 47 14.01 15.38 24.26
N ILE G 48 13.55 16.63 24.28
CA ILE G 48 14.18 17.64 25.11
C ILE G 48 13.99 17.31 26.61
N HIS G 49 12.80 16.85 26.97
CA HIS G 49 12.49 16.53 28.36
C HIS G 49 13.46 15.49 28.90
N HIS G 50 13.72 14.47 28.08
CA HIS G 50 14.62 13.39 28.45
C HIS G 50 16.06 13.85 28.44
N GLN G 51 16.51 14.33 27.28
CA GLN G 51 17.92 14.61 27.03
C GLN G 51 18.45 15.88 27.61
N LYS G 52 17.59 16.85 27.85
CA LYS G 52 18.06 18.11 28.43
C LYS G 52 17.66 18.21 29.89
N HIS G 53 16.36 18.12 30.18
CA HIS G 53 15.90 18.35 31.56
C HIS G 53 16.33 17.22 32.47
N HIS G 54 16.00 15.96 32.16
CA HIS G 54 16.38 14.86 33.04
C HIS G 54 17.90 14.74 33.12
N GLN G 55 18.57 14.82 31.98
CA GLN G 55 20.04 14.74 31.96
C GLN G 55 20.70 15.75 32.88
N ALA G 56 20.24 17.01 32.83
CA ALA G 56 20.79 18.03 33.73
C ALA G 56 20.56 17.70 35.23
N TYR G 57 19.40 17.17 35.57
CA TYR G 57 19.18 16.73 36.96
C TYR G 57 20.18 15.64 37.31
N VAL G 58 20.38 14.68 36.42
CA VAL G 58 21.34 13.61 36.67
C VAL G 58 22.76 14.18 36.87
N THR G 59 23.22 15.00 35.93
CA THR G 59 24.58 15.54 36.02
C THR G 59 24.73 16.48 37.21
N ASN G 60 23.73 17.30 37.47
CA ASN G 60 23.85 18.22 38.60
C ASN G 60 23.75 17.49 39.94
N TYR G 61 23.01 16.37 39.98
CA TYR G 61 22.98 15.51 41.16
C TYR G 61 24.35 14.87 41.39
N ASN G 62 24.94 14.34 40.33
CA ASN G 62 26.30 13.79 40.41
C ASN G 62 27.30 14.82 40.97
N ASN G 63 27.26 16.04 40.45
CA ASN G 63 28.15 17.07 40.96
C ASN G 63 27.85 17.41 42.44
N ALA G 64 26.58 17.49 42.82
CA ALA G 64 26.27 17.78 44.22
C ALA G 64 26.67 16.62 45.15
N LEU G 65 26.53 15.37 44.70
CA LEU G 65 26.93 14.21 45.49
C LEU G 65 28.43 14.20 45.76
N GLU G 66 29.21 14.60 44.77
CA GLU G 66 30.66 14.72 44.95
C GLU G 66 31.03 15.75 45.99
N GLN G 67 30.36 16.90 45.97
CA GLN G 67 30.60 17.94 46.97
C GLN G 67 30.09 17.51 48.35
N LEU G 68 28.94 16.85 48.36
CA LEU G 68 28.35 16.35 49.60
C LEU G 68 29.31 15.39 50.29
N ASP G 69 29.81 14.42 49.52
CA ASP G 69 30.75 13.42 50.01
C ASP G 69 31.99 14.09 50.61
N GLN G 70 32.53 15.08 49.91
CA GLN G 70 33.64 15.83 50.48
C GLN G 70 33.25 16.49 51.81
N ALA G 71 32.15 17.24 51.82
CA ALA G 71 31.71 17.92 53.05
C ALA G 71 31.43 16.93 54.17
N VAL G 72 30.79 15.80 53.85
CA VAL G 72 30.47 14.81 54.87
C VAL G 72 31.73 14.24 55.47
N ASN G 73 32.71 13.95 54.62
CA ASN G 73 33.95 13.37 55.10
C ASN G 73 34.77 14.35 55.94
N LYS G 74 34.83 15.62 55.51
CA LYS G 74 35.62 16.60 56.25
C LYS G 74 34.93 17.17 57.48
N GLY G 75 33.67 16.81 57.70
CA GLY G 75 32.91 17.30 58.84
C GLY G 75 32.49 18.75 58.78
N ASP G 76 32.23 19.24 57.56
CA ASP G 76 31.77 20.61 57.32
C ASP G 76 30.25 20.63 57.33
N ALA G 77 29.67 20.81 58.52
CA ALA G 77 28.23 20.72 58.70
C ALA G 77 27.50 21.79 57.88
N SER G 78 28.09 22.99 57.87
CA SER G 78 27.51 24.10 57.14
C SER G 78 27.36 23.78 55.63
N THR G 79 28.39 23.18 55.04
CA THR G 79 28.34 22.93 53.60
C THR G 79 27.38 21.78 53.29
N VAL G 80 27.32 20.80 54.18
CA VAL G 80 26.36 19.71 54.07
C VAL G 80 24.95 20.27 54.01
N VAL G 81 24.65 21.22 54.90
CA VAL G 81 23.30 21.77 54.93
C VAL G 81 23.08 22.68 53.72
N LYS G 82 24.10 23.44 53.34
CA LYS G 82 24.03 24.33 52.19
C LYS G 82 23.70 23.54 50.92
N LEU G 83 24.26 22.35 50.82
CA LEU G 83 24.07 21.50 49.64
C LEU G 83 22.70 20.83 49.55
N GLN G 84 21.91 20.91 50.61
CA GLN G 84 20.66 20.15 50.64
C GLN G 84 19.65 20.62 49.59
N SER G 85 19.64 21.93 49.29
CA SER G 85 18.80 22.45 48.20
C SER G 85 19.15 21.83 46.83
N ALA G 86 20.44 21.85 46.46
CA ALA G 86 20.87 21.26 45.19
C ALA G 86 20.68 19.74 45.19
N ILE G 87 20.89 19.11 46.35
CA ILE G 87 20.67 17.68 46.49
C ILE G 87 19.18 17.29 46.33
N LYS G 88 18.29 17.99 47.04
CA LYS G 88 16.88 17.67 46.95
C LYS G 88 16.33 17.94 45.52
N PHE G 89 16.74 19.07 44.93
CA PHE G 89 16.24 19.48 43.63
C PHE G 89 16.69 18.53 42.52
N ASN G 90 17.98 18.25 42.47
CA ASN G 90 18.49 17.41 41.39
C ASN G 90 18.36 15.94 41.62
N GLY G 91 18.59 15.48 42.85
CA GLY G 91 18.27 14.11 43.18
C GLY G 91 16.77 13.88 43.03
N GLY G 92 15.97 14.85 43.47
CA GLY G 92 14.51 14.76 43.35
C GLY G 92 14.10 14.71 41.89
N GLY G 93 14.69 15.59 41.08
CA GLY G 93 14.47 15.62 39.64
C GLY G 93 14.78 14.27 38.99
N HIS G 94 15.86 13.63 39.40
CA HIS G 94 16.23 12.32 38.83
C HIS G 94 15.23 11.23 39.21
N VAL G 95 14.94 11.17 40.51
CA VAL G 95 13.96 10.24 41.00
C VAL G 95 12.61 10.45 40.33
N ASN G 96 12.13 11.70 40.27
CA ASN G 96 10.80 11.97 39.72
C ASN G 96 10.67 11.62 38.24
N HIS G 97 11.65 12.02 37.46
CA HIS G 97 11.55 11.75 36.03
C HIS G 97 11.78 10.26 35.70
N SER G 98 12.61 9.59 36.50
CA SER G 98 12.84 8.14 36.32
C SER G 98 11.53 7.38 36.49
N ILE G 99 10.70 7.81 37.43
CA ILE G 99 9.38 7.25 37.61
C ILE G 99 8.45 7.61 36.45
N PHE G 100 8.43 8.89 36.09
CA PHE G 100 7.59 9.41 35.04
C PHE G 100 7.68 8.59 33.74
N TRP G 101 8.91 8.34 33.30
CA TRP G 101 9.10 7.60 32.06
C TRP G 101 8.46 6.22 32.07
N LYS G 102 8.53 5.55 33.21
CA LYS G 102 7.99 4.21 33.39
C LYS G 102 6.48 4.18 33.54
N ASN G 103 5.84 5.25 34.04
CA ASN G 103 4.37 5.19 34.12
C ASN G 103 3.70 5.85 32.91
N LEU G 104 4.45 5.93 31.82
CA LEU G 104 3.88 6.27 30.53
C LEU G 104 4.09 5.09 29.60
N ALA G 105 3.22 4.91 28.61
CA ALA G 105 3.42 3.88 27.59
C ALA G 105 2.67 4.20 26.29
N PRO G 106 3.27 3.84 25.14
CA PRO G 106 2.56 4.03 23.85
C PRO G 106 1.24 3.29 23.95
N SER G 107 0.17 3.84 23.39
CA SER G 107 -1.16 3.20 23.46
C SER G 107 -1.16 1.74 22.96
N SER G 108 -0.29 1.43 22.01
CA SER G 108 -0.25 0.09 21.42
C SER G 108 0.45 -0.90 22.35
N GLU G 109 1.10 -0.40 23.39
CA GLU G 109 1.80 -1.28 24.31
C GLU G 109 1.18 -1.25 25.69
N GLY G 110 -0.09 -0.84 25.75
CA GLY G 110 -0.80 -0.80 27.02
C GLY G 110 -1.08 0.59 27.57
N GLY G 111 -0.51 1.63 26.94
CA GLY G 111 -0.79 2.99 27.37
C GLY G 111 -2.26 3.40 27.37
N GLY G 112 -2.74 3.95 28.48
CA GLY G 112 -4.13 4.38 28.56
C GLY G 112 -5.09 3.24 28.91
N GLU G 113 -4.55 2.02 28.97
CA GLU G 113 -5.36 0.88 29.40
C GLU G 113 -5.50 0.92 30.92
N PRO G 114 -6.73 0.86 31.41
CA PRO G 114 -7.03 0.99 32.84
C PRO G 114 -6.29 -0.04 33.70
N PRO G 115 -6.07 0.27 34.98
CA PRO G 115 -5.41 -0.71 35.85
C PRO G 115 -6.33 -1.88 36.09
N LYS G 116 -5.78 -3.09 36.09
CA LYS G 116 -6.53 -4.29 36.40
C LYS G 116 -6.21 -4.73 37.84
N GLY G 117 -6.77 -5.86 38.26
CA GLY G 117 -6.40 -6.46 39.53
C GLY G 117 -6.65 -5.64 40.78
N SER G 118 -5.74 -5.75 41.73
CA SER G 118 -5.91 -5.14 43.04
C SER G 118 -5.90 -3.61 42.99
N LEU G 119 -5.04 -3.03 42.14
CA LEU G 119 -4.94 -1.58 42.02
C LEU G 119 -6.23 -0.93 41.50
N GLY G 120 -6.80 -1.52 40.45
CA GLY G 120 -8.08 -1.09 39.91
C GLY G 120 -9.14 -1.11 41.00
N SER G 121 -9.11 -2.17 41.79
CA SER G 121 -9.98 -2.33 42.95
C SER G 121 -9.77 -1.23 43.97
N ALA G 122 -8.53 -1.02 44.36
CA ALA G 122 -8.21 0.00 45.34
C ALA G 122 -8.67 1.35 44.84
N ILE G 123 -8.53 1.59 43.54
CA ILE G 123 -8.95 2.87 42.97
C ILE G 123 -10.47 3.04 43.07
N ASP G 124 -11.22 2.00 42.74
CA ASP G 124 -12.67 2.06 42.90
C ASP G 124 -13.09 2.35 44.35
N ALA G 125 -12.39 1.71 45.30
CA ALA G 125 -12.65 1.89 46.73
C ALA G 125 -12.37 3.30 47.29
N HIS G 126 -11.28 3.92 46.82
CA HIS G 126 -10.85 5.23 47.35
C HIS G 126 -11.41 6.41 46.58
N PHE G 127 -11.62 6.24 45.28
CA PHE G 127 -12.00 7.36 44.42
C PHE G 127 -13.31 7.13 43.66
N GLY G 128 -13.99 6.03 43.96
CA GLY G 128 -15.28 5.75 43.33
C GLY G 128 -15.13 5.07 42.00
N SER G 129 -14.27 5.61 41.15
CA SER G 129 -14.02 5.03 39.83
C SER G 129 -12.69 5.55 39.28
N LEU G 130 -12.19 4.91 38.23
CA LEU G 130 -10.98 5.40 37.60
C LEU G 130 -11.16 6.85 37.14
N GLU G 131 -12.35 7.17 36.65
CA GLU G 131 -12.60 8.52 36.16
C GLU G 131 -12.64 9.49 37.33
N GLY G 132 -13.10 9.03 38.50
CA GLY G 132 -13.04 9.81 39.72
C GLY G 132 -11.60 10.17 40.01
N LEU G 133 -10.72 9.19 39.95
CA LEU G 133 -9.30 9.46 40.16
C LEU G 133 -8.78 10.42 39.11
N VAL G 134 -9.13 10.19 37.85
CA VAL G 134 -8.68 11.07 36.77
C VAL G 134 -9.10 12.52 36.97
N LYS G 135 -10.36 12.75 37.35
CA LYS G 135 -10.82 14.11 37.68
C LYS G 135 -10.07 14.73 38.86
N LYS G 136 -9.89 13.96 39.92
CA LYS G 136 -9.24 14.45 41.11
C LYS G 136 -7.80 14.88 40.74
N MET G 137 -7.03 13.99 40.12
CA MET G 137 -5.66 14.31 39.75
C MET G 137 -5.56 15.39 38.68
N SER G 138 -6.51 15.43 37.75
CA SER G 138 -6.54 16.50 36.75
C SER G 138 -6.79 17.85 37.44
N ALA G 139 -7.70 17.88 38.39
CA ALA G 139 -8.03 19.10 39.10
C ALA G 139 -6.80 19.59 39.87
N GLU G 140 -6.22 18.68 40.64
CA GLU G 140 -5.02 18.98 41.43
C GLU G 140 -3.86 19.42 40.55
N GLY G 141 -3.67 18.77 39.41
CA GLY G 141 -2.59 19.17 38.52
C GLY G 141 -2.79 20.57 38.00
N ALA G 142 -4.04 20.89 37.65
CA ALA G 142 -4.40 22.16 37.06
C ALA G 142 -4.20 23.34 38.02
N ALA G 143 -4.35 23.06 39.32
CA ALA G 143 -4.25 24.04 40.42
C ALA G 143 -2.84 24.17 40.99
N VAL G 144 -1.89 23.36 40.54
CA VAL G 144 -0.52 23.50 41.04
C VAL G 144 -0.01 24.90 40.68
N GLN G 145 0.44 25.63 41.69
CA GLN G 145 0.95 26.99 41.47
C GLN G 145 2.42 26.92 41.11
N GLY G 146 2.76 27.40 39.92
CA GLY G 146 4.14 27.29 39.47
C GLY G 146 4.42 25.87 39.04
N SER G 147 5.60 25.39 39.40
CA SER G 147 6.13 24.10 38.95
C SER G 147 5.89 22.97 39.94
N GLY G 148 5.53 21.80 39.41
CA GLY G 148 5.37 20.66 40.29
C GLY G 148 4.87 19.39 39.62
N TRP G 149 4.38 18.50 40.48
CA TRP G 149 3.96 17.15 40.13
C TRP G 149 2.63 16.81 40.78
N VAL G 150 1.78 16.04 40.11
CA VAL G 150 0.69 15.40 40.84
C VAL G 150 0.92 13.89 40.88
N TRP G 151 0.65 13.33 42.03
CA TRP G 151 0.94 11.94 42.31
C TRP G 151 -0.27 11.15 42.74
N LEU G 152 -0.33 9.91 42.29
CA LEU G 152 -1.08 8.88 42.99
C LEU G 152 -0.07 8.13 43.85
N GLY G 153 -0.32 8.07 45.15
CA GLY G 153 0.63 7.39 45.99
C GLY G 153 0.03 6.29 46.82
N LEU G 154 0.89 5.36 47.23
CA LEU G 154 0.48 4.34 48.18
C LEU G 154 1.12 4.64 49.52
N ASP G 155 0.27 4.82 50.52
CA ASP G 155 0.74 4.94 51.89
C ASP G 155 0.94 3.54 52.45
N LYS G 156 2.20 3.11 52.58
CA LYS G 156 2.49 1.78 53.11
C LYS G 156 2.08 1.64 54.57
N GLU G 157 2.10 2.74 55.30
CA GLU G 157 1.77 2.72 56.73
C GLU G 157 0.30 2.42 56.93
N LEU G 158 -0.57 3.25 56.37
CA LEU G 158 -2.01 3.09 56.53
C LEU G 158 -2.63 2.17 55.48
N LYS G 159 -1.81 1.73 54.52
CA LYS G 159 -2.26 0.91 53.39
C LYS G 159 -3.40 1.61 52.61
N LYS G 160 -3.16 2.84 52.21
CA LYS G 160 -4.17 3.65 51.53
C LYS G 160 -3.63 4.26 50.25
N LEU G 161 -4.51 4.55 49.30
CA LEU G 161 -4.09 5.29 48.12
C LEU G 161 -4.27 6.78 48.42
N VAL G 162 -3.35 7.61 47.94
CA VAL G 162 -3.49 9.06 48.12
C VAL G 162 -3.22 9.80 46.83
N VAL G 163 -3.81 10.99 46.72
CA VAL G 163 -3.45 11.93 45.67
C VAL G 163 -2.81 13.12 46.37
N ASP G 164 -1.64 13.54 45.88
CA ASP G 164 -0.96 14.65 46.49
C ASP G 164 -0.10 15.34 45.45
N THR G 165 0.29 16.56 45.75
CA THR G 165 1.15 17.29 44.84
C THR G 165 2.45 17.58 45.57
N THR G 166 3.51 17.77 44.79
CA THR G 166 4.75 18.29 45.35
C THR G 166 5.21 19.50 44.52
N ALA G 167 6.00 20.39 45.13
CA ALA G 167 6.50 21.55 44.39
C ALA G 167 7.84 21.22 43.71
N ASN G 168 8.07 21.84 42.56
CA ASN G 168 9.37 21.80 41.89
C ASN G 168 9.81 20.37 41.66
N GLN G 169 10.97 19.95 42.19
CA GLN G 169 11.33 18.53 42.02
C GLN G 169 11.28 17.73 43.32
N ASP G 170 10.57 18.25 44.32
CA ASP G 170 10.40 17.48 45.56
C ASP G 170 9.67 16.19 45.22
N PRO G 171 10.22 15.06 45.64
CA PRO G 171 9.58 13.76 45.40
C PRO G 171 8.48 13.47 46.43
N LEU G 172 7.56 12.57 46.09
CA LEU G 172 6.44 12.28 46.99
C LEU G 172 6.90 11.86 48.39
N VAL G 173 8.05 11.21 48.48
CA VAL G 173 8.52 10.71 49.77
C VAL G 173 8.82 11.83 50.76
N THR G 174 8.92 13.07 50.27
CA THR G 174 9.16 14.20 51.18
C THR G 174 7.86 14.58 51.86
N LYS G 175 6.73 14.06 51.37
CA LYS G 175 5.42 14.32 51.97
C LYS G 175 5.08 13.27 53.01
N GLY G 176 5.95 12.28 53.16
CA GLY G 176 5.74 11.21 54.12
C GLY G 176 6.67 10.06 53.80
N GLY G 177 7.43 9.61 54.79
CA GLY G 177 8.45 8.59 54.57
C GLY G 177 7.91 7.25 54.09
N SER G 178 6.62 7.00 54.33
CA SER G 178 6.01 5.75 53.97
C SER G 178 5.25 5.83 52.64
N LEU G 179 5.37 6.96 51.95
CA LEU G 179 4.67 7.09 50.68
C LEU G 179 5.50 6.46 49.56
N VAL G 180 4.82 5.78 48.63
CA VAL G 180 5.42 5.24 47.42
C VAL G 180 4.70 5.77 46.17
N PRO G 181 5.42 6.44 45.27
CA PRO G 181 4.71 6.95 44.10
C PRO G 181 4.23 5.83 43.17
N LEU G 182 2.95 5.87 42.77
CA LEU G 182 2.44 4.89 41.82
C LEU G 182 2.35 5.49 40.42
N VAL G 183 1.80 6.69 40.34
CA VAL G 183 1.76 7.43 39.08
C VAL G 183 2.13 8.88 39.32
N GLY G 184 3.03 9.41 38.50
CA GLY G 184 3.30 10.82 38.53
C GLY G 184 2.97 11.50 37.22
N ILE G 185 2.40 12.70 37.33
CA ILE G 185 2.20 13.53 36.18
C ILE G 185 2.97 14.84 36.41
N ASP G 186 3.93 15.10 35.54
CA ASP G 186 4.77 16.30 35.54
C ASP G 186 3.95 17.51 35.09
N VAL G 187 3.83 18.53 35.92
CA VAL G 187 3.10 19.71 35.42
C VAL G 187 3.94 20.96 35.40
N TRP G 188 5.25 20.79 35.44
CA TRP G 188 6.14 21.86 35.01
C TRP G 188 5.74 22.25 33.60
N GLU G 189 5.85 23.52 33.28
CA GLU G 189 5.50 23.98 31.95
C GLU G 189 6.31 23.30 30.83
N HIS G 190 7.56 22.92 31.10
CA HIS G 190 8.35 22.23 30.08
C HIS G 190 7.79 20.83 29.74
N ALA G 191 6.87 20.32 30.54
CA ALA G 191 6.26 19.03 30.22
C ALA G 191 5.20 19.15 29.13
N TYR G 192 4.71 20.37 28.84
CA TYR G 192 3.62 20.50 27.87
C TYR G 192 3.68 21.73 26.97
N TYR G 193 4.53 22.67 27.30
CA TYR G 193 4.38 24.00 26.69
C TYR G 193 4.58 24.07 25.16
N LEU G 194 5.50 23.30 24.60
CA LEU G 194 5.72 23.36 23.15
C LEU G 194 4.47 22.95 22.37
N GLN G 195 3.69 22.07 22.97
CA GLN G 195 2.54 21.49 22.30
C GLN G 195 1.21 22.13 22.72
N TYR G 196 1.01 22.26 24.04
CA TYR G 196 -0.26 22.73 24.55
C TYR G 196 -0.20 24.17 25.05
N LYS G 197 1.00 24.76 25.01
CA LYS G 197 1.22 26.13 25.44
C LYS G 197 0.65 26.33 26.86
N ASN G 198 -0.05 27.44 27.05
CA ASN G 198 -0.64 27.79 28.33
C ASN G 198 -1.75 26.86 28.80
N VAL G 199 -2.24 26.00 27.91
CA VAL G 199 -3.44 25.24 28.24
C VAL G 199 -3.10 23.94 28.99
N ARG G 200 -2.63 24.06 30.22
CA ARG G 200 -2.34 22.87 31.03
C ARG G 200 -3.52 21.87 31.14
N PRO G 201 -4.78 22.36 31.25
CA PRO G 201 -5.86 21.37 31.30
C PRO G 201 -5.97 20.45 30.06
N GLU G 202 -5.56 20.91 28.87
CA GLU G 202 -5.65 20.10 27.66
C GLU G 202 -4.54 19.02 27.65
N TYR G 203 -3.36 19.40 28.12
CA TYR G 203 -2.29 18.46 28.41
C TYR G 203 -2.74 17.41 29.44
N LEU G 204 -3.35 17.85 30.53
CA LEU G 204 -3.87 16.91 31.55
C LEU G 204 -5.03 16.08 31.00
N LYS G 205 -5.70 16.58 29.95
CA LYS G 205 -6.76 15.77 29.34
C LYS G 205 -6.15 14.59 28.57
N ASN G 206 -5.12 14.88 27.79
CA ASN G 206 -4.55 13.89 26.89
C ASN G 206 -3.53 12.96 27.52
N VAL G 207 -2.92 13.36 28.63
CA VAL G 207 -1.86 12.54 29.19
C VAL G 207 -2.42 11.16 29.63
N TRP G 208 -3.70 11.10 29.98
CA TRP G 208 -4.32 9.85 30.42
C TRP G 208 -4.37 8.77 29.34
N LYS G 209 -4.18 9.17 28.08
CA LYS G 209 -4.16 8.21 26.98
C LYS G 209 -2.85 7.41 26.93
N VAL G 210 -1.79 7.92 27.54
CA VAL G 210 -0.52 7.20 27.51
C VAL G 210 0.00 6.85 28.90
N ILE G 211 -0.86 6.87 29.93
CA ILE G 211 -0.42 6.45 31.27
C ILE G 211 -0.26 4.94 31.37
N ASN G 212 0.89 4.49 31.88
CA ASN G 212 1.13 3.05 32.00
C ASN G 212 0.65 2.49 33.36
N TRP G 213 -0.64 2.11 33.44
CA TRP G 213 -1.21 1.59 34.67
C TRP G 213 -0.68 0.20 35.04
N LYS G 214 -0.06 -0.48 34.08
CA LYS G 214 0.60 -1.75 34.37
C LYS G 214 1.77 -1.53 35.33
N TYR G 215 2.61 -0.53 35.06
CA TYR G 215 3.70 -0.16 35.97
C TYR G 215 3.14 0.16 37.35
N ALA G 216 2.12 1.02 37.37
CA ALA G 216 1.47 1.43 38.61
C ALA G 216 0.96 0.24 39.41
N SER G 217 0.36 -0.70 38.69
CA SER G 217 -0.14 -1.93 39.28
C SER G 217 0.99 -2.74 39.89
N GLU G 218 2.08 -2.92 39.12
CA GLU G 218 3.20 -3.71 39.64
C GLU G 218 3.79 -3.10 40.90
N VAL G 219 3.97 -1.78 40.88
CA VAL G 219 4.51 -1.10 42.06
C VAL G 219 3.55 -1.29 43.21
N TYR G 220 2.25 -1.14 42.92
CA TYR G 220 1.22 -1.33 43.93
C TYR G 220 1.31 -2.73 44.54
N GLU G 221 1.43 -3.75 43.67
CA GLU G 221 1.49 -5.15 44.11
C GLU G 221 2.70 -5.46 45.01
N LYS G 222 3.86 -4.84 44.77
CA LYS G 222 5.07 -5.14 45.54
C LYS G 222 5.37 -4.10 46.62
N GLU G 223 4.62 -3.00 46.59
CA GLU G 223 4.72 -1.88 47.54
C GLU G 223 6.02 -1.06 47.53
N ASN G 224 6.76 -1.07 46.42
CA ASN G 224 7.91 -0.16 46.25
C ASN G 224 8.17 0.18 44.79
N THR H 24 -4.88 14.48 8.98
CA THR H 24 -5.18 13.48 10.00
C THR H 24 -6.37 13.90 10.85
N PHE H 25 -6.96 12.92 11.53
CA PHE H 25 -8.12 13.14 12.38
C PHE H 25 -7.74 12.97 13.84
N THR H 26 -8.52 13.58 14.73
CA THR H 26 -8.31 13.42 16.17
C THR H 26 -9.59 12.92 16.84
N LEU H 27 -9.45 12.26 17.99
CA LEU H 27 -10.62 11.83 18.76
C LEU H 27 -11.40 13.05 19.25
N PRO H 28 -12.66 13.19 18.85
CA PRO H 28 -13.44 14.33 19.36
C PRO H 28 -13.91 14.14 20.81
N ASP H 29 -14.00 15.23 21.55
CA ASP H 29 -14.60 15.23 22.87
C ASP H 29 -16.08 14.90 22.78
N LEU H 30 -16.60 14.25 23.81
CA LEU H 30 -18.03 14.10 23.99
C LEU H 30 -18.66 15.42 24.42
N PRO H 31 -19.91 15.67 24.03
CA PRO H 31 -20.62 16.87 24.47
C PRO H 31 -21.22 16.76 25.88
N TYR H 32 -20.90 15.69 26.61
CA TYR H 32 -21.44 15.47 27.96
C TYR H 32 -20.40 14.63 28.70
N ASP H 33 -20.50 14.55 30.03
CA ASP H 33 -19.62 13.70 30.81
C ASP H 33 -19.90 12.21 30.53
N TYR H 34 -18.89 11.37 30.75
CA TYR H 34 -19.02 9.94 30.52
C TYR H 34 -20.22 9.34 31.25
N GLY H 35 -20.51 9.88 32.44
CA GLY H 35 -21.55 9.32 33.28
C GLY H 35 -22.91 9.93 33.07
N ALA H 36 -23.02 10.84 32.12
CA ALA H 36 -24.23 11.65 31.95
C ALA H 36 -25.44 10.92 31.32
N LEU H 37 -25.22 9.76 30.69
CA LEU H 37 -26.33 9.07 30.00
C LEU H 37 -26.92 7.92 30.84
N GLU H 38 -26.40 7.78 32.05
CA GLU H 38 -26.95 6.83 33.01
C GLU H 38 -28.36 7.27 33.42
N PRO H 39 -29.22 6.29 33.75
CA PRO H 39 -28.90 4.87 33.87
C PRO H 39 -28.92 4.12 32.55
N ALA H 40 -29.38 4.78 31.48
CA ALA H 40 -29.58 4.13 30.21
C ALA H 40 -28.30 3.48 29.68
N ILE H 41 -27.19 4.23 29.72
CA ILE H 41 -25.88 3.71 29.34
C ILE H 41 -24.87 4.00 30.44
N SER H 42 -24.21 2.97 30.96
CA SER H 42 -23.29 3.14 32.09
C SER H 42 -22.06 3.97 31.69
N GLY H 43 -21.49 4.67 32.67
CA GLY H 43 -20.30 5.46 32.43
C GLY H 43 -19.08 4.62 32.04
N GLU H 44 -19.05 3.39 32.52
CA GLU H 44 -17.94 2.49 32.22
C GLU H 44 -17.91 2.19 30.72
N ILE H 45 -19.07 1.92 30.14
CA ILE H 45 -19.17 1.70 28.68
C ILE H 45 -18.77 2.96 27.90
N MET H 46 -19.36 4.11 28.25
CA MET H 46 -19.06 5.36 27.57
C MET H 46 -17.56 5.64 27.54
N GLN H 47 -16.90 5.41 28.66
CA GLN H 47 -15.46 5.67 28.77
C GLN H 47 -14.64 4.74 27.86
N ILE H 48 -14.89 3.43 27.93
CA ILE H 48 -14.15 2.49 27.08
C ILE H 48 -14.49 2.70 25.59
N HIS H 49 -15.78 2.87 25.32
CA HIS H 49 -16.31 3.04 23.97
C HIS H 49 -15.67 4.24 23.28
N HIS H 50 -15.57 5.34 24.02
CA HIS H 50 -14.92 6.56 23.54
C HIS H 50 -13.41 6.46 23.46
N GLN H 51 -12.76 6.18 24.59
CA GLN H 51 -11.30 6.30 24.70
C GLN H 51 -10.53 5.15 24.07
N LYS H 52 -11.16 3.98 23.96
CA LYS H 52 -10.48 2.82 23.41
C LYS H 52 -10.99 2.46 22.00
N HIS H 53 -12.29 2.20 21.88
CA HIS H 53 -12.81 1.75 20.59
C HIS H 53 -12.75 2.86 19.53
N HIS H 54 -13.33 4.02 19.83
CA HIS H 54 -13.30 5.12 18.86
C HIS H 54 -11.88 5.60 18.62
N GLN H 55 -11.10 5.71 19.69
CA GLN H 55 -9.70 6.15 19.55
C GLN H 55 -8.92 5.29 18.55
N ALA H 56 -9.10 3.97 18.65
CA ALA H 56 -8.43 3.04 17.75
C ALA H 56 -8.85 3.23 16.27
N TYR H 57 -10.15 3.43 16.03
CA TYR H 57 -10.61 3.69 14.66
C TYR H 57 -9.90 4.93 14.09
N VAL H 58 -9.84 5.98 14.89
CA VAL H 58 -9.16 7.22 14.49
C VAL H 58 -7.67 6.97 14.15
N THR H 59 -6.96 6.30 15.05
CA THR H 59 -5.54 6.07 14.86
C THR H 59 -5.31 5.15 13.67
N ASN H 60 -6.12 4.11 13.54
CA ASN H 60 -5.96 3.19 12.42
C ASN H 60 -6.39 3.79 11.09
N TYR H 61 -7.37 4.70 11.12
CA TYR H 61 -7.77 5.45 9.93
C TYR H 61 -6.67 6.39 9.45
N ASN H 62 -6.05 7.10 10.39
CA ASN H 62 -4.91 7.95 10.09
C ASN H 62 -3.79 7.16 9.41
N ASN H 63 -3.46 6.01 9.96
CA ASN H 63 -2.42 5.13 9.40
C ASN H 63 -2.74 4.59 7.99
N ALA H 64 -3.98 4.16 7.81
CA ALA H 64 -4.43 3.63 6.52
C ALA H 64 -4.42 4.76 5.50
N LEU H 65 -4.78 5.98 5.93
CA LEU H 65 -4.74 7.16 5.05
C LEU H 65 -3.32 7.51 4.61
N GLU H 66 -2.36 7.36 5.51
CA GLU H 66 -0.97 7.62 5.16
C GLU H 66 -0.50 6.62 4.10
N GLN H 67 -0.85 5.35 4.27
CA GLN H 67 -0.51 4.34 3.29
C GLN H 67 -1.23 4.58 1.97
N LEU H 68 -2.50 4.97 2.04
CA LEU H 68 -3.28 5.22 0.83
C LEU H 68 -2.63 6.35 0.03
N ASP H 69 -2.28 7.42 0.74
CA ASP H 69 -1.63 8.58 0.12
C ASP H 69 -0.36 8.19 -0.67
N GLN H 70 0.47 7.35 -0.06
CA GLN H 70 1.64 6.83 -0.73
C GLN H 70 1.23 6.07 -1.98
N ALA H 71 0.35 5.08 -1.80
CA ALA H 71 -0.07 4.18 -2.88
C ALA H 71 -0.73 4.94 -4.02
N VAL H 72 -1.56 5.93 -3.67
CA VAL H 72 -2.24 6.74 -4.66
C VAL H 72 -1.23 7.59 -5.45
N ASN H 73 -0.27 8.17 -4.74
CA ASN H 73 0.75 9.00 -5.39
C ASN H 73 1.68 8.17 -6.27
N LYS H 74 2.02 6.97 -5.80
CA LYS H 74 2.94 6.09 -6.50
C LYS H 74 2.31 5.37 -7.69
N GLY H 75 0.98 5.44 -7.82
CA GLY H 75 0.27 4.70 -8.87
C GLY H 75 0.21 3.20 -8.65
N ASP H 76 0.20 2.80 -7.38
CA ASP H 76 0.11 1.39 -7.00
C ASP H 76 -1.36 1.00 -6.81
N ALA H 77 -2.00 0.57 -7.91
CA ALA H 77 -3.43 0.27 -7.90
C ALA H 77 -3.78 -0.87 -6.96
N SER H 78 -2.97 -1.92 -6.98
CA SER H 78 -3.17 -3.08 -6.15
C SER H 78 -3.21 -2.74 -4.66
N THR H 79 -2.30 -1.88 -4.22
CA THR H 79 -2.26 -1.53 -2.79
C THR H 79 -3.43 -0.59 -2.43
N VAL H 80 -3.78 0.30 -3.36
CA VAL H 80 -4.97 1.15 -3.18
C VAL H 80 -6.20 0.28 -2.93
N VAL H 81 -6.36 -0.80 -3.70
CA VAL H 81 -7.57 -1.60 -3.50
C VAL H 81 -7.45 -2.43 -2.22
N LYS H 82 -6.25 -2.93 -1.96
CA LYS H 82 -6.00 -3.70 -0.76
C LYS H 82 -6.32 -2.87 0.50
N LEU H 83 -6.04 -1.58 0.43
CA LEU H 83 -6.26 -0.69 1.56
C LEU H 83 -7.74 -0.37 1.82
N GLN H 84 -8.63 -0.73 0.90
CA GLN H 84 -10.04 -0.34 1.03
C GLN H 84 -10.73 -0.99 2.22
N SER H 85 -10.34 -2.20 2.60
CA SER H 85 -10.93 -2.82 3.78
C SER H 85 -10.68 -1.99 5.05
N ALA H 86 -9.41 -1.62 5.24
CA ALA H 86 -8.96 -0.84 6.40
C ALA H 86 -9.51 0.57 6.41
N ILE H 87 -9.62 1.15 5.22
CA ILE H 87 -10.15 2.50 5.06
C ILE H 87 -11.62 2.57 5.42
N LYS H 88 -12.41 1.62 4.88
CA LYS H 88 -13.83 1.59 5.14
C LYS H 88 -14.13 1.30 6.64
N PHE H 89 -13.40 0.37 7.22
CA PHE H 89 -13.65 -0.07 8.58
C PHE H 89 -13.29 1.03 9.58
N ASN H 90 -12.12 1.62 9.44
CA ASN H 90 -11.69 2.60 10.45
C ASN H 90 -12.23 4.01 10.16
N GLY H 91 -12.26 4.37 8.87
CA GLY H 91 -12.90 5.60 8.46
C GLY H 91 -14.39 5.53 8.79
N GLY H 92 -15.02 4.39 8.50
CA GLY H 92 -16.43 4.19 8.82
C GLY H 92 -16.62 4.25 10.34
N GLY H 93 -15.71 3.60 11.06
CA GLY H 93 -15.75 3.61 12.52
C GLY H 93 -15.71 5.01 13.09
N HIS H 94 -14.86 5.85 12.51
CA HIS H 94 -14.71 7.23 12.93
C HIS H 94 -15.97 8.03 12.65
N VAL H 95 -16.49 7.88 11.43
CA VAL H 95 -17.72 8.56 11.03
C VAL H 95 -18.87 8.19 11.94
N ASN H 96 -19.08 6.89 12.11
CA ASN H 96 -20.28 6.43 12.78
C ASN H 96 -20.31 6.82 14.25
N HIS H 97 -19.17 6.70 14.93
CA HIS H 97 -19.12 7.02 16.35
C HIS H 97 -19.15 8.54 16.60
N SER H 98 -18.56 9.32 15.71
CA SER H 98 -18.63 10.79 15.81
C SER H 98 -20.06 11.26 15.76
N ILE H 99 -20.85 10.62 14.89
CA ILE H 99 -22.29 10.84 14.79
C ILE H 99 -23.01 10.35 16.04
N PHE H 100 -22.72 9.11 16.42
CA PHE H 100 -23.32 8.47 17.59
C PHE H 100 -23.26 9.33 18.84
N TRP H 101 -22.08 9.84 19.16
CA TRP H 101 -21.92 10.68 20.36
C TRP H 101 -22.83 11.91 20.32
N LYS H 102 -23.01 12.48 19.13
CA LYS H 102 -23.84 13.66 18.94
C LYS H 102 -25.34 13.38 18.91
N ASN H 103 -25.77 12.17 18.53
CA ASN H 103 -27.21 11.91 18.59
C ASN H 103 -27.58 11.25 19.94
N LEU H 104 -26.71 11.43 20.93
CA LEU H 104 -27.08 11.11 22.31
C LEU H 104 -27.07 12.39 23.16
N ALA H 105 -27.89 12.42 24.21
CA ALA H 105 -27.89 13.51 25.16
C ALA H 105 -28.49 13.10 26.52
N PRO H 106 -27.98 13.64 27.62
CA PRO H 106 -28.57 13.37 28.94
C PRO H 106 -30.07 13.69 28.99
N SER H 107 -30.83 12.87 29.72
CA SER H 107 -32.29 13.06 29.84
C SER H 107 -32.65 14.45 30.33
N SER H 108 -31.78 15.03 31.14
CA SER H 108 -31.98 16.34 31.73
C SER H 108 -31.60 17.48 30.78
N GLU H 109 -30.98 17.13 29.66
CA GLU H 109 -30.57 18.13 28.68
C GLU H 109 -31.23 17.94 27.32
N GLY H 110 -32.38 17.29 27.29
CA GLY H 110 -33.12 17.12 26.07
C GLY H 110 -33.09 15.71 25.53
N GLY H 111 -32.23 14.86 26.09
CA GLY H 111 -32.21 13.46 25.69
C GLY H 111 -33.56 12.81 25.91
N GLY H 112 -34.07 12.11 24.89
CA GLY H 112 -35.37 11.46 25.02
C GLY H 112 -36.57 12.37 24.75
N GLU H 113 -36.33 13.67 24.57
CA GLU H 113 -37.40 14.58 24.19
C GLU H 113 -37.67 14.37 22.71
N PRO H 114 -38.94 14.14 22.35
CA PRO H 114 -39.32 13.81 20.97
C PRO H 114 -38.96 14.93 19.99
N PRO H 115 -38.73 14.56 18.72
CA PRO H 115 -38.39 15.61 17.76
C PRO H 115 -39.56 16.54 17.50
N LYS H 116 -39.29 17.84 17.43
CA LYS H 116 -40.35 18.77 17.12
C LYS H 116 -40.24 19.17 15.65
N GLY H 117 -41.15 20.02 15.19
CA GLY H 117 -41.09 20.55 13.85
C GLY H 117 -41.25 19.54 12.71
N SER H 118 -40.51 19.78 11.64
CA SER H 118 -40.67 19.02 10.40
C SER H 118 -40.26 17.54 10.54
N LEU H 119 -39.17 17.30 11.26
CA LEU H 119 -38.71 15.93 11.46
C LEU H 119 -39.74 15.14 12.24
N GLY H 120 -40.29 15.77 13.29
CA GLY H 120 -41.35 15.17 14.06
C GLY H 120 -42.50 14.81 13.14
N SER H 121 -42.86 15.76 12.27
CA SER H 121 -43.88 15.53 11.26
C SER H 121 -43.51 14.45 10.24
N ALA H 122 -42.34 14.56 9.65
CA ALA H 122 -41.89 13.57 8.64
C ALA H 122 -41.88 12.15 9.22
N ILE H 123 -41.51 12.03 10.50
CA ILE H 123 -41.49 10.75 11.17
C ILE H 123 -42.91 10.20 11.30
N ASP H 124 -43.84 11.07 11.68
CA ASP H 124 -45.25 10.67 11.73
C ASP H 124 -45.75 10.25 10.35
N ALA H 125 -45.37 10.99 9.31
CA ALA H 125 -45.79 10.69 7.94
C ALA H 125 -45.23 9.35 7.42
N HIS H 126 -43.99 9.03 7.77
CA HIS H 126 -43.35 7.82 7.24
C HIS H 126 -43.56 6.59 8.10
N PHE H 127 -43.72 6.76 9.40
CA PHE H 127 -43.78 5.61 10.31
C PHE H 127 -45.02 5.57 11.20
N GLY H 128 -45.95 6.50 10.99
CA GLY H 128 -47.18 6.54 11.77
C GLY H 128 -47.03 7.33 13.05
N SER H 129 -45.98 7.03 13.81
CA SER H 129 -45.68 7.75 15.05
C SER H 129 -44.23 7.53 15.46
N LEU H 130 -43.76 8.32 16.42
CA LEU H 130 -42.43 8.15 16.99
C LEU H 130 -42.28 6.73 17.57
N GLU H 131 -43.35 6.18 18.13
CA GLU H 131 -43.35 4.80 18.64
C GLU H 131 -43.28 3.77 17.51
N GLY H 132 -43.88 4.07 16.36
CA GLY H 132 -43.75 3.24 15.18
C GLY H 132 -42.30 3.12 14.74
N LEU H 133 -41.63 4.27 14.69
CA LEU H 133 -40.23 4.34 14.33
C LEU H 133 -39.35 3.64 15.38
N VAL H 134 -39.64 3.92 16.64
CA VAL H 134 -38.86 3.31 17.73
C VAL H 134 -38.99 1.80 17.65
N LYS H 135 -40.21 1.29 17.42
CA LYS H 135 -40.41 -0.14 17.27
C LYS H 135 -39.65 -0.70 16.08
N LYS H 136 -39.73 0.00 14.96
CA LYS H 136 -39.07 -0.49 13.75
C LYS H 136 -37.57 -0.57 13.99
N MET H 137 -36.99 0.52 14.46
CA MET H 137 -35.55 0.55 14.69
C MET H 137 -35.13 -0.44 15.78
N SER H 138 -35.97 -0.61 16.82
CA SER H 138 -35.67 -1.60 17.86
C SER H 138 -35.67 -3.03 17.29
N ALA H 139 -36.63 -3.32 16.44
CA ALA H 139 -36.72 -4.65 15.84
C ALA H 139 -35.49 -4.92 14.99
N GLU H 140 -35.14 -3.96 14.13
CA GLU H 140 -33.99 -4.06 13.23
C GLU H 140 -32.69 -4.22 14.01
N GLY H 141 -32.54 -3.42 15.07
CA GLY H 141 -31.36 -3.53 15.90
C GLY H 141 -31.22 -4.89 16.56
N ALA H 142 -32.33 -5.45 17.06
CA ALA H 142 -32.27 -6.75 17.73
C ALA H 142 -31.88 -7.88 16.77
N ALA H 143 -32.26 -7.72 15.51
CA ALA H 143 -32.07 -8.74 14.48
C ALA H 143 -30.72 -8.66 13.75
N VAL H 144 -29.93 -7.63 14.02
CA VAL H 144 -28.63 -7.53 13.37
C VAL H 144 -27.79 -8.74 13.74
N GLN H 145 -27.31 -9.42 12.72
CA GLN H 145 -26.45 -10.59 12.94
C GLN H 145 -25.01 -10.17 13.09
N GLY H 146 -24.42 -10.45 14.24
CA GLY H 146 -23.07 -10.00 14.50
C GLY H 146 -23.04 -8.55 14.85
N SER H 147 -22.02 -7.86 14.33
CA SER H 147 -21.76 -6.47 14.66
C SER H 147 -22.40 -5.53 13.64
N GLY H 148 -22.95 -4.41 14.10
CA GLY H 148 -23.50 -3.44 13.18
C GLY H 148 -24.19 -2.24 13.79
N TRP H 149 -24.98 -1.55 12.97
CA TRP H 149 -25.63 -0.29 13.33
C TRP H 149 -27.05 -0.30 12.82
N VAL H 150 -27.95 0.33 13.56
CA VAL H 150 -29.25 0.65 12.98
C VAL H 150 -29.39 2.17 12.85
N TRP H 151 -29.97 2.58 11.71
CA TRP H 151 -29.99 3.99 11.35
C TRP H 151 -31.36 4.53 11.06
N LEU H 152 -31.59 5.77 11.49
CA LEU H 152 -32.59 6.62 10.86
C LEU H 152 -31.89 7.51 9.86
N GLY H 153 -32.34 7.48 8.61
CA GLY H 153 -31.72 8.29 7.57
C GLY H 153 -32.67 9.16 6.74
N LEU H 154 -32.11 10.20 6.14
CA LEU H 154 -32.83 11.00 5.17
C LEU H 154 -32.29 10.72 3.77
N ASP H 155 -33.17 10.29 2.88
CA ASP H 155 -32.85 10.12 1.47
C ASP H 155 -33.02 11.47 0.78
N LYS H 156 -31.91 12.17 0.50
CA LYS H 156 -31.99 13.49 -0.11
C LYS H 156 -32.58 13.45 -1.53
N GLU H 157 -32.39 12.34 -2.22
CA GLU H 157 -32.91 12.19 -3.58
C GLU H 157 -34.41 12.06 -3.60
N LEU H 158 -34.91 11.03 -2.93
CA LEU H 158 -36.33 10.70 -2.94
C LEU H 158 -37.10 11.51 -1.91
N LYS H 159 -36.39 12.32 -1.15
CA LYS H 159 -36.97 13.11 -0.06
C LYS H 159 -37.74 12.31 0.99
N LYS H 160 -37.14 11.23 1.47
CA LYS H 160 -37.84 10.33 2.38
C LYS H 160 -36.96 9.98 3.57
N LEU H 161 -37.61 9.59 4.66
CA LEU H 161 -36.91 9.06 5.82
C LEU H 161 -36.80 7.56 5.58
N VAL H 162 -35.68 6.97 5.99
CA VAL H 162 -35.53 5.52 5.87
C VAL H 162 -34.95 4.94 7.13
N VAL H 163 -35.26 3.67 7.35
CA VAL H 163 -34.61 2.89 8.39
C VAL H 163 -33.79 1.81 7.73
N ASP H 164 -32.54 1.66 8.15
CA ASP H 164 -31.69 0.61 7.59
C ASP H 164 -30.61 0.26 8.59
N THR H 165 -29.98 -0.88 8.34
CA THR H 165 -28.86 -1.30 9.15
C THR H 165 -27.63 -1.39 8.26
N THR H 166 -26.45 -1.24 8.85
CA THR H 166 -25.20 -1.51 8.16
C THR H 166 -24.40 -2.50 9.00
N ALA H 167 -23.51 -3.27 8.36
CA ALA H 167 -22.69 -4.23 9.09
C ALA H 167 -21.39 -3.60 9.59
N ASN H 168 -20.91 -4.09 10.73
CA ASN H 168 -19.60 -3.73 11.26
C ASN H 168 -19.45 -2.21 11.37
N GLN H 169 -18.49 -1.61 10.66
CA GLN H 169 -18.39 -0.15 10.70
C GLN H 169 -18.77 0.53 9.37
N ASP H 170 -19.48 -0.17 8.50
CA ASP H 170 -19.95 0.46 7.26
C ASP H 170 -20.89 1.60 7.66
N PRO H 171 -20.65 2.80 7.14
CA PRO H 171 -21.53 3.94 7.43
C PRO H 171 -22.78 3.91 6.56
N LEU H 172 -23.83 4.64 6.95
CA LEU H 172 -25.07 4.61 6.18
C LEU H 172 -24.88 4.95 4.67
N VAL H 173 -23.94 5.83 4.34
CA VAL H 173 -23.79 6.22 2.93
C VAL H 173 -23.38 5.06 2.00
N THR H 174 -22.92 3.95 2.58
CA THR H 174 -22.58 2.82 1.73
C THR H 174 -23.82 2.12 1.26
N LYS H 175 -24.96 2.46 1.85
CA LYS H 175 -26.24 1.89 1.43
C LYS H 175 -26.89 2.77 0.36
N GLY H 176 -26.30 3.94 0.10
CA GLY H 176 -26.86 4.87 -0.87
C GLY H 176 -26.23 6.24 -0.74
N GLY H 177 -25.74 6.77 -1.86
CA GLY H 177 -24.99 8.02 -1.88
C GLY H 177 -25.77 9.26 -1.47
N SER H 178 -27.08 9.16 -1.55
CA SER H 178 -27.94 10.28 -1.21
C SER H 178 -28.50 10.20 0.21
N LEU H 179 -28.05 9.21 0.99
CA LEU H 179 -28.52 9.05 2.37
C LEU H 179 -27.71 9.88 3.37
N VAL H 180 -28.40 10.51 4.33
CA VAL H 180 -27.74 11.21 5.42
C VAL H 180 -28.23 10.65 6.76
N PRO H 181 -27.31 10.15 7.62
CA PRO H 181 -27.75 9.59 8.91
C PRO H 181 -28.27 10.69 9.86
N LEU H 182 -29.44 10.45 10.46
CA LEU H 182 -30.04 11.36 11.44
C LEU H 182 -29.83 10.82 12.86
N VAL H 183 -30.07 9.53 13.02
CA VAL H 183 -29.82 8.82 14.26
C VAL H 183 -29.14 7.48 13.98
N GLY H 184 -28.04 7.21 14.68
CA GLY H 184 -27.45 5.89 14.68
C GLY H 184 -27.51 5.26 16.07
N ILE H 185 -27.81 3.97 16.11
CA ILE H 185 -27.68 3.19 17.34
C ILE H 185 -26.71 2.02 17.15
N ASP H 186 -25.60 2.07 17.89
CA ASP H 186 -24.53 1.07 17.84
C ASP H 186 -25.02 -0.25 18.46
N VAL H 187 -25.07 -1.34 17.68
CA VAL H 187 -25.44 -2.63 18.30
C VAL H 187 -24.31 -3.65 18.28
N TRP H 188 -23.09 -3.17 18.12
CA TRP H 188 -21.92 -3.96 18.48
C TRP H 188 -22.08 -4.35 19.93
N GLU H 189 -21.62 -5.55 20.30
CA GLU H 189 -21.70 -5.97 21.71
C GLU H 189 -20.93 -5.03 22.64
N HIS H 190 -19.84 -4.42 22.19
CA HIS H 190 -19.10 -3.52 23.09
C HIS H 190 -19.94 -2.29 23.48
N ALA H 191 -21.05 -2.06 22.79
CA ALA H 191 -21.93 -0.93 23.10
C ALA H 191 -22.84 -1.15 24.31
N TYR H 192 -23.00 -2.39 24.73
CA TYR H 192 -23.96 -2.67 25.79
C TYR H 192 -23.54 -3.78 26.72
N TYR H 193 -22.54 -4.58 26.32
CA TYR H 193 -22.30 -5.86 26.99
C TYR H 193 -21.91 -5.74 28.47
N LEU H 194 -21.08 -4.78 28.82
CA LEU H 194 -20.68 -4.63 30.22
C LEU H 194 -21.91 -4.37 31.10
N GLN H 195 -22.94 -3.78 30.53
CA GLN H 195 -24.09 -3.38 31.32
C GLN H 195 -25.23 -4.39 31.17
N TYR H 196 -25.55 -4.72 29.93
CA TYR H 196 -26.72 -5.56 29.67
C TYR H 196 -26.34 -6.97 29.29
N LYS H 197 -25.05 -7.29 29.22
CA LYS H 197 -24.63 -8.64 28.80
C LYS H 197 -25.30 -9.05 27.49
N ASN H 198 -25.85 -10.25 27.47
CA ASN H 198 -26.50 -10.77 26.27
C ASN H 198 -27.81 -10.08 25.87
N VAL H 199 -28.42 -9.33 26.78
CA VAL H 199 -29.77 -8.86 26.51
C VAL H 199 -29.77 -7.58 25.68
N ARG H 200 -29.43 -7.69 24.39
CA ARG H 200 -29.48 -6.56 23.49
C ARG H 200 -30.87 -5.85 23.44
N PRO H 201 -31.99 -6.60 23.52
CA PRO H 201 -33.28 -5.89 23.51
C PRO H 201 -33.49 -4.93 24.70
N GLU H 202 -32.88 -5.20 25.85
CA GLU H 202 -33.04 -4.29 26.99
C GLU H 202 -32.24 -3.01 26.74
N TYR H 203 -31.03 -3.17 26.19
CA TYR H 203 -30.23 -2.03 25.74
C TYR H 203 -31.00 -1.18 24.75
N LEU H 204 -31.58 -1.84 23.75
CA LEU H 204 -32.36 -1.14 22.73
C LEU H 204 -33.64 -0.52 23.31
N LYS H 205 -34.15 -1.10 24.38
CA LYS H 205 -35.33 -0.55 25.02
C LYS H 205 -34.98 0.79 25.64
N ASN H 206 -33.84 0.83 26.33
CA ASN H 206 -33.48 1.98 27.15
C ASN H 206 -32.78 3.13 26.43
N VAL H 207 -32.12 2.82 25.32
CA VAL H 207 -31.30 3.80 24.63
C VAL H 207 -32.13 4.97 24.16
N TRP H 208 -33.41 4.75 23.95
CA TRP H 208 -34.30 5.81 23.51
C TRP H 208 -34.44 6.94 24.54
N LYS H 209 -34.08 6.67 25.80
CA LYS H 209 -34.15 7.67 26.85
C LYS H 209 -33.13 8.78 26.69
N VAL H 210 -32.04 8.49 25.97
CA VAL H 210 -30.97 9.47 25.79
C VAL H 210 -30.65 9.75 24.30
N ILE H 211 -31.60 9.46 23.42
CA ILE H 211 -31.48 9.83 22.00
C ILE H 211 -31.67 11.33 21.85
N ASN H 212 -30.73 12.01 21.19
CA ASN H 212 -30.81 13.45 21.01
C ASN H 212 -31.58 13.80 19.74
N TRP H 213 -32.90 13.92 19.85
CA TRP H 213 -33.70 14.21 18.66
C TRP H 213 -33.50 15.63 18.16
N LYS H 214 -32.93 16.49 19.01
CA LYS H 214 -32.57 17.83 18.59
C LYS H 214 -31.47 17.76 17.54
N TYR H 215 -30.48 16.91 17.80
CA TYR H 215 -29.43 16.69 16.81
C TYR H 215 -30.04 16.20 15.51
N ALA H 216 -30.88 15.18 15.61
CA ALA H 216 -31.54 14.60 14.43
C ALA H 216 -32.31 15.66 13.64
N SER H 217 -32.97 16.56 14.37
CA SER H 217 -33.75 17.64 13.75
C SER H 217 -32.87 18.59 12.93
N GLU H 218 -31.75 19.02 13.51
CA GLU H 218 -30.82 19.91 12.83
C GLU H 218 -30.21 19.29 11.58
N VAL H 219 -29.82 18.02 11.66
CA VAL H 219 -29.27 17.34 10.51
C VAL H 219 -30.35 17.28 9.44
N TYR H 220 -31.56 16.91 9.85
CA TYR H 220 -32.68 16.86 8.94
C TYR H 220 -32.95 18.22 8.27
N GLU H 221 -32.93 19.28 9.08
CA GLU H 221 -33.20 20.62 8.56
C GLU H 221 -32.12 21.07 7.56
N LYS H 222 -30.88 20.66 7.79
CA LYS H 222 -29.77 21.09 6.94
C LYS H 222 -29.33 20.07 5.90
N GLU H 223 -29.75 18.81 6.08
CA GLU H 223 -29.30 17.69 5.24
C GLU H 223 -27.80 17.44 5.33
N ASN H 224 -27.20 17.78 6.48
CA ASN H 224 -25.79 17.46 6.72
C ASN H 224 -25.45 17.21 8.22
N ASN H 225 -24.46 16.36 8.47
CA ASN H 225 -24.06 16.04 9.84
C ASN H 225 -23.12 17.09 10.43
#